data_6QH7
#
_entry.id   6QH7
#
_cell.length_a   182.177
_cell.length_b   182.177
_cell.length_c   211.602
_cell.angle_alpha   90.00
_cell.angle_beta   90.00
_cell.angle_gamma   90.00
#
_symmetry.space_group_name_H-M   'P 41 21 2'
#
loop_
_entity.id
_entity.type
_entity.pdbx_description
1 polymer 'AP-2 complex subunit alpha'
2 polymer 'AP-2 complex subunit beta'
3 polymer 'ADAPTOR-RELATED PROTEIN COMPLEX 2, MU 2 SUBUNIT, C-TERMINAL DOMAIN'
4 polymer 'TGN38 CARGO PEPTIDE'
5 polymer 'CD4 CARGO PEPTIDE'
6 polymer 'AP-2 complex subunit sigma'
#
loop_
_entity_poly.entity_id
_entity_poly.type
_entity_poly.pdbx_seq_one_letter_code
_entity_poly.pdbx_strand_id
1 'polypeptide(L)'
;MPAVSKGDGMRGLAVFISDIRNCKSKEAEIKRINKELANIRSKFKGDKALDGYSKKKYVCKLLFIFLLGHDIDFGHMEAV
NLLSSNRYTEKQIGYLFISVLVNSNSELIRLINNAIKNDLASRNPTFMGLALHCIANVGSREMAEAFAGEIPKILVAGDT
MDSVKQSAALCLLRLYRTSPDLVPMGDWTSRVVHLLNDQHLGVVTAATSLITTLAQKNPEEFKTSVSLAVSRLSRIVTSA
STDLQDYTYYFVPAPWLSVKLLRLLQCYPPPEDPAVRGRLTECLETILNKAQEPPKSKKVQHSNAKNAVLFEAISLIIHH
DSEPNLLVRACNQLGQFLQHRETNLRYLALESMCTLASSEFSHEAVKTHIETVINALKTERDVSVRQRAVDLLYAMCDRS
NAQQIVAEMLSYLETADYSIREEIVLKVAILAEKYAVDYTWYVDTILNLIRIAGDYVSEEVWYRVIQIVINRDDVQGYAA
KTVFEALQAPACHENLVKVGGYILGEFGNLIAGDPRSSPLIQFNLLHSKFHLCSVPTRALLLSTYIKFVNLFPEVKATIQ
DVLRSDSQLKNADVELQQRAVEYLRLSTVASTDILATVLEEMPPFPERESSILAKLKKKKG
;
A
2 'polypeptide(L)'
;MTDSKYFTTNKKGEIFELKAELNNEKKEKRKEAVKKVIAAMTVGKDVSSLFPDVVNCMQTDNLELKKLVYLYLMNYAKSQ
PDMAIMAVNSFVKDCEDPNPLIRALAVRTMGCIRVDKITEYLCEPLRKCLKDEDPYVRKTAAVCVAKLHDINAQMVEDQG
FLDSLRDLIADSNPMVVANAVAALSEISESHPNSNLLDLNPQNINKLLTALNECTEWGQIFILDCLSNYNPKDDREAQSI
CERVTPRLSHANSAVVLSAVKVLMKFLELLPKDSDYYNMLLKKLAPPLVTLLSGEPEVQYVALRNINLIVQKRPEILKQE
IKVFFVKYNDPIYVKLEKLDIMIRLASQANIAQVLAELKEYATEVDVDFVRKAVRAIGRCAIKVEQSAERCVSTLLDLIQ
TKVNYVVQEAIVVIRDIFRKYPNKYESIIATLCENLDSLDEPDARAAMIWIVGEYAERIDNADELLESFLEGFHDESTQV
QLTLLTAIVKLFLKKPSETQELVQQVLSLATQDSDNPDLRDRGYIYWRLLSTDPVTAKEVVLSEKPLISEETDLIEPTLL
DELICHIGSLASVYHKPPNAFVEGSHGIHRKH
;
B
3 'polypeptide(L)'
;MIGGLFIYNHKGEVLISRVYRDDIGRNAVDAFRVNVIHARQQVRSPVTNIARTSFFHVKRSNIWLAAVTKQNVNAAMVFE
FLYKMCDVMAAYFGKISEENIKNNFVLIYELLDEILDFGYPQNSETGALKTFITQQGIKSQHQTKEEQSQITSQVTGQIG
WRREGIKYRRNELFLDVLESVNLLMSPQGQVLSAHVSGRVVMKSYLSGMPECKFGMNDKIVIEKQGKGTADETSKSMEQK
LISEEDLGKQSIAIDDCTFHQCVRLSKFDSERSISFIPPDGEFELMRYRTTKDIILPFRVIPLVREVGRTKLEVKVVIKS
NFKPSLLAQKIEVRIPTPLNTSGVQVICMKGKAKYKASENAIVWKIKRMAGMKESQISAEIELLPTNDKKKWARPPISMN
FEVPFAPSGLKVRYLKVFEPKLNYSDHDVIKWVRYIGRSGIYETRC
;
M,N
4 'polypeptide(L)' DYQRLN P
5 'polypeptide(L)' RM(SEP)QIKRLLS Q
6 'polypeptide(L)'
;MIRFILIQNRAGKTRLAKWYMQFDDDEKQKLIEEVHAVVTVRDAKHTNFVEFRNFKIIYRRYAGLYFCICVDVNDNNLAY
LEAIHNFVEVLNEYFHNVCELDLVFNFYKVYTVVDEMFLAGEIRETSQTKVLKQLLMLQSLE
;
S
#
# COMPACT_ATOMS: atom_id res chain seq x y z
N ASP A 8 -42.14 -19.51 -23.45
CA ASP A 8 -43.15 -18.49 -23.02
C ASP A 8 -43.48 -17.56 -24.21
N GLY A 9 -42.55 -16.64 -24.48
CA GLY A 9 -42.79 -15.55 -25.43
C GLY A 9 -41.70 -14.49 -25.39
N MET A 10 -42.08 -13.28 -24.97
CA MET A 10 -41.27 -12.05 -25.12
C MET A 10 -40.98 -11.75 -26.59
N ARG A 11 -42.06 -11.38 -27.26
CA ARG A 11 -42.01 -10.85 -28.58
C ARG A 11 -40.83 -9.87 -28.78
N GLY A 12 -39.89 -10.25 -29.64
CA GLY A 12 -38.79 -9.37 -30.07
C GLY A 12 -37.48 -9.53 -29.32
N LEU A 13 -37.57 -10.02 -28.08
CA LEU A 13 -36.39 -10.14 -27.22
C LEU A 13 -35.32 -11.01 -27.89
N ALA A 14 -35.76 -12.17 -28.39
CA ALA A 14 -34.84 -13.13 -28.99
C ALA A 14 -34.03 -12.46 -30.08
N VAL A 15 -34.72 -11.80 -30.99
CA VAL A 15 -34.12 -11.08 -32.11
C VAL A 15 -33.07 -10.05 -31.66
N PHE A 16 -33.41 -9.34 -30.59
CA PHE A 16 -32.55 -8.31 -29.99
C PHE A 16 -31.24 -8.90 -29.41
N ILE A 17 -31.38 -9.99 -28.64
CA ILE A 17 -30.22 -10.60 -28.00
C ILE A 17 -29.35 -11.28 -29.05
N SER A 18 -29.99 -11.80 -30.10
CA SER A 18 -29.27 -12.36 -31.27
C SER A 18 -28.46 -11.30 -31.95
N ASP A 19 -29.01 -10.08 -32.05
CA ASP A 19 -28.32 -8.95 -32.66
C ASP A 19 -27.10 -8.58 -31.86
N ILE A 20 -27.23 -8.55 -30.54
CA ILE A 20 -26.08 -8.23 -29.67
C ILE A 20 -25.00 -9.32 -29.75
N ARG A 21 -25.37 -10.62 -29.71
CA ARG A 21 -24.39 -11.69 -29.93
C ARG A 21 -23.72 -11.46 -31.32
N ASN A 22 -24.53 -11.26 -32.37
CA ASN A 22 -24.04 -10.96 -33.74
C ASN A 22 -23.19 -9.69 -33.89
N CYS A 23 -23.06 -8.87 -32.84
CA CYS A 23 -22.18 -7.69 -32.85
C CYS A 23 -20.71 -8.07 -32.88
N LYS A 24 -19.94 -7.21 -33.56
CA LYS A 24 -18.55 -7.48 -33.93
C LYS A 24 -17.56 -6.60 -33.19
N SER A 25 -18.06 -5.68 -32.35
CA SER A 25 -17.20 -4.75 -31.62
C SER A 25 -17.98 -4.09 -30.50
N LYS A 26 -17.26 -3.38 -29.64
CA LYS A 26 -17.90 -2.58 -28.60
C LYS A 26 -18.76 -1.48 -29.23
N GLU A 27 -18.30 -0.92 -30.33
CA GLU A 27 -19.01 0.18 -31.00
C GLU A 27 -20.31 -0.27 -31.64
N ALA A 28 -20.33 -1.49 -32.18
CA ALA A 28 -21.55 -2.09 -32.73
C ALA A 28 -22.58 -2.39 -31.64
N GLU A 29 -22.13 -3.00 -30.54
CA GLU A 29 -22.99 -3.29 -29.38
C GLU A 29 -23.67 -1.99 -28.94
N ILE A 30 -22.87 -0.96 -28.72
CA ILE A 30 -23.36 0.30 -28.15
C ILE A 30 -24.33 1.00 -29.07
N LYS A 31 -23.95 1.18 -30.34
CA LYS A 31 -24.84 1.85 -31.30
C LYS A 31 -26.19 1.14 -31.35
N ARG A 32 -26.14 -0.18 -31.44
CA ARG A 32 -27.34 -1.03 -31.43
C ARG A 32 -28.22 -0.84 -30.21
N ILE A 33 -27.61 -0.75 -29.03
CA ILE A 33 -28.36 -0.64 -27.78
C ILE A 33 -29.02 0.74 -27.64
N ASN A 34 -28.29 1.79 -27.97
CA ASN A 34 -28.84 3.14 -28.00
C ASN A 34 -29.99 3.25 -29.00
N LYS A 35 -29.90 2.49 -30.09
CA LYS A 35 -31.01 2.35 -31.03
C LYS A 35 -32.27 1.81 -30.30
N GLU A 36 -32.17 0.64 -29.64
CA GLU A 36 -33.32 0.06 -28.90
C GLU A 36 -33.81 0.96 -27.76
N LEU A 37 -32.88 1.67 -27.12
CA LEU A 37 -33.24 2.59 -26.06
C LEU A 37 -34.05 3.76 -26.59
N ALA A 38 -33.64 4.30 -27.73
CA ALA A 38 -34.39 5.36 -28.42
C ALA A 38 -35.78 4.89 -28.78
N ASN A 39 -35.86 3.68 -29.35
CA ASN A 39 -37.12 3.05 -29.72
C ASN A 39 -38.07 2.95 -28.54
N ILE A 40 -37.56 2.45 -27.42
CA ILE A 40 -38.41 2.23 -26.25
C ILE A 40 -38.77 3.56 -25.57
N ARG A 41 -37.91 4.56 -25.70
CA ARG A 41 -38.17 5.85 -25.11
C ARG A 41 -39.21 6.56 -25.95
N SER A 42 -39.09 6.45 -27.27
CA SER A 42 -40.11 6.97 -28.19
C SER A 42 -41.46 6.37 -27.91
N LYS A 43 -41.48 5.06 -27.65
CA LYS A 43 -42.73 4.36 -27.37
C LYS A 43 -43.34 4.65 -26.01
N PHE A 44 -42.50 4.81 -25.00
CA PHE A 44 -42.99 5.15 -23.68
C PHE A 44 -43.37 6.63 -23.56
N LYS A 45 -42.56 7.54 -24.10
CA LYS A 45 -42.83 8.99 -23.96
C LYS A 45 -44.01 9.42 -24.85
N GLY A 46 -45.22 9.04 -24.44
CA GLY A 46 -46.46 9.48 -25.08
C GLY A 46 -46.85 8.95 -26.45
N ASP A 47 -46.07 8.02 -27.02
CA ASP A 47 -46.45 7.28 -28.24
C ASP A 47 -47.59 6.33 -27.81
N LYS A 48 -48.77 6.92 -27.65
CA LYS A 48 -50.04 6.21 -27.40
C LYS A 48 -50.09 5.43 -26.08
N ALA A 49 -51.23 4.77 -25.86
CA ALA A 49 -51.37 3.74 -24.85
C ALA A 49 -51.14 2.37 -25.50
N LEU A 50 -50.04 1.74 -25.11
CA LEU A 50 -49.69 0.40 -25.57
C LEU A 50 -50.52 -0.60 -24.80
N ASP A 51 -50.74 -1.78 -25.34
CA ASP A 51 -51.35 -2.87 -24.58
C ASP A 51 -50.33 -3.50 -23.66
N GLY A 52 -50.81 -4.33 -22.77
CA GLY A 52 -49.98 -4.92 -21.76
C GLY A 52 -48.80 -5.70 -22.26
N TYR A 53 -49.03 -6.61 -23.20
CA TYR A 53 -47.97 -7.41 -23.73
C TYR A 53 -46.89 -6.51 -24.29
N SER A 54 -47.28 -5.36 -24.83
CA SER A 54 -46.30 -4.40 -25.36
C SER A 54 -45.38 -3.80 -24.29
N LYS A 55 -45.98 -3.22 -23.24
CA LYS A 55 -45.21 -2.73 -22.08
C LYS A 55 -44.29 -3.82 -21.55
N LYS A 56 -44.84 -5.01 -21.32
CA LYS A 56 -44.07 -6.16 -20.89
C LYS A 56 -42.84 -6.41 -21.78
N LYS A 57 -43.02 -6.61 -23.08
CA LYS A 57 -41.85 -6.92 -23.94
C LYS A 57 -40.77 -5.85 -23.95
N TYR A 58 -41.17 -4.59 -23.73
CA TYR A 58 -40.23 -3.47 -23.75
C TYR A 58 -39.50 -3.30 -22.43
N VAL A 59 -40.21 -3.48 -21.32
CA VAL A 59 -39.63 -3.41 -19.97
C VAL A 59 -38.60 -4.53 -19.80
N CYS A 60 -38.90 -5.71 -20.33
CA CYS A 60 -37.97 -6.82 -20.37
C CYS A 60 -36.72 -6.55 -21.23
N LYS A 61 -36.83 -5.77 -22.30
CA LYS A 61 -35.66 -5.34 -23.07
C LYS A 61 -34.81 -4.32 -22.28
N LEU A 62 -35.47 -3.37 -21.59
CA LEU A 62 -34.78 -2.43 -20.70
C LEU A 62 -34.06 -3.15 -19.59
N LEU A 63 -34.76 -4.10 -18.96
CA LEU A 63 -34.17 -4.96 -17.94
C LEU A 63 -32.95 -5.73 -18.42
N PHE A 64 -33.03 -6.26 -19.64
CA PHE A 64 -31.91 -6.97 -20.25
C PHE A 64 -30.75 -6.05 -20.54
N ILE A 65 -31.03 -4.82 -20.95
CA ILE A 65 -29.99 -3.83 -21.21
C ILE A 65 -29.28 -3.53 -19.92
N PHE A 66 -30.06 -3.35 -18.86
CA PHE A 66 -29.49 -2.97 -17.59
C PHE A 66 -28.58 -4.04 -17.03
N LEU A 67 -29.09 -5.27 -17.04
CA LEU A 67 -28.33 -6.45 -16.61
C LEU A 67 -27.12 -6.72 -17.49
N LEU A 68 -27.14 -6.24 -18.74
CA LEU A 68 -25.98 -6.30 -19.61
C LEU A 68 -24.83 -5.51 -19.03
N GLY A 69 -25.15 -4.33 -18.49
CA GLY A 69 -24.15 -3.40 -17.99
C GLY A 69 -24.37 -1.94 -18.33
N HIS A 70 -25.33 -1.63 -19.20
CA HIS A 70 -25.59 -0.24 -19.63
C HIS A 70 -26.72 0.35 -18.79
N ASP A 71 -26.66 1.64 -18.51
CA ASP A 71 -27.46 2.25 -17.45
C ASP A 71 -28.80 2.82 -17.95
N ILE A 72 -29.88 2.50 -17.25
CA ILE A 72 -31.22 2.85 -17.69
C ILE A 72 -31.74 3.98 -16.84
N ASP A 73 -32.37 4.98 -17.46
CA ASP A 73 -32.87 6.13 -16.70
C ASP A 73 -34.36 6.37 -16.87
N PHE A 74 -35.11 5.28 -17.02
CA PHE A 74 -36.57 5.32 -17.23
C PHE A 74 -37.13 3.91 -17.27
N GLY A 75 -38.45 3.84 -17.41
CA GLY A 75 -39.14 2.58 -17.40
C GLY A 75 -39.59 2.18 -16.03
N HIS A 76 -39.49 3.08 -15.05
CA HIS A 76 -39.89 2.72 -13.68
C HIS A 76 -41.39 2.87 -13.56
N MET A 77 -41.94 4.00 -14.00
CA MET A 77 -43.40 4.15 -14.07
C MET A 77 -44.06 3.00 -14.81
N GLU A 78 -43.46 2.59 -15.92
CA GLU A 78 -43.99 1.53 -16.77
C GLU A 78 -44.01 0.19 -16.05
N ALA A 79 -42.91 -0.17 -15.40
CA ALA A 79 -42.86 -1.40 -14.63
C ALA A 79 -43.90 -1.35 -13.51
N VAL A 80 -44.03 -0.20 -12.87
CA VAL A 80 -44.97 -0.04 -11.77
C VAL A 80 -46.38 -0.30 -12.23
N ASN A 81 -46.72 0.10 -13.46
CA ASN A 81 -48.04 -0.19 -14.03
C ASN A 81 -48.25 -1.69 -14.11
N LEU A 82 -47.25 -2.38 -14.64
CA LEU A 82 -47.31 -3.83 -14.85
C LEU A 82 -47.61 -4.62 -13.58
N LEU A 83 -47.27 -4.03 -12.41
CA LEU A 83 -47.54 -4.63 -11.09
C LEU A 83 -49.01 -4.85 -10.84
N SER A 84 -49.83 -3.93 -11.38
CA SER A 84 -51.27 -3.95 -11.18
C SER A 84 -52.02 -4.83 -12.17
N SER A 85 -51.33 -5.31 -13.20
CA SER A 85 -51.93 -6.26 -14.13
C SER A 85 -52.55 -7.46 -13.41
N ASN A 86 -53.52 -8.09 -14.05
CA ASN A 86 -54.04 -9.38 -13.63
C ASN A 86 -53.43 -10.52 -14.44
N ARG A 87 -52.66 -10.19 -15.47
CA ARG A 87 -51.86 -11.19 -16.16
C ARG A 87 -50.63 -11.45 -15.26
N TYR A 88 -50.31 -12.72 -15.02
CA TYR A 88 -49.13 -13.11 -14.25
C TYR A 88 -47.84 -12.62 -14.91
N THR A 89 -47.68 -12.92 -16.19
CA THR A 89 -46.44 -12.59 -16.93
C THR A 89 -46.11 -11.12 -16.92
N GLU A 90 -47.14 -10.29 -16.86
CA GLU A 90 -46.98 -8.84 -16.79
C GLU A 90 -46.47 -8.39 -15.42
N LYS A 91 -47.11 -8.87 -14.36
CA LYS A 91 -46.56 -8.68 -13.01
C LYS A 91 -45.16 -9.29 -12.85
N GLN A 92 -44.86 -10.42 -13.49
CA GLN A 92 -43.59 -11.07 -13.26
C GLN A 92 -42.47 -10.17 -13.78
N ILE A 93 -42.50 -9.81 -15.05
CA ILE A 93 -41.52 -8.85 -15.56
C ILE A 93 -41.52 -7.59 -14.71
N GLY A 94 -42.70 -7.11 -14.33
CA GLY A 94 -42.83 -5.85 -13.61
C GLY A 94 -42.12 -5.81 -12.28
N TYR A 95 -42.51 -6.74 -11.40
CA TYR A 95 -41.86 -6.97 -10.11
C TYR A 95 -40.38 -7.26 -10.27
N LEU A 96 -39.99 -8.12 -11.21
CA LEU A 96 -38.57 -8.39 -11.41
C LEU A 96 -37.77 -7.11 -11.65
N PHE A 97 -38.31 -6.23 -12.48
CA PHE A 97 -37.66 -4.96 -12.84
C PHE A 97 -37.45 -4.08 -11.64
N ILE A 98 -38.46 -3.96 -10.77
CA ILE A 98 -38.30 -3.08 -9.60
C ILE A 98 -37.47 -3.74 -8.53
N SER A 99 -37.40 -5.06 -8.57
CA SER A 99 -36.60 -5.81 -7.62
C SER A 99 -35.13 -5.71 -8.01
N VAL A 100 -34.84 -5.43 -9.29
CA VAL A 100 -33.46 -5.28 -9.77
C VAL A 100 -33.00 -3.82 -9.83
N LEU A 101 -33.68 -3.01 -10.64
CA LEU A 101 -33.45 -1.55 -10.69
C LEU A 101 -34.30 -0.88 -9.61
N VAL A 102 -33.72 -0.66 -8.42
CA VAL A 102 -34.52 -0.15 -7.30
C VAL A 102 -34.52 1.35 -7.28
N ASN A 103 -35.73 1.92 -7.11
CA ASN A 103 -35.92 3.35 -7.14
C ASN A 103 -36.23 3.92 -5.76
N SER A 104 -35.79 5.15 -5.57
CA SER A 104 -35.89 5.89 -4.32
C SER A 104 -37.10 6.78 -4.28
N ASN A 105 -37.57 7.26 -5.42
CA ASN A 105 -38.60 8.32 -5.47
C ASN A 105 -39.81 8.05 -4.55
N SER A 106 -40.26 9.10 -3.86
CA SER A 106 -41.30 9.00 -2.84
C SER A 106 -42.68 8.65 -3.42
N GLU A 107 -42.90 9.05 -4.68
CA GLU A 107 -44.12 8.68 -5.40
C GLU A 107 -44.08 7.27 -5.95
N LEU A 108 -42.92 6.73 -6.27
CA LEU A 108 -42.86 5.32 -6.67
C LEU A 108 -42.79 4.38 -5.48
N ILE A 109 -42.16 4.76 -4.37
CA ILE A 109 -42.16 3.84 -3.20
C ILE A 109 -43.61 3.70 -2.76
N ARG A 110 -44.37 4.80 -2.78
CA ARG A 110 -45.81 4.74 -2.52
C ARG A 110 -46.51 3.79 -3.49
N LEU A 111 -46.43 4.10 -4.78
CA LEU A 111 -47.18 3.35 -5.80
C LEU A 111 -46.90 1.86 -5.70
N ILE A 112 -45.62 1.53 -5.56
CA ILE A 112 -45.18 0.16 -5.44
C ILE A 112 -45.83 -0.48 -4.21
N ASN A 113 -45.78 0.19 -3.06
CA ASN A 113 -46.37 -0.35 -1.82
C ASN A 113 -47.86 -0.58 -1.94
N ASN A 114 -48.60 0.32 -2.58
CA ASN A 114 -50.02 0.07 -2.86
C ASN A 114 -50.13 -1.16 -3.73
N ALA A 115 -49.21 -1.36 -4.65
CA ALA A 115 -49.23 -2.53 -5.53
C ALA A 115 -49.01 -3.83 -4.79
N ILE A 116 -48.09 -3.80 -3.83
CA ILE A 116 -47.77 -4.98 -3.02
C ILE A 116 -49.00 -5.31 -2.15
N LYS A 117 -49.51 -4.29 -1.49
CA LYS A 117 -50.67 -4.42 -0.60
C LYS A 117 -51.86 -5.02 -1.32
N ASN A 118 -52.17 -4.52 -2.50
CA ASN A 118 -53.33 -5.01 -3.26
C ASN A 118 -53.11 -6.40 -3.87
N ASP A 119 -51.88 -6.91 -3.81
CA ASP A 119 -51.59 -8.30 -4.19
C ASP A 119 -51.70 -9.26 -3.02
N LEU A 120 -51.17 -8.82 -1.87
CA LEU A 120 -51.39 -9.51 -0.60
C LEU A 120 -52.89 -9.51 -0.24
N ALA A 121 -53.64 -8.54 -0.78
CA ALA A 121 -55.09 -8.42 -0.61
C ALA A 121 -55.85 -9.52 -1.31
N SER A 122 -55.43 -9.86 -2.53
CA SER A 122 -56.06 -10.96 -3.22
C SER A 122 -55.83 -12.19 -2.37
N ARG A 123 -56.62 -13.21 -2.60
CA ARG A 123 -56.29 -14.48 -2.04
C ARG A 123 -55.68 -15.38 -3.12
N ASN A 124 -55.39 -14.85 -4.32
CA ASN A 124 -54.59 -15.61 -5.26
C ASN A 124 -53.17 -15.76 -4.69
N PRO A 125 -52.72 -17.01 -4.44
CA PRO A 125 -51.45 -17.17 -3.75
C PRO A 125 -50.24 -16.91 -4.67
N THR A 126 -50.46 -17.02 -5.98
CA THR A 126 -49.43 -16.66 -6.94
C THR A 126 -49.07 -15.17 -6.88
N PHE A 127 -50.07 -14.27 -6.87
CA PHE A 127 -49.83 -12.81 -6.72
C PHE A 127 -49.33 -12.40 -5.35
N MET A 128 -49.87 -13.03 -4.31
CA MET A 128 -49.31 -12.94 -2.96
C MET A 128 -47.82 -13.26 -3.03
N GLY A 129 -47.51 -14.38 -3.68
CA GLY A 129 -46.13 -14.81 -3.93
C GLY A 129 -45.22 -13.71 -4.41
N LEU A 130 -45.62 -13.02 -5.46
CA LEU A 130 -44.79 -12.02 -6.07
C LEU A 130 -44.57 -10.84 -5.14
N ALA A 131 -45.63 -10.45 -4.42
CA ALA A 131 -45.53 -9.39 -3.40
C ALA A 131 -44.56 -9.76 -2.27
N LEU A 132 -44.71 -10.98 -1.74
CA LEU A 132 -43.86 -11.46 -0.68
C LEU A 132 -42.38 -11.49 -1.11
N HIS A 133 -42.10 -12.11 -2.26
CA HIS A 133 -40.73 -12.18 -2.77
C HIS A 133 -40.12 -10.80 -3.04
N CYS A 134 -40.96 -9.87 -3.48
CA CYS A 134 -40.52 -8.49 -3.66
C CYS A 134 -40.02 -7.90 -2.31
N ILE A 135 -40.82 -8.06 -1.25
CA ILE A 135 -40.43 -7.59 0.09
C ILE A 135 -39.14 -8.26 0.58
N ALA A 136 -39.06 -9.58 0.46
CA ALA A 136 -37.86 -10.32 0.85
C ALA A 136 -36.60 -9.90 0.08
N ASN A 137 -36.75 -9.52 -1.19
CA ASN A 137 -35.60 -9.23 -2.03
C ASN A 137 -35.15 -7.78 -2.02
N VAL A 138 -36.04 -6.85 -1.71
CA VAL A 138 -35.62 -5.46 -1.56
C VAL A 138 -35.57 -4.98 -0.11
N GLY A 139 -36.36 -5.60 0.76
CA GLY A 139 -36.30 -5.37 2.22
C GLY A 139 -36.37 -3.94 2.73
N SER A 140 -36.95 -3.03 1.96
CA SER A 140 -36.82 -1.60 2.27
C SER A 140 -37.48 -1.31 3.60
N ARG A 141 -36.95 -0.32 4.31
CA ARG A 141 -37.60 0.19 5.51
C ARG A 141 -39.08 0.49 5.24
N GLU A 142 -39.36 1.23 4.18
CA GLU A 142 -40.73 1.70 3.91
C GLU A 142 -41.72 0.54 3.75
N MET A 143 -41.19 -0.59 3.24
CA MET A 143 -41.94 -1.86 3.18
C MET A 143 -42.07 -2.58 4.51
N ALA A 144 -41.06 -2.49 5.36
CA ALA A 144 -41.20 -2.96 6.73
C ALA A 144 -42.32 -2.17 7.38
N GLU A 145 -42.20 -0.84 7.36
CA GLU A 145 -43.22 0.06 7.93
C GLU A 145 -44.63 -0.21 7.38
N ALA A 146 -44.74 -0.57 6.11
CA ALA A 146 -46.04 -0.98 5.55
C ALA A 146 -46.52 -2.32 6.09
N PHE A 147 -45.73 -3.37 5.90
CA PHE A 147 -46.22 -4.76 6.00
C PHE A 147 -45.72 -5.63 7.16
N ALA A 148 -44.60 -5.29 7.78
CA ALA A 148 -44.03 -6.07 8.91
C ALA A 148 -45.09 -6.49 9.93
N GLY A 149 -46.17 -5.71 10.02
CA GLY A 149 -47.40 -6.11 10.72
C GLY A 149 -48.15 -7.29 10.11
N GLU A 150 -48.51 -7.15 8.84
CA GLU A 150 -49.31 -8.17 8.16
C GLU A 150 -48.60 -9.51 7.90
N ILE A 151 -47.27 -9.53 7.87
CA ILE A 151 -46.56 -10.71 7.43
C ILE A 151 -46.69 -11.89 8.40
N PRO A 152 -46.51 -11.65 9.73
CA PRO A 152 -46.79 -12.72 10.71
C PRO A 152 -48.21 -13.31 10.57
N LYS A 153 -49.22 -12.42 10.48
CA LYS A 153 -50.63 -12.83 10.35
C LYS A 153 -50.85 -13.80 9.20
N ILE A 154 -50.21 -13.54 8.06
CA ILE A 154 -50.26 -14.44 6.92
C ILE A 154 -49.57 -15.76 7.22
N LEU A 155 -48.45 -15.71 7.94
CA LEU A 155 -47.67 -16.90 8.27
C LEU A 155 -48.46 -17.89 9.14
N VAL A 156 -49.25 -17.36 10.08
CA VAL A 156 -50.08 -18.19 10.97
C VAL A 156 -51.58 -18.02 10.66
N ALA A 157 -52.42 -18.10 11.69
CA ALA A 157 -53.73 -17.41 11.76
C ALA A 157 -54.84 -18.03 10.91
N GLY A 158 -54.68 -18.01 9.60
CA GLY A 158 -55.63 -18.62 8.69
C GLY A 158 -54.95 -19.76 7.99
N ASP A 159 -55.73 -20.46 7.16
CA ASP A 159 -55.17 -21.35 6.16
C ASP A 159 -54.91 -20.51 4.90
N THR A 160 -53.70 -19.96 4.90
CA THR A 160 -53.02 -19.54 3.68
C THR A 160 -52.24 -20.76 3.23
N MET A 161 -51.91 -20.82 1.96
CA MET A 161 -51.36 -22.07 1.41
C MET A 161 -49.94 -22.36 1.90
N ASP A 162 -49.47 -23.56 1.59
CA ASP A 162 -48.14 -24.02 1.99
C ASP A 162 -47.05 -23.19 1.31
N SER A 163 -47.15 -23.02 -0.01
CA SER A 163 -46.20 -22.16 -0.75
C SER A 163 -46.09 -20.77 -0.12
N VAL A 164 -47.23 -20.20 0.25
CA VAL A 164 -47.28 -18.87 0.86
C VAL A 164 -46.62 -18.83 2.25
N LYS A 165 -46.91 -19.84 3.09
CA LYS A 165 -46.23 -19.99 4.39
C LYS A 165 -44.70 -20.05 4.25
N GLN A 166 -44.19 -20.74 3.23
CA GLN A 166 -42.75 -20.79 2.96
C GLN A 166 -42.20 -19.38 2.77
N SER A 167 -42.87 -18.62 1.89
CA SER A 167 -42.40 -17.28 1.49
C SER A 167 -42.57 -16.26 2.59
N ALA A 168 -43.70 -16.28 3.28
CA ALA A 168 -43.90 -15.38 4.42
C ALA A 168 -42.96 -15.65 5.63
N ALA A 169 -42.49 -16.88 5.76
CA ALA A 169 -41.52 -17.22 6.80
C ALA A 169 -40.20 -16.53 6.51
N LEU A 170 -39.70 -16.73 5.29
CA LEU A 170 -38.43 -16.14 4.87
C LEU A 170 -38.54 -14.64 4.70
N CYS A 171 -39.71 -14.16 4.30
CA CYS A 171 -40.00 -12.73 4.26
C CYS A 171 -39.91 -12.08 5.66
N LEU A 172 -40.60 -12.66 6.63
CA LEU A 172 -40.52 -12.20 8.03
C LEU A 172 -39.08 -12.27 8.58
N LEU A 173 -38.31 -13.26 8.13
CA LEU A 173 -36.90 -13.40 8.49
C LEU A 173 -36.09 -12.19 8.03
N ARG A 174 -36.29 -11.81 6.77
CA ARG A 174 -35.65 -10.61 6.22
C ARG A 174 -36.08 -9.35 6.96
N LEU A 175 -37.38 -9.20 7.23
CA LEU A 175 -37.86 -8.02 7.96
C LEU A 175 -37.32 -7.96 9.37
N TYR A 176 -37.19 -9.12 10.02
CA TYR A 176 -36.57 -9.19 11.33
C TYR A 176 -35.15 -8.68 11.27
N ARG A 177 -34.40 -9.17 10.29
CA ARG A 177 -33.00 -8.78 10.17
C ARG A 177 -32.81 -7.32 9.79
N THR A 178 -33.70 -6.75 8.98
CA THR A 178 -33.55 -5.39 8.49
C THR A 178 -34.01 -4.39 9.52
N SER A 179 -35.18 -4.65 10.09
CA SER A 179 -35.89 -3.67 10.89
C SER A 179 -36.57 -4.40 12.05
N PRO A 180 -35.77 -4.92 13.01
CA PRO A 180 -36.29 -5.74 14.12
C PRO A 180 -37.23 -4.99 15.09
N ASP A 181 -37.07 -3.67 15.16
CA ASP A 181 -38.02 -2.81 15.88
C ASP A 181 -39.48 -2.90 15.41
N LEU A 182 -39.71 -3.47 14.23
CA LEU A 182 -41.05 -3.69 13.68
C LEU A 182 -41.52 -5.16 13.72
N VAL A 183 -40.66 -6.03 14.21
CA VAL A 183 -41.04 -7.39 14.52
C VAL A 183 -40.95 -7.50 16.04
N PRO A 184 -42.08 -7.28 16.74
CA PRO A 184 -42.13 -7.59 18.17
C PRO A 184 -42.20 -9.11 18.39
N MET A 185 -42.40 -9.56 19.63
CA MET A 185 -42.58 -10.99 19.91
C MET A 185 -43.99 -11.18 20.44
N GLY A 186 -44.96 -10.93 19.57
CA GLY A 186 -46.35 -11.06 19.92
C GLY A 186 -46.81 -12.50 20.07
N ASP A 187 -48.11 -12.69 19.86
CA ASP A 187 -48.78 -13.97 20.01
C ASP A 187 -48.42 -15.08 19.00
N TRP A 188 -47.99 -14.73 17.77
CA TRP A 188 -47.66 -15.75 16.74
C TRP A 188 -46.65 -16.81 17.18
N THR A 189 -45.68 -16.39 18.00
CA THR A 189 -44.66 -17.23 18.64
C THR A 189 -45.02 -18.70 18.67
N SER A 190 -46.15 -19.01 19.31
CA SER A 190 -46.61 -20.38 19.47
C SER A 190 -46.88 -21.06 18.12
N ARG A 191 -47.73 -20.43 17.31
CA ARG A 191 -48.15 -21.03 16.04
C ARG A 191 -47.00 -21.23 15.05
N VAL A 192 -46.04 -20.31 15.07
CA VAL A 192 -44.87 -20.42 14.21
C VAL A 192 -44.08 -21.70 14.53
N VAL A 193 -43.89 -22.02 15.81
CA VAL A 193 -43.13 -23.21 16.19
C VAL A 193 -43.84 -24.47 15.73
N HIS A 194 -45.17 -24.47 15.85
CA HIS A 194 -45.99 -25.61 15.43
C HIS A 194 -45.73 -25.95 13.94
N LEU A 195 -45.22 -25.01 13.14
CA LEU A 195 -44.90 -25.28 11.72
C LEU A 195 -43.84 -26.36 11.49
N LEU A 196 -43.03 -26.63 12.52
CA LEU A 196 -42.09 -27.74 12.47
C LEU A 196 -42.81 -29.08 12.29
N ASN A 197 -44.07 -29.13 12.75
CA ASN A 197 -44.95 -30.29 12.61
C ASN A 197 -45.86 -30.25 11.36
N ASP A 198 -45.53 -29.47 10.33
CA ASP A 198 -46.34 -29.47 9.10
C ASP A 198 -45.97 -30.65 8.19
N GLN A 199 -46.91 -31.13 7.39
CA GLN A 199 -46.66 -32.21 6.43
C GLN A 199 -45.74 -31.80 5.27
N HIS A 200 -45.96 -30.61 4.72
CA HIS A 200 -45.11 -30.02 3.66
C HIS A 200 -43.74 -29.72 4.25
N LEU A 201 -42.74 -30.53 3.87
CA LEU A 201 -41.38 -30.37 4.41
C LEU A 201 -40.76 -29.05 4.09
N GLY A 202 -41.10 -28.48 2.95
CA GLY A 202 -40.67 -27.14 2.56
C GLY A 202 -41.06 -26.05 3.53
N VAL A 203 -42.24 -26.18 4.16
CA VAL A 203 -42.64 -25.29 5.26
C VAL A 203 -41.77 -25.52 6.50
N VAL A 204 -41.34 -26.76 6.72
CA VAL A 204 -40.42 -27.05 7.83
C VAL A 204 -39.04 -26.44 7.55
N THR A 205 -38.47 -26.74 6.39
CA THR A 205 -37.22 -26.14 5.90
C THR A 205 -37.16 -24.60 6.07
N ALA A 206 -38.28 -23.94 5.77
CA ALA A 206 -38.38 -22.48 5.84
C ALA A 206 -38.55 -22.01 7.27
N ALA A 207 -39.57 -22.52 7.95
CA ALA A 207 -39.88 -22.10 9.32
C ALA A 207 -38.73 -22.35 10.30
N THR A 208 -38.03 -23.45 10.08
CA THR A 208 -36.82 -23.74 10.82
C THR A 208 -35.83 -22.59 10.76
N SER A 209 -35.59 -22.04 9.56
CA SER A 209 -34.67 -20.90 9.41
C SER A 209 -35.14 -19.62 10.13
N LEU A 210 -36.45 -19.41 10.16
CA LEU A 210 -37.02 -18.28 10.89
C LEU A 210 -36.86 -18.46 12.38
N ILE A 211 -37.22 -19.63 12.90
CA ILE A 211 -37.11 -19.91 14.35
C ILE A 211 -35.64 -19.82 14.80
N THR A 212 -34.77 -20.45 14.02
CA THR A 212 -33.32 -20.44 14.25
C THR A 212 -32.82 -19.03 14.52
N THR A 213 -33.20 -18.07 13.67
CA THR A 213 -32.69 -16.71 13.79
C THR A 213 -33.38 -15.96 14.92
N LEU A 214 -34.68 -16.17 15.10
CA LEU A 214 -35.40 -15.51 16.20
C LEU A 214 -34.91 -15.97 17.58
N ALA A 215 -34.55 -17.24 17.68
CA ALA A 215 -34.07 -17.84 18.92
C ALA A 215 -32.70 -17.34 19.36
N GLN A 216 -31.90 -16.79 18.45
CA GLN A 216 -30.63 -16.15 18.83
C GLN A 216 -30.86 -15.11 19.93
N LYS A 217 -31.93 -14.32 19.84
CA LYS A 217 -32.25 -13.31 20.87
C LYS A 217 -33.48 -13.61 21.70
N ASN A 218 -34.24 -14.64 21.35
CA ASN A 218 -35.43 -15.01 22.10
C ASN A 218 -35.48 -16.52 22.33
N PRO A 219 -34.50 -17.09 23.08
CA PRO A 219 -34.48 -18.56 23.23
C PRO A 219 -35.68 -19.08 24.06
N GLU A 220 -35.91 -18.46 25.20
CA GLU A 220 -37.07 -18.77 26.05
C GLU A 220 -38.38 -18.67 25.27
N GLU A 221 -38.46 -17.74 24.33
CA GLU A 221 -39.69 -17.52 23.54
C GLU A 221 -40.00 -18.70 22.60
N PHE A 222 -38.96 -19.26 22.00
CA PHE A 222 -39.08 -20.44 21.11
C PHE A 222 -38.58 -21.72 21.74
N LYS A 223 -38.53 -21.77 23.06
CA LYS A 223 -37.92 -22.90 23.76
C LYS A 223 -38.64 -24.18 23.36
N THR A 224 -39.96 -24.08 23.14
CA THR A 224 -40.77 -25.24 22.76
C THR A 224 -40.26 -25.98 21.51
N SER A 225 -39.57 -25.27 20.62
CA SER A 225 -38.96 -25.85 19.40
C SER A 225 -38.13 -27.12 19.59
N VAL A 226 -37.43 -27.22 20.72
CA VAL A 226 -36.39 -28.23 20.92
C VAL A 226 -36.97 -29.64 20.81
N SER A 227 -37.95 -29.92 21.66
CA SER A 227 -38.65 -31.21 21.65
C SER A 227 -39.05 -31.63 20.24
N LEU A 228 -39.65 -30.69 19.52
CA LEU A 228 -40.29 -30.98 18.24
C LEU A 228 -39.22 -31.21 17.19
N ALA A 229 -38.24 -30.29 17.17
CA ALA A 229 -37.08 -30.40 16.31
C ALA A 229 -36.45 -31.77 16.41
N VAL A 230 -36.29 -32.27 17.64
CA VAL A 230 -35.60 -33.54 17.85
C VAL A 230 -36.43 -34.66 17.25
N SER A 231 -37.70 -34.74 17.63
CA SER A 231 -38.57 -35.85 17.17
C SER A 231 -38.72 -35.89 15.65
N ARG A 232 -38.72 -34.72 15.03
CA ARG A 232 -38.68 -34.62 13.58
C ARG A 232 -37.42 -35.21 12.97
N LEU A 233 -36.29 -34.84 13.57
CA LEU A 233 -34.97 -35.21 13.07
C LEU A 233 -34.75 -36.73 13.13
N SER A 234 -35.02 -37.29 14.30
CA SER A 234 -34.92 -38.74 14.51
C SER A 234 -35.91 -39.52 13.61
N ARG A 235 -37.07 -38.94 13.32
CA ARG A 235 -38.01 -39.55 12.36
C ARG A 235 -37.47 -39.49 10.91
N ILE A 236 -36.68 -38.47 10.60
CA ILE A 236 -36.04 -38.34 9.27
C ILE A 236 -34.91 -39.33 9.04
N VAL A 237 -33.98 -39.47 9.99
CA VAL A 237 -32.89 -40.45 9.82
C VAL A 237 -33.29 -41.93 10.08
N THR A 238 -34.52 -42.17 10.55
CA THR A 238 -35.09 -43.53 10.71
C THR A 238 -35.89 -44.00 9.47
N SER A 239 -36.26 -43.08 8.58
CA SER A 239 -37.22 -43.37 7.51
C SER A 239 -36.62 -44.18 6.33
N ALA A 240 -37.47 -44.98 5.70
CA ALA A 240 -37.08 -46.00 4.70
C ALA A 240 -36.98 -45.50 3.23
N SER A 241 -36.49 -46.39 2.36
CA SER A 241 -36.16 -46.11 0.93
C SER A 241 -37.19 -45.35 0.08
N THR A 242 -38.49 -45.58 0.36
CA THR A 242 -39.58 -44.94 -0.39
C THR A 242 -40.34 -43.84 0.41
N ASP A 243 -39.89 -43.55 1.63
CA ASP A 243 -40.42 -42.42 2.44
C ASP A 243 -39.86 -41.08 1.93
N LEU A 244 -40.67 -40.02 2.01
CA LEU A 244 -40.22 -38.63 1.76
C LEU A 244 -39.68 -38.43 0.34
N GLN A 245 -40.23 -39.18 -0.62
CA GLN A 245 -39.61 -39.34 -1.95
C GLN A 245 -39.36 -38.04 -2.71
N ASP A 246 -40.21 -37.03 -2.46
CA ASP A 246 -40.02 -35.65 -2.96
C ASP A 246 -38.68 -35.08 -2.50
N TYR A 247 -38.45 -35.15 -1.19
CA TYR A 247 -37.28 -34.60 -0.50
C TYR A 247 -36.22 -35.67 -0.13
N THR A 248 -35.93 -36.58 -1.05
CA THR A 248 -34.94 -37.64 -0.81
C THR A 248 -33.85 -37.57 -1.89
N TYR A 249 -32.75 -36.92 -1.54
CA TYR A 249 -31.70 -36.53 -2.50
C TYR A 249 -30.59 -37.56 -2.55
N TYR A 250 -30.38 -38.19 -3.71
CA TYR A 250 -29.28 -39.17 -3.91
C TYR A 250 -29.14 -40.22 -2.78
N PHE A 251 -30.26 -40.91 -2.52
CA PHE A 251 -30.40 -41.94 -1.48
C PHE A 251 -30.10 -41.40 -0.08
N VAL A 252 -30.53 -40.16 0.20
CA VAL A 252 -30.35 -39.53 1.50
C VAL A 252 -31.65 -38.82 1.88
N PRO A 253 -32.12 -39.00 3.13
CA PRO A 253 -33.36 -38.34 3.54
C PRO A 253 -33.18 -36.87 3.92
N ALA A 254 -33.83 -35.97 3.17
CA ALA A 254 -33.90 -34.53 3.51
C ALA A 254 -32.60 -33.91 4.06
N PRO A 255 -31.50 -33.96 3.27
CA PRO A 255 -30.21 -33.52 3.81
C PRO A 255 -30.26 -32.12 4.35
N TRP A 256 -30.80 -31.20 3.56
CA TRP A 256 -30.78 -29.79 3.92
C TRP A 256 -31.66 -29.50 5.13
N LEU A 257 -32.78 -30.22 5.26
CA LEU A 257 -33.63 -30.05 6.45
C LEU A 257 -32.94 -30.59 7.73
N SER A 258 -32.35 -31.78 7.62
CA SER A 258 -31.57 -32.37 8.71
C SER A 258 -30.52 -31.37 9.20
N VAL A 259 -29.75 -30.82 8.24
CA VAL A 259 -28.73 -29.83 8.57
C VAL A 259 -29.36 -28.63 9.31
N LYS A 260 -30.45 -28.09 8.76
CA LYS A 260 -31.11 -26.94 9.38
C LYS A 260 -31.55 -27.17 10.82
N LEU A 261 -32.12 -28.35 11.06
CA LEU A 261 -32.64 -28.73 12.38
C LEU A 261 -31.52 -28.92 13.39
N LEU A 262 -30.43 -29.55 12.95
CA LEU A 262 -29.25 -29.68 13.80
C LEU A 262 -28.69 -28.32 14.15
N ARG A 263 -28.63 -27.44 13.16
CA ARG A 263 -28.29 -26.04 13.40
C ARG A 263 -29.17 -25.45 14.50
N LEU A 264 -30.49 -25.58 14.36
CA LEU A 264 -31.43 -25.01 15.32
C LEU A 264 -31.19 -25.50 16.74
N LEU A 265 -30.85 -26.78 16.87
CA LEU A 265 -30.56 -27.36 18.18
C LEU A 265 -29.28 -26.78 18.84
N GLN A 266 -28.37 -26.25 18.01
CA GLN A 266 -27.19 -25.52 18.49
C GLN A 266 -27.55 -24.12 19.03
N CYS A 267 -28.75 -23.62 18.72
CA CYS A 267 -29.26 -22.39 19.35
C CYS A 267 -29.69 -22.58 20.82
N TYR A 268 -29.53 -23.78 21.36
CA TYR A 268 -29.87 -24.10 22.75
C TYR A 268 -28.83 -25.04 23.38
N PRO A 269 -28.93 -25.26 24.71
CA PRO A 269 -28.14 -26.33 25.40
C PRO A 269 -28.56 -27.74 24.96
N PRO A 270 -28.04 -28.78 25.64
CA PRO A 270 -28.65 -30.11 25.45
C PRO A 270 -29.99 -30.14 26.17
N PRO A 271 -30.96 -30.93 25.69
CA PRO A 271 -32.34 -30.73 26.13
C PRO A 271 -32.65 -31.05 27.62
N GLU A 272 -33.20 -30.02 28.28
CA GLU A 272 -33.80 -30.06 29.63
C GLU A 272 -34.36 -31.40 30.12
N ASP A 273 -35.20 -32.05 29.30
CA ASP A 273 -35.92 -33.28 29.67
C ASP A 273 -35.11 -34.55 29.28
N PRO A 274 -35.08 -35.58 30.17
CA PRO A 274 -34.47 -36.90 29.88
C PRO A 274 -34.89 -37.59 28.58
N ALA A 275 -36.19 -37.71 28.35
CA ALA A 275 -36.73 -38.44 27.18
C ALA A 275 -36.28 -37.86 25.84
N VAL A 276 -36.30 -36.53 25.75
CA VAL A 276 -35.88 -35.83 24.53
C VAL A 276 -34.39 -36.08 24.30
N ARG A 277 -33.57 -35.79 25.33
CA ARG A 277 -32.11 -35.94 25.25
C ARG A 277 -31.69 -37.36 24.85
N GLY A 278 -32.44 -38.35 25.35
CA GLY A 278 -32.23 -39.74 24.94
C GLY A 278 -32.45 -39.90 23.45
N ARG A 279 -33.64 -39.47 23.00
CA ARG A 279 -33.96 -39.55 21.58
C ARG A 279 -32.87 -38.91 20.71
N LEU A 280 -32.41 -37.72 21.12
CA LEU A 280 -31.38 -36.98 20.35
C LEU A 280 -30.03 -37.69 20.29
N THR A 281 -29.55 -38.24 21.41
CA THR A 281 -28.24 -38.90 21.43
C THR A 281 -28.28 -40.21 20.63
N GLU A 282 -29.41 -40.91 20.73
CA GLU A 282 -29.68 -42.09 19.88
C GLU A 282 -29.63 -41.72 18.39
N CYS A 283 -30.37 -40.67 18.03
CA CYS A 283 -30.34 -40.08 16.68
C CYS A 283 -28.93 -39.74 16.18
N LEU A 284 -28.11 -39.17 17.06
CA LEU A 284 -26.74 -38.78 16.72
C LEU A 284 -25.83 -39.97 16.49
N GLU A 285 -25.93 -40.98 17.37
CA GLU A 285 -25.24 -42.27 17.17
C GLU A 285 -25.56 -42.92 15.82
N THR A 286 -26.82 -42.78 15.39
CA THR A 286 -27.27 -43.29 14.09
C THR A 286 -26.59 -42.57 12.93
N ILE A 287 -26.51 -41.24 13.04
CA ILE A 287 -25.88 -40.41 12.01
C ILE A 287 -24.40 -40.78 11.84
N LEU A 288 -23.71 -40.97 12.97
CA LEU A 288 -22.32 -41.46 12.97
C LEU A 288 -22.18 -42.85 12.33
N ASN A 289 -23.13 -43.74 12.64
CA ASN A 289 -23.14 -45.10 12.08
C ASN A 289 -23.29 -45.10 10.56
N LYS A 290 -24.20 -44.27 10.04
CA LYS A 290 -24.52 -44.28 8.61
C LYS A 290 -23.37 -43.84 7.72
N ALA A 291 -22.46 -43.03 8.28
CA ALA A 291 -21.23 -42.66 7.59
C ALA A 291 -20.27 -43.85 7.47
N GLN A 292 -20.15 -44.65 8.54
CA GLN A 292 -19.30 -45.84 8.53
C GLN A 292 -19.85 -47.01 7.69
N GLU A 293 -21.13 -46.97 7.34
CA GLU A 293 -21.77 -47.98 6.47
C GLU A 293 -21.29 -47.89 5.02
N PRO A 294 -21.54 -48.93 4.19
CA PRO A 294 -21.12 -48.88 2.78
C PRO A 294 -21.89 -47.83 1.96
N PRO A 295 -21.26 -47.32 0.87
CA PRO A 295 -21.85 -46.21 0.12
C PRO A 295 -23.04 -46.68 -0.72
N LYS A 296 -24.23 -46.15 -0.43
CA LYS A 296 -25.44 -46.56 -1.16
C LYS A 296 -25.44 -46.10 -2.63
N SER A 297 -24.48 -45.26 -3.02
CA SER A 297 -24.17 -45.05 -4.43
C SER A 297 -22.72 -44.67 -4.71
N LYS A 298 -22.29 -44.97 -5.95
CA LYS A 298 -21.01 -44.55 -6.50
C LYS A 298 -20.89 -43.02 -6.66
N LYS A 299 -22.00 -42.34 -7.00
CA LYS A 299 -21.96 -40.92 -7.39
C LYS A 299 -21.64 -40.02 -6.20
N VAL A 300 -20.80 -39.02 -6.45
CA VAL A 300 -20.22 -38.14 -5.41
C VAL A 300 -21.22 -37.29 -4.62
N GLN A 301 -22.38 -37.01 -5.23
CA GLN A 301 -23.42 -36.21 -4.60
C GLN A 301 -23.99 -36.91 -3.35
N HIS A 302 -23.95 -38.24 -3.37
CA HIS A 302 -24.35 -39.04 -2.21
C HIS A 302 -23.45 -38.74 -1.02
N SER A 303 -22.14 -38.87 -1.20
CA SER A 303 -21.16 -38.65 -0.12
C SER A 303 -21.10 -37.20 0.37
N ASN A 304 -21.06 -36.24 -0.55
CA ASN A 304 -21.14 -34.81 -0.22
C ASN A 304 -22.36 -34.49 0.67
N ALA A 305 -23.55 -34.94 0.24
CA ALA A 305 -24.81 -34.63 0.94
C ALA A 305 -24.97 -35.35 2.28
N LYS A 306 -24.56 -36.61 2.32
CA LYS A 306 -24.54 -37.40 3.57
C LYS A 306 -23.58 -36.75 4.59
N ASN A 307 -22.35 -36.50 4.15
CA ASN A 307 -21.34 -35.86 5.00
C ASN A 307 -21.77 -34.46 5.49
N ALA A 308 -22.40 -33.64 4.64
CA ALA A 308 -22.97 -32.35 5.08
C ALA A 308 -23.69 -32.50 6.42
N VAL A 309 -24.51 -33.54 6.52
CA VAL A 309 -25.25 -33.84 7.75
C VAL A 309 -24.33 -34.36 8.86
N LEU A 310 -23.42 -35.28 8.53
CA LEU A 310 -22.44 -35.78 9.50
C LEU A 310 -21.76 -34.61 10.22
N PHE A 311 -21.23 -33.69 9.40
CA PHE A 311 -20.50 -32.55 9.90
C PHE A 311 -21.35 -31.65 10.81
N GLU A 312 -22.60 -31.39 10.41
CA GLU A 312 -23.48 -30.56 11.26
C GLU A 312 -23.86 -31.27 12.58
N ALA A 313 -23.88 -32.60 12.54
CA ALA A 313 -24.11 -33.41 13.73
C ALA A 313 -22.94 -33.26 14.69
N ILE A 314 -21.74 -33.49 14.15
CA ILE A 314 -20.49 -33.32 14.92
C ILE A 314 -20.44 -31.92 15.59
N SER A 315 -20.89 -30.90 14.87
CA SER A 315 -21.00 -29.56 15.43
C SER A 315 -21.90 -29.51 16.65
N LEU A 316 -23.02 -30.23 16.62
CA LEU A 316 -23.94 -30.25 17.75
C LEU A 316 -23.30 -30.98 18.95
N ILE A 317 -22.69 -32.13 18.65
CA ILE A 317 -21.91 -32.90 19.65
C ILE A 317 -20.89 -32.00 20.38
N ILE A 318 -20.09 -31.25 19.61
CA ILE A 318 -19.07 -30.35 20.18
C ILE A 318 -19.71 -29.15 20.89
N HIS A 319 -20.86 -28.70 20.43
CA HIS A 319 -21.59 -27.60 21.08
C HIS A 319 -21.97 -27.98 22.50
N HIS A 320 -22.66 -29.10 22.64
CA HIS A 320 -23.07 -29.60 23.95
C HIS A 320 -21.90 -30.02 24.85
N ASP A 321 -20.87 -30.62 24.25
CA ASP A 321 -19.69 -31.12 24.99
C ASP A 321 -20.13 -32.03 26.16
N SER A 322 -21.22 -32.75 25.96
CA SER A 322 -21.81 -33.53 27.04
C SER A 322 -21.34 -34.98 26.93
N GLU A 323 -21.84 -35.68 25.93
CA GLU A 323 -21.70 -37.13 25.81
C GLU A 323 -20.29 -37.53 25.28
N PRO A 324 -19.39 -38.04 26.17
CA PRO A 324 -17.99 -38.25 25.71
C PRO A 324 -17.80 -39.37 24.68
N ASN A 325 -18.70 -40.36 24.70
CA ASN A 325 -18.74 -41.40 23.66
C ASN A 325 -18.77 -40.76 22.26
N LEU A 326 -19.72 -39.84 22.07
CA LEU A 326 -19.88 -39.16 20.78
C LEU A 326 -18.66 -38.32 20.43
N LEU A 327 -18.14 -37.55 21.39
CA LEU A 327 -16.92 -36.74 21.20
C LEU A 327 -15.74 -37.55 20.68
N VAL A 328 -15.64 -38.79 21.15
CA VAL A 328 -14.56 -39.71 20.78
C VAL A 328 -14.76 -40.29 19.39
N ARG A 329 -15.97 -40.79 19.10
CA ARG A 329 -16.30 -41.31 17.77
C ARG A 329 -16.11 -40.24 16.71
N ALA A 330 -16.60 -39.04 17.02
CA ALA A 330 -16.43 -37.85 16.19
C ALA A 330 -14.96 -37.64 15.87
N CYS A 331 -14.14 -37.62 16.92
CA CYS A 331 -12.68 -37.53 16.79
C CYS A 331 -12.07 -38.51 15.79
N ASN A 332 -12.47 -39.77 15.88
CA ASN A 332 -11.88 -40.84 15.06
C ASN A 332 -12.36 -40.77 13.61
N GLN A 333 -13.62 -40.38 13.43
CA GLN A 333 -14.23 -40.25 12.11
C GLN A 333 -13.57 -39.11 11.35
N LEU A 334 -13.52 -37.93 11.97
CA LEU A 334 -12.77 -36.79 11.44
C LEU A 334 -11.31 -37.20 11.18
N GLY A 335 -10.78 -38.02 12.09
CA GLY A 335 -9.48 -38.62 11.90
C GLY A 335 -9.34 -39.28 10.55
N GLN A 336 -10.30 -40.15 10.22
CA GLN A 336 -10.26 -40.87 8.94
C GLN A 336 -10.20 -39.86 7.78
N PHE A 337 -11.01 -38.81 7.86
CA PHE A 337 -11.06 -37.80 6.80
C PHE A 337 -9.76 -37.01 6.57
N LEU A 338 -8.87 -36.95 7.57
CA LEU A 338 -7.57 -36.26 7.41
C LEU A 338 -6.68 -36.81 6.28
N GLN A 339 -6.88 -38.08 5.93
CA GLN A 339 -6.12 -38.73 4.85
C GLN A 339 -6.95 -38.98 3.57
N HIS A 340 -8.24 -38.66 3.62
CA HIS A 340 -9.18 -38.99 2.55
C HIS A 340 -8.86 -38.24 1.22
N ARG A 341 -9.23 -38.85 0.09
CA ARG A 341 -8.73 -38.42 -1.23
C ARG A 341 -9.24 -37.05 -1.69
N GLU A 342 -10.51 -36.77 -1.42
CA GLU A 342 -11.07 -35.42 -1.66
C GLU A 342 -10.48 -34.34 -0.75
N THR A 343 -9.88 -33.33 -1.35
CA THR A 343 -9.41 -32.16 -0.61
C THR A 343 -10.54 -31.49 0.19
N ASN A 344 -11.75 -31.51 -0.37
CA ASN A 344 -12.92 -30.90 0.29
C ASN A 344 -13.07 -31.47 1.69
N LEU A 345 -12.88 -32.78 1.80
CA LEU A 345 -13.07 -33.45 3.09
C LEU A 345 -11.91 -33.24 4.05
N ARG A 346 -10.68 -33.25 3.51
CA ARG A 346 -9.53 -32.95 4.36
C ARG A 346 -9.66 -31.56 4.97
N TYR A 347 -9.88 -30.56 4.13
CA TYR A 347 -10.05 -29.18 4.58
C TYR A 347 -11.16 -29.06 5.65
N LEU A 348 -12.28 -29.75 5.46
CA LEU A 348 -13.38 -29.72 6.42
C LEU A 348 -13.11 -30.47 7.74
N ALA A 349 -12.28 -31.52 7.68
CA ALA A 349 -11.95 -32.34 8.85
C ALA A 349 -11.02 -31.58 9.78
N LEU A 350 -10.00 -30.96 9.19
CA LEU A 350 -9.10 -30.06 9.92
C LEU A 350 -9.89 -28.91 10.53
N GLU A 351 -10.78 -28.30 9.75
CA GLU A 351 -11.68 -27.25 10.25
C GLU A 351 -12.39 -27.72 11.51
N SER A 352 -13.10 -28.83 11.39
CA SER A 352 -13.95 -29.34 12.46
C SER A 352 -13.18 -29.73 13.73
N MET A 353 -12.04 -30.41 13.55
CA MET A 353 -11.21 -30.86 14.68
C MET A 353 -10.70 -29.75 15.59
N CYS A 354 -10.53 -28.55 15.05
CA CYS A 354 -10.03 -27.42 15.83
C CYS A 354 -10.93 -27.06 17.00
N THR A 355 -12.24 -27.25 16.85
CA THR A 355 -13.18 -26.95 17.93
C THR A 355 -13.34 -28.11 18.90
N LEU A 356 -13.12 -29.33 18.43
CA LEU A 356 -12.94 -30.48 19.33
C LEU A 356 -11.79 -30.29 20.31
N ALA A 357 -10.67 -29.77 19.82
CA ALA A 357 -9.42 -29.65 20.61
C ALA A 357 -9.57 -28.85 21.89
N SER A 358 -10.48 -27.88 21.88
CA SER A 358 -10.77 -27.07 23.07
C SER A 358 -11.91 -27.69 23.86
N SER A 359 -11.74 -28.95 24.27
CA SER A 359 -12.73 -29.66 25.09
C SER A 359 -12.02 -30.81 25.78
N GLU A 360 -12.19 -30.87 27.10
CA GLU A 360 -11.45 -31.83 27.94
C GLU A 360 -11.59 -33.30 27.51
N PHE A 361 -12.82 -33.78 27.31
CA PHE A 361 -13.07 -35.21 27.03
C PHE A 361 -12.38 -35.62 25.73
N SER A 362 -12.27 -34.69 24.80
CA SER A 362 -11.72 -34.94 23.46
C SER A 362 -10.24 -34.59 23.29
N HIS A 363 -9.73 -33.60 24.03
CA HIS A 363 -8.36 -33.07 23.83
C HIS A 363 -7.28 -34.13 23.57
N GLU A 364 -7.32 -35.22 24.33
CA GLU A 364 -6.31 -36.29 24.25
C GLU A 364 -6.42 -37.13 22.98
N ALA A 365 -7.65 -37.35 22.52
CA ALA A 365 -7.87 -38.03 21.26
C ALA A 365 -7.33 -37.22 20.10
N VAL A 366 -7.59 -35.91 20.11
CA VAL A 366 -7.09 -35.01 19.07
C VAL A 366 -5.57 -35.17 18.92
N LYS A 367 -4.86 -35.15 20.05
CA LYS A 367 -3.41 -35.25 20.03
C LYS A 367 -2.89 -36.49 19.35
N THR A 368 -3.65 -37.61 19.38
CA THR A 368 -3.17 -38.85 18.75
C THR A 368 -2.79 -38.60 17.30
N HIS A 369 -3.61 -37.80 16.61
CA HIS A 369 -3.45 -37.57 15.17
C HIS A 369 -2.31 -36.60 14.80
N ILE A 370 -1.65 -36.01 15.81
CA ILE A 370 -0.66 -34.94 15.59
C ILE A 370 0.35 -35.24 14.49
N GLU A 371 0.71 -36.51 14.29
CA GLU A 371 1.73 -36.79 13.29
C GLU A 371 1.19 -36.55 11.90
N THR A 372 -0.04 -37.00 11.62
CA THR A 372 -0.68 -36.78 10.29
C THR A 372 -0.88 -35.28 10.03
N VAL A 373 -1.31 -34.57 11.06
CA VAL A 373 -1.50 -33.12 10.97
C VAL A 373 -0.19 -32.48 10.51
N ILE A 374 0.90 -32.83 11.20
CA ILE A 374 2.21 -32.29 10.88
C ILE A 374 2.60 -32.66 9.44
N ASN A 375 2.30 -33.89 9.07
CA ASN A 375 2.51 -34.36 7.71
C ASN A 375 1.73 -33.54 6.71
N ALA A 376 0.46 -33.25 7.02
CA ALA A 376 -0.38 -32.40 6.16
C ALA A 376 0.24 -31.01 5.96
N LEU A 377 0.56 -30.33 7.06
CA LEU A 377 1.23 -29.01 7.01
C LEU A 377 2.46 -28.99 6.10
N LYS A 378 3.22 -30.07 6.15
CA LYS A 378 4.42 -30.24 5.34
C LYS A 378 4.14 -30.59 3.89
N THR A 379 3.12 -31.44 3.66
CA THR A 379 2.92 -32.13 2.39
C THR A 379 1.90 -31.50 1.41
N GLU A 380 0.94 -30.75 1.92
CA GLU A 380 -0.37 -30.64 1.28
C GLU A 380 -0.45 -29.99 -0.11
N ARG A 381 0.50 -29.10 -0.45
CA ARG A 381 0.52 -28.41 -1.77
C ARG A 381 -0.79 -27.68 -2.11
N ASP A 382 -1.42 -27.09 -1.09
CA ASP A 382 -2.43 -26.05 -1.26
C ASP A 382 -1.83 -24.89 -0.47
N VAL A 383 -2.66 -24.00 0.08
CA VAL A 383 -2.26 -23.22 1.26
C VAL A 383 -3.39 -23.32 2.23
N SER A 384 -4.57 -22.80 1.88
CA SER A 384 -5.77 -22.86 2.75
C SER A 384 -5.91 -24.13 3.63
N VAL A 385 -5.47 -25.28 3.11
CA VAL A 385 -5.45 -26.53 3.88
C VAL A 385 -4.32 -26.51 4.92
N ARG A 386 -3.10 -26.26 4.45
CA ARG A 386 -1.95 -26.09 5.35
C ARG A 386 -2.23 -25.14 6.52
N GLN A 387 -2.88 -24.04 6.22
CA GLN A 387 -3.24 -23.04 7.22
C GLN A 387 -4.17 -23.65 8.29
N ARG A 388 -5.20 -24.39 7.88
CA ARG A 388 -6.07 -25.12 8.85
C ARG A 388 -5.32 -26.18 9.67
N ALA A 389 -4.29 -26.77 9.05
CA ALA A 389 -3.41 -27.70 9.75
C ALA A 389 -2.63 -26.98 10.85
N VAL A 390 -2.14 -25.77 10.57
CA VAL A 390 -1.43 -25.02 11.61
C VAL A 390 -2.42 -24.60 12.70
N ASP A 391 -3.56 -24.02 12.33
CA ASP A 391 -4.64 -23.71 13.30
C ASP A 391 -4.96 -24.88 14.23
N LEU A 392 -4.89 -26.10 13.69
CA LEU A 392 -5.08 -27.30 14.49
C LEU A 392 -3.95 -27.46 15.48
N LEU A 393 -2.70 -27.50 15.00
CA LEU A 393 -1.55 -27.66 15.90
C LEU A 393 -1.65 -26.74 17.13
N TYR A 394 -1.72 -25.43 16.89
CA TYR A 394 -1.95 -24.43 17.94
C TYR A 394 -3.03 -24.88 18.91
N ALA A 395 -4.15 -25.34 18.39
CA ALA A 395 -5.33 -25.63 19.20
C ALA A 395 -5.22 -26.85 20.12
N MET A 396 -4.56 -27.89 19.61
CA MET A 396 -4.28 -29.11 20.39
C MET A 396 -3.07 -28.94 21.31
N CYS A 397 -2.26 -27.93 21.05
CA CYS A 397 -1.03 -27.71 21.76
C CYS A 397 -1.25 -27.48 23.26
N ASP A 398 -0.57 -28.32 24.03
CA ASP A 398 -0.34 -28.12 25.46
C ASP A 398 1.11 -28.49 25.76
N ARG A 399 1.45 -28.46 27.04
CA ARG A 399 2.75 -28.90 27.59
C ARG A 399 3.60 -29.93 26.80
N SER A 400 3.03 -31.11 26.57
CA SER A 400 3.73 -32.21 25.88
C SER A 400 4.08 -31.89 24.42
N ASN A 401 3.10 -31.31 23.73
CA ASN A 401 3.24 -31.05 22.31
C ASN A 401 4.23 -29.92 22.06
N ALA A 402 4.11 -28.87 22.86
CA ALA A 402 4.75 -27.57 22.57
C ALA A 402 6.15 -27.71 22.01
N GLN A 403 6.94 -28.60 22.59
CA GLN A 403 8.29 -28.87 22.11
C GLN A 403 8.32 -28.98 20.60
N GLN A 404 7.64 -30.00 20.08
CA GLN A 404 7.68 -30.31 18.66
C GLN A 404 6.75 -29.43 17.82
N ILE A 405 5.61 -29.01 18.40
CA ILE A 405 4.68 -28.14 17.67
C ILE A 405 5.36 -26.83 17.26
N VAL A 406 6.03 -26.22 18.22
CA VAL A 406 6.73 -24.97 17.95
C VAL A 406 7.89 -25.19 16.97
N ALA A 407 8.59 -26.30 17.08
CA ALA A 407 9.63 -26.60 16.08
C ALA A 407 9.07 -26.61 14.65
N GLU A 408 7.95 -27.29 14.45
CA GLU A 408 7.32 -27.39 13.12
C GLU A 408 6.79 -26.06 12.66
N MET A 409 6.02 -25.38 13.50
CA MET A 409 5.54 -24.05 13.15
C MET A 409 6.66 -23.07 12.77
N LEU A 410 7.76 -23.14 13.50
CA LEU A 410 8.93 -22.34 13.15
C LEU A 410 9.50 -22.69 11.78
N SER A 411 9.49 -23.97 11.43
CA SER A 411 9.96 -24.40 10.10
C SER A 411 8.97 -24.04 8.99
N TYR A 412 7.68 -23.97 9.32
CA TYR A 412 6.66 -23.51 8.37
C TYR A 412 6.84 -22.05 8.07
N LEU A 413 6.98 -21.24 9.11
CA LEU A 413 7.29 -19.80 9.00
C LEU A 413 8.40 -19.48 7.98
N GLU A 414 9.39 -20.37 7.84
CA GLU A 414 10.53 -20.17 6.93
C GLU A 414 10.11 -20.00 5.46
N THR A 415 9.26 -20.90 4.97
CA THR A 415 8.73 -20.87 3.59
C THR A 415 7.35 -20.21 3.43
N ALA A 416 6.59 -20.13 4.53
CA ALA A 416 5.27 -19.49 4.53
C ALA A 416 5.33 -18.09 3.96
N ASP A 417 4.21 -17.65 3.40
CA ASP A 417 4.19 -16.41 2.60
C ASP A 417 4.36 -15.18 3.48
N TYR A 418 4.51 -14.03 2.84
CA TYR A 418 4.71 -12.76 3.52
C TYR A 418 3.51 -12.31 4.41
N SER A 419 2.29 -12.41 3.90
CA SER A 419 1.11 -11.92 4.64
C SER A 419 0.74 -12.66 5.93
N ILE A 420 0.92 -13.99 6.00
CA ILE A 420 0.49 -14.73 7.22
C ILE A 420 1.45 -14.43 8.35
N ARG A 421 2.74 -14.57 8.05
CA ARG A 421 3.84 -14.50 9.02
C ARG A 421 3.50 -13.80 10.32
N GLU A 422 3.10 -12.54 10.24
CA GLU A 422 2.79 -11.73 11.45
C GLU A 422 1.94 -12.50 12.47
N GLU A 423 0.87 -13.11 11.96
CA GLU A 423 -0.02 -13.98 12.75
C GLU A 423 0.69 -15.21 13.29
N ILE A 424 1.46 -15.91 12.45
CA ILE A 424 2.23 -17.13 12.85
C ILE A 424 3.18 -16.82 14.01
N VAL A 425 4.01 -15.79 13.83
CA VAL A 425 4.91 -15.28 14.87
C VAL A 425 4.14 -15.00 16.15
N LEU A 426 3.14 -14.14 16.08
CA LEU A 426 2.27 -13.87 17.25
C LEU A 426 1.79 -15.14 17.97
N LYS A 427 1.42 -16.16 17.21
CA LYS A 427 0.96 -17.45 17.75
C LYS A 427 2.06 -18.27 18.44
N VAL A 428 3.22 -18.41 17.80
CA VAL A 428 4.37 -19.11 18.43
C VAL A 428 4.75 -18.44 19.76
N ALA A 429 4.84 -17.11 19.74
CA ALA A 429 5.18 -16.32 20.94
C ALA A 429 4.15 -16.41 22.09
N ILE A 430 2.94 -16.88 21.77
CA ILE A 430 1.95 -17.27 22.76
C ILE A 430 2.23 -18.65 23.26
N LEU A 431 2.41 -19.60 22.34
CA LEU A 431 2.55 -21.00 22.75
C LEU A 431 3.78 -21.21 23.64
N ALA A 432 4.87 -20.56 23.26
CA ALA A 432 6.13 -20.65 23.99
C ALA A 432 6.00 -20.08 25.40
N GLU A 433 5.31 -18.97 25.51
CA GLU A 433 5.10 -18.31 26.79
C GLU A 433 4.14 -19.11 27.67
N LYS A 434 3.14 -19.75 27.04
CA LYS A 434 2.07 -20.47 27.76
C LYS A 434 2.52 -21.83 28.28
N TYR A 435 3.31 -22.51 27.46
CA TYR A 435 3.74 -23.88 27.75
C TYR A 435 5.25 -24.00 28.09
N ALA A 436 5.76 -22.97 28.76
CA ALA A 436 7.17 -22.88 29.09
C ALA A 436 7.46 -23.74 30.30
N VAL A 437 7.82 -24.99 30.03
CA VAL A 437 8.67 -25.80 30.92
C VAL A 437 9.89 -24.98 31.41
N ASP A 438 10.76 -24.68 30.45
CA ASP A 438 12.10 -24.17 30.64
C ASP A 438 12.15 -22.83 29.91
N TYR A 439 12.46 -21.76 30.63
CA TYR A 439 12.46 -20.43 30.02
C TYR A 439 13.71 -20.16 29.13
N THR A 440 14.70 -21.06 29.18
CA THR A 440 15.75 -21.09 28.15
C THR A 440 15.17 -21.37 26.77
N TRP A 441 14.17 -22.24 26.71
CA TRP A 441 13.48 -22.54 25.46
C TRP A 441 12.60 -21.38 24.99
N TYR A 442 11.97 -20.67 25.93
CA TYR A 442 11.23 -19.46 25.59
C TYR A 442 12.14 -18.45 24.94
N VAL A 443 13.20 -18.07 25.63
CA VAL A 443 14.12 -17.06 25.10
C VAL A 443 14.59 -17.47 23.68
N ASP A 444 14.97 -18.74 23.54
CA ASP A 444 15.40 -19.28 22.26
C ASP A 444 14.35 -19.13 21.17
N THR A 445 13.14 -19.60 21.46
CA THR A 445 12.05 -19.58 20.50
C THR A 445 11.82 -18.16 19.98
N ILE A 446 11.66 -17.21 20.90
CA ILE A 446 11.50 -15.79 20.55
C ILE A 446 12.66 -15.30 19.66
N LEU A 447 13.91 -15.61 20.02
CA LEU A 447 15.08 -15.20 19.23
C LEU A 447 15.19 -15.87 17.87
N ASN A 448 14.58 -17.04 17.70
CA ASN A 448 14.47 -17.69 16.39
C ASN A 448 13.44 -16.93 15.52
N LEU A 449 12.25 -16.71 16.08
CA LEU A 449 11.23 -15.86 15.47
C LEU A 449 11.80 -14.53 14.98
N ILE A 450 12.79 -13.98 15.69
CA ILE A 450 13.46 -12.76 15.24
C ILE A 450 14.38 -13.00 14.05
N ARG A 451 15.34 -13.91 14.14
CA ARG A 451 16.21 -14.14 12.96
C ARG A 451 15.40 -14.64 11.74
N ILE A 452 14.35 -15.45 11.96
CA ILE A 452 13.48 -15.94 10.86
C ILE A 452 12.55 -14.84 10.29
N ALA A 453 11.48 -14.50 11.01
CA ALA A 453 10.60 -13.39 10.62
C ALA A 453 11.31 -12.09 11.00
N GLY A 454 11.03 -11.54 12.18
CA GLY A 454 11.77 -10.37 12.64
C GLY A 454 11.18 -9.12 12.04
N ASP A 455 11.28 -9.02 10.72
CA ASP A 455 10.41 -8.11 9.97
C ASP A 455 8.98 -8.26 10.45
N TYR A 456 8.50 -9.50 10.56
CA TYR A 456 7.11 -9.76 10.90
C TYR A 456 6.97 -10.11 12.38
N VAL A 457 7.83 -9.57 13.24
CA VAL A 457 7.74 -9.84 14.68
C VAL A 457 6.53 -9.12 15.33
N SER A 458 6.64 -7.81 15.60
CA SER A 458 5.68 -7.03 16.42
C SER A 458 6.36 -6.50 17.65
N GLU A 459 6.06 -5.25 17.99
CA GLU A 459 6.49 -4.61 19.26
C GLU A 459 6.14 -5.42 20.51
N GLU A 460 4.92 -5.91 20.54
CA GLU A 460 4.39 -6.57 21.73
C GLU A 460 5.18 -7.83 22.05
N VAL A 461 5.62 -8.52 21.01
CA VAL A 461 6.42 -9.74 21.17
C VAL A 461 7.76 -9.47 21.85
N TRP A 462 8.55 -8.58 21.28
CA TRP A 462 9.85 -8.27 21.87
C TRP A 462 9.73 -7.49 23.20
N TYR A 463 8.66 -6.76 23.39
CA TYR A 463 8.35 -6.21 24.72
C TYR A 463 8.21 -7.30 25.78
N ARG A 464 7.53 -8.39 25.43
CA ARG A 464 7.26 -9.41 26.42
C ARG A 464 8.50 -10.19 26.83
N VAL A 465 9.35 -10.59 25.87
CA VAL A 465 10.55 -11.36 26.23
C VAL A 465 11.44 -10.62 27.25
N ILE A 466 11.53 -9.29 27.15
CA ILE A 466 12.27 -8.52 28.10
C ILE A 466 11.52 -8.52 29.42
N GLN A 467 10.21 -8.37 29.40
CA GLN A 467 9.45 -8.40 30.67
C GLN A 467 9.68 -9.71 31.44
N ILE A 468 9.50 -10.82 30.72
CA ILE A 468 9.78 -12.14 31.25
C ILE A 468 11.22 -12.19 31.76
N VAL A 469 12.20 -12.05 30.86
CA VAL A 469 13.61 -12.13 31.23
C VAL A 469 13.92 -11.39 32.54
N ILE A 470 13.48 -10.13 32.69
CA ILE A 470 13.81 -9.40 33.92
C ILE A 470 13.02 -9.95 35.11
N ASN A 471 11.81 -10.42 34.87
CA ASN A 471 11.01 -11.07 35.93
C ASN A 471 11.42 -12.49 36.37
N ARG A 472 12.18 -13.23 35.56
CA ARG A 472 12.45 -14.67 35.82
C ARG A 472 13.73 -15.03 36.61
N ASP A 473 14.69 -14.12 36.70
CA ASP A 473 15.93 -14.32 37.50
C ASP A 473 16.86 -15.33 36.85
N ASP A 474 16.62 -16.61 37.06
CA ASP A 474 17.49 -17.68 36.52
C ASP A 474 17.86 -17.56 35.02
N VAL A 475 16.89 -17.19 34.16
CA VAL A 475 17.18 -17.02 32.69
C VAL A 475 18.05 -15.85 32.29
N GLN A 476 18.40 -14.97 33.24
CA GLN A 476 19.15 -13.74 32.93
C GLN A 476 20.54 -14.04 32.39
N GLY A 477 21.25 -14.96 33.02
CA GLY A 477 22.54 -15.40 32.49
C GLY A 477 22.46 -15.94 31.08
N TYR A 478 21.53 -16.87 30.87
CA TYR A 478 21.32 -17.45 29.56
C TYR A 478 21.02 -16.35 28.59
N ALA A 479 20.05 -15.50 28.93
CA ALA A 479 19.61 -14.42 28.04
C ALA A 479 20.83 -13.64 27.58
N ALA A 480 21.60 -13.10 28.52
CA ALA A 480 22.76 -12.31 28.17
C ALA A 480 23.77 -13.07 27.30
N LYS A 481 23.99 -14.34 27.56
CA LYS A 481 24.95 -15.09 26.73
C LYS A 481 24.43 -15.31 25.34
N THR A 482 23.16 -15.71 25.23
CA THR A 482 22.58 -16.13 23.97
C THR A 482 22.47 -14.93 23.06
N VAL A 483 21.85 -13.88 23.60
CA VAL A 483 21.82 -12.53 23.00
C VAL A 483 23.19 -12.04 22.49
N PHE A 484 24.18 -11.98 23.38
CA PHE A 484 25.53 -11.53 23.04
C PHE A 484 26.09 -12.34 21.86
N GLU A 485 25.97 -13.66 21.97
CA GLU A 485 26.48 -14.59 20.96
C GLU A 485 25.77 -14.47 19.62
N ALA A 486 24.51 -14.07 19.63
CA ALA A 486 23.73 -13.91 18.39
C ALA A 486 23.92 -12.56 17.75
N LEU A 487 24.18 -11.53 18.55
CA LEU A 487 24.62 -10.25 18.00
C LEU A 487 25.95 -10.35 17.27
N GLN A 488 26.73 -11.37 17.58
CA GLN A 488 28.02 -11.60 16.92
C GLN A 488 27.86 -11.95 15.44
N ALA A 489 26.75 -12.59 15.06
CA ALA A 489 26.52 -12.95 13.64
C ALA A 489 26.33 -11.66 12.86
N PRO A 490 27.00 -11.53 11.70
CA PRO A 490 26.83 -10.26 10.99
C PRO A 490 25.48 -10.17 10.27
N ALA A 491 24.80 -11.32 10.10
CA ALA A 491 23.47 -11.45 9.45
C ALA A 491 22.28 -10.69 10.12
N CYS A 492 22.58 -9.80 11.05
CA CYS A 492 21.77 -9.65 12.25
C CYS A 492 20.62 -8.62 12.14
N HIS A 493 19.41 -9.03 12.52
CA HIS A 493 18.18 -8.20 12.35
C HIS A 493 17.97 -7.15 13.47
N GLU A 494 17.36 -6.02 13.14
CA GLU A 494 17.34 -4.91 14.09
C GLU A 494 16.67 -5.20 15.43
N ASN A 495 15.51 -5.85 15.44
CA ASN A 495 14.85 -6.28 16.70
C ASN A 495 15.72 -7.10 17.71
N LEU A 496 16.69 -7.85 17.19
CA LEU A 496 17.72 -8.43 18.06
C LEU A 496 18.60 -7.34 18.71
N VAL A 497 18.91 -6.26 18.00
CA VAL A 497 19.64 -5.16 18.60
C VAL A 497 18.83 -4.46 19.69
N LYS A 498 17.52 -4.44 19.56
CA LYS A 498 16.67 -3.86 20.60
C LYS A 498 16.66 -4.73 21.83
N VAL A 499 16.38 -6.02 21.62
CA VAL A 499 16.33 -6.98 22.72
C VAL A 499 17.70 -7.06 23.42
N GLY A 500 18.73 -7.32 22.64
CA GLY A 500 20.08 -7.42 23.15
C GLY A 500 20.67 -6.18 23.80
N GLY A 501 20.29 -5.03 23.28
CA GLY A 501 20.63 -3.77 23.91
C GLY A 501 20.06 -3.68 25.30
N TYR A 502 18.75 -3.91 25.44
CA TYR A 502 18.13 -3.74 26.75
C TYR A 502 18.62 -4.79 27.71
N ILE A 503 18.81 -6.00 27.20
CA ILE A 503 19.26 -7.13 28.03
C ILE A 503 20.69 -6.95 28.54
N LEU A 504 21.64 -6.59 27.68
CA LEU A 504 23.01 -6.29 28.17
C LEU A 504 23.08 -5.04 29.07
N GLY A 505 22.15 -4.11 28.86
CA GLY A 505 22.01 -2.99 29.77
C GLY A 505 21.74 -3.43 31.19
N GLU A 506 20.83 -4.41 31.35
CA GLU A 506 20.45 -4.91 32.66
C GLU A 506 21.34 -6.03 33.18
N PHE A 507 21.76 -6.93 32.30
CA PHE A 507 22.42 -8.16 32.73
C PHE A 507 23.78 -8.45 32.07
N GLY A 508 24.40 -7.49 31.41
CA GLY A 508 25.76 -7.68 30.86
C GLY A 508 26.81 -7.89 31.94
N ASN A 509 26.50 -7.43 33.16
CA ASN A 509 27.30 -7.73 34.36
C ASN A 509 27.42 -9.22 34.60
N LEU A 510 26.40 -9.99 34.27
CA LEU A 510 26.43 -11.44 34.41
C LEU A 510 27.26 -12.16 33.33
N ILE A 511 27.86 -11.43 32.41
CA ILE A 511 28.70 -12.09 31.41
C ILE A 511 30.06 -11.42 31.21
N ALA A 512 30.36 -10.42 32.04
CA ALA A 512 31.58 -9.63 31.90
C ALA A 512 32.77 -10.33 32.55
N GLY A 513 32.51 -11.46 33.24
CA GLY A 513 33.55 -12.34 33.72
C GLY A 513 34.42 -12.79 32.56
N ASP A 514 33.78 -13.35 31.55
CA ASP A 514 34.49 -13.98 30.43
C ASP A 514 35.26 -12.93 29.63
N PRO A 515 36.54 -13.18 29.33
CA PRO A 515 37.30 -12.24 28.48
C PRO A 515 36.74 -12.06 27.06
N ARG A 516 36.08 -13.11 26.52
CA ARG A 516 35.43 -13.01 25.21
C ARG A 516 34.21 -12.03 25.27
N SER A 517 33.58 -11.86 26.44
CA SER A 517 32.43 -10.97 26.59
C SER A 517 32.63 -9.89 27.64
N SER A 518 33.76 -9.18 27.51
CA SER A 518 34.12 -8.09 28.44
C SER A 518 33.15 -6.91 28.33
N PRO A 519 33.27 -5.91 29.22
CA PRO A 519 32.49 -4.69 29.04
C PRO A 519 32.82 -4.00 27.74
N LEU A 520 34.12 -3.78 27.50
CA LEU A 520 34.55 -3.16 26.26
C LEU A 520 34.10 -3.96 25.01
N ILE A 521 34.14 -5.28 25.07
CA ILE A 521 33.75 -6.13 23.92
C ILE A 521 32.24 -6.00 23.68
N GLN A 522 31.46 -5.97 24.77
CA GLN A 522 30.00 -5.77 24.68
C GLN A 522 29.61 -4.41 24.08
N PHE A 523 30.27 -3.35 24.54
CA PHE A 523 29.99 -1.99 24.07
C PHE A 523 30.41 -1.83 22.64
N ASN A 524 31.67 -2.16 22.36
CA ASN A 524 32.18 -2.09 21.00
C ASN A 524 31.35 -2.94 20.04
N LEU A 525 30.79 -4.07 20.52
CA LEU A 525 29.85 -4.86 19.73
C LEU A 525 28.58 -4.06 19.42
N LEU A 526 27.83 -3.65 20.45
CA LEU A 526 26.64 -2.83 20.25
C LEU A 526 26.88 -1.58 19.38
N HIS A 527 28.03 -0.93 19.51
CA HIS A 527 28.28 0.29 18.75
C HIS A 527 28.61 0.04 17.27
N SER A 528 28.88 -1.20 16.89
CA SER A 528 28.89 -1.57 15.45
C SER A 528 27.50 -1.39 14.84
N LYS A 529 26.45 -1.59 15.64
CA LYS A 529 25.09 -1.51 15.15
C LYS A 529 24.49 -0.11 15.28
N PHE A 530 25.17 0.82 15.96
CA PHE A 530 24.53 2.09 16.35
C PHE A 530 24.12 2.90 15.13
N HIS A 531 25.07 3.13 14.23
CA HIS A 531 24.80 3.88 12.99
C HIS A 531 23.88 3.17 11.97
N LEU A 532 23.94 1.84 11.95
CA LEU A 532 23.06 1.04 11.10
C LEU A 532 21.60 0.99 11.53
N CYS A 533 21.29 1.32 12.77
CA CYS A 533 19.94 1.14 13.31
C CYS A 533 19.14 2.43 13.24
N SER A 534 17.84 2.32 13.47
CA SER A 534 16.86 3.42 13.46
C SER A 534 16.98 4.33 14.66
N VAL A 535 16.21 5.42 14.70
CA VAL A 535 16.23 6.33 15.88
C VAL A 535 15.77 5.74 17.20
N PRO A 536 14.61 5.07 17.22
CA PRO A 536 14.19 4.47 18.49
C PRO A 536 15.24 3.48 19.04
N THR A 537 15.79 2.66 18.17
CA THR A 537 16.86 1.78 18.53
C THR A 537 18.11 2.50 19.01
N ARG A 538 18.47 3.60 18.38
CA ARG A 538 19.62 4.39 18.84
C ARG A 538 19.38 5.04 20.21
N ALA A 539 18.14 5.44 20.44
CA ALA A 539 17.76 5.95 21.75
C ALA A 539 17.92 4.87 22.82
N LEU A 540 17.54 3.64 22.45
CA LEU A 540 17.71 2.46 23.32
C LEU A 540 19.17 2.21 23.63
N LEU A 541 19.97 2.10 22.58
CA LEU A 541 21.41 1.91 22.76
C LEU A 541 22.06 3.00 23.63
N LEU A 542 21.49 4.22 23.62
CA LEU A 542 21.98 5.26 24.52
C LEU A 542 21.63 5.02 26.01
N SER A 543 20.39 4.64 26.32
CA SER A 543 20.06 4.17 27.68
C SER A 543 21.10 3.10 28.07
N THR A 544 21.20 2.10 27.21
CA THR A 544 22.05 0.94 27.44
C THR A 544 23.53 1.29 27.63
N TYR A 545 24.00 2.32 26.93
CA TYR A 545 25.40 2.81 27.09
C TYR A 545 25.73 3.47 28.44
N ILE A 546 24.81 4.26 29.00
CA ILE A 546 25.10 4.81 30.32
C ILE A 546 24.84 3.79 31.43
N LYS A 547 23.87 2.89 31.24
CA LYS A 547 23.77 1.72 32.11
C LYS A 547 25.13 1.00 32.26
N PHE A 548 25.90 0.90 31.17
CA PHE A 548 27.30 0.37 31.17
C PHE A 548 28.28 1.27 31.91
N VAL A 549 28.18 2.57 31.72
CA VAL A 549 29.03 3.50 32.48
C VAL A 549 28.90 3.27 34.00
N ASN A 550 27.70 3.01 34.48
CA ASN A 550 27.51 2.60 35.88
C ASN A 550 28.17 1.26 36.14
N LEU A 551 27.74 0.25 35.39
CA LEU A 551 28.18 -1.15 35.59
C LEU A 551 29.66 -1.39 35.44
N PHE A 552 30.34 -0.65 34.58
CA PHE A 552 31.73 -0.99 34.23
C PHE A 552 32.58 0.28 34.15
N PRO A 553 33.03 0.80 35.30
CA PRO A 553 33.73 2.10 35.23
C PRO A 553 35.01 2.08 34.38
N GLU A 554 35.56 0.88 34.18
CA GLU A 554 36.68 0.66 33.24
C GLU A 554 36.47 1.23 31.85
N VAL A 555 35.23 1.21 31.37
CA VAL A 555 34.88 1.57 30.00
C VAL A 555 34.38 3.04 29.85
N LYS A 556 34.06 3.68 30.98
CA LYS A 556 33.52 5.07 31.01
C LYS A 556 34.26 6.10 30.16
N ALA A 557 35.57 5.96 30.02
CA ALA A 557 36.35 6.83 29.14
C ALA A 557 35.85 6.73 27.72
N THR A 558 35.84 5.49 27.20
CA THR A 558 35.41 5.20 25.86
C THR A 558 33.98 5.68 25.60
N ILE A 559 33.07 5.36 26.52
CA ILE A 559 31.66 5.71 26.33
C ILE A 559 31.43 7.22 26.40
N GLN A 560 32.18 7.91 27.25
CA GLN A 560 32.08 9.36 27.30
C GLN A 560 32.56 10.05 26.04
N ASP A 561 33.56 9.47 25.36
CA ASP A 561 33.99 10.03 24.07
C ASP A 561 32.91 9.90 23.00
N VAL A 562 32.15 8.82 23.07
CA VAL A 562 31.02 8.64 22.16
C VAL A 562 29.82 9.53 22.48
N LEU A 563 29.56 9.76 23.75
CA LEU A 563 28.49 10.67 24.14
C LEU A 563 28.87 12.14 23.90
N ARG A 564 30.16 12.48 23.94
CA ARG A 564 30.59 13.85 23.69
C ARG A 564 30.73 14.17 22.21
N SER A 565 30.74 13.14 21.36
CA SER A 565 30.86 13.35 19.91
C SER A 565 29.88 14.38 19.38
N ASP A 566 30.28 15.09 18.32
CA ASP A 566 29.41 16.11 17.71
C ASP A 566 28.12 15.48 17.19
N SER A 567 28.22 14.32 16.55
CA SER A 567 27.03 13.59 16.06
C SER A 567 25.97 13.30 17.14
N GLN A 568 26.42 13.08 18.37
CA GLN A 568 25.52 12.77 19.49
C GLN A 568 24.91 13.99 20.15
N LEU A 569 25.74 14.97 20.49
CA LEU A 569 25.28 16.19 21.20
C LEU A 569 24.53 17.20 20.31
N LYS A 570 24.87 17.26 19.03
CA LYS A 570 24.17 18.14 18.08
C LYS A 570 23.14 17.37 17.24
N ASN A 571 22.81 16.13 17.64
CA ASN A 571 21.92 15.28 16.85
C ASN A 571 20.65 16.05 16.55
N ALA A 572 20.30 16.06 15.27
CA ALA A 572 19.13 16.75 14.81
C ALA A 572 17.82 16.19 15.37
N ASP A 573 17.83 14.96 15.92
CA ASP A 573 16.67 14.42 16.63
C ASP A 573 16.72 14.86 18.07
N VAL A 574 15.54 15.16 18.65
CA VAL A 574 15.49 15.72 20.00
C VAL A 574 15.79 14.67 21.07
N GLU A 575 15.09 13.51 21.06
CA GLU A 575 15.35 12.49 22.10
C GLU A 575 16.81 12.16 22.05
N LEU A 576 17.34 11.81 20.88
CA LEU A 576 18.75 11.44 20.80
C LEU A 576 19.74 12.44 21.39
N GLN A 577 19.47 13.75 21.28
CA GLN A 577 20.37 14.75 21.86
C GLN A 577 20.04 14.95 23.34
N GLN A 578 18.77 14.75 23.70
CA GLN A 578 18.35 14.90 25.08
C GLN A 578 18.95 13.81 25.91
N ARG A 579 18.83 12.58 25.42
CA ARG A 579 19.42 11.43 26.09
C ARG A 579 20.94 11.56 26.10
N ALA A 580 21.52 11.88 24.96
CA ALA A 580 22.99 12.02 24.90
C ALA A 580 23.50 13.07 25.88
N VAL A 581 22.75 14.14 26.11
CA VAL A 581 23.18 15.18 27.02
C VAL A 581 22.87 14.80 28.47
N GLU A 582 21.67 14.32 28.75
CA GLU A 582 21.33 13.89 30.13
C GLU A 582 22.29 12.85 30.66
N TYR A 583 22.54 11.81 29.87
CA TYR A 583 23.49 10.77 30.22
C TYR A 583 24.95 11.25 30.24
N LEU A 584 25.32 12.18 29.35
CA LEU A 584 26.65 12.76 29.43
C LEU A 584 26.78 13.53 30.71
N ARG A 585 25.86 14.46 31.00
CA ARG A 585 25.95 15.31 32.22
C ARG A 585 25.87 14.47 33.51
N LEU A 586 25.16 13.36 33.50
CA LEU A 586 25.19 12.42 34.63
C LEU A 586 26.58 11.81 34.84
N SER A 587 27.21 11.34 33.77
CA SER A 587 28.53 10.71 33.90
C SER A 587 29.62 11.73 34.28
N THR A 588 29.53 12.94 33.70
CA THR A 588 30.41 14.08 33.99
C THR A 588 30.22 14.57 35.41
N VAL A 589 29.03 15.09 35.67
CA VAL A 589 28.69 15.81 36.90
C VAL A 589 28.10 14.71 37.81
N ALA A 590 27.14 15.04 38.67
CA ALA A 590 26.58 14.09 39.61
C ALA A 590 27.69 13.53 40.54
N SER A 591 27.49 12.31 41.06
CA SER A 591 28.45 11.64 41.93
C SER A 591 28.29 10.14 41.69
N THR A 592 29.25 9.35 42.20
CA THR A 592 29.19 7.91 42.13
C THR A 592 27.78 7.46 42.53
N ASP A 593 27.39 7.77 43.77
CA ASP A 593 26.13 7.28 44.30
C ASP A 593 24.88 7.95 43.67
N ILE A 594 24.93 9.20 43.20
CA ILE A 594 23.73 9.76 42.50
C ILE A 594 23.57 9.12 41.12
N LEU A 595 24.67 8.80 40.43
CA LEU A 595 24.57 7.98 39.21
C LEU A 595 23.89 6.66 39.56
N ALA A 596 24.51 5.90 40.47
CA ALA A 596 24.08 4.52 40.67
C ALA A 596 22.73 4.36 41.36
N THR A 597 22.19 5.45 41.93
CA THR A 597 20.78 5.43 42.37
C THR A 597 19.86 5.44 41.17
N VAL A 598 20.19 6.36 40.25
CA VAL A 598 19.40 6.54 39.05
C VAL A 598 19.41 5.24 38.25
N LEU A 599 20.58 4.63 38.08
CA LEU A 599 20.70 3.39 37.31
C LEU A 599 20.84 2.13 38.19
N GLU A 600 19.83 1.97 39.05
CA GLU A 600 19.65 0.80 39.89
C GLU A 600 18.83 -0.26 39.18
N GLU A 601 19.04 -1.49 39.57
CA GLU A 601 18.49 -2.72 38.98
C GLU A 601 17.14 -2.82 38.19
N MET A 602 16.22 -1.88 38.34
CA MET A 602 14.92 -1.86 37.60
C MET A 602 14.00 -2.90 38.14
N PRO A 603 12.92 -2.50 38.83
CA PRO A 603 12.01 -3.46 39.45
C PRO A 603 11.35 -4.43 38.49
N PRO A 604 10.70 -5.45 39.04
CA PRO A 604 10.00 -6.38 38.17
C PRO A 604 8.75 -5.77 37.62
N PHE A 605 8.44 -6.11 36.37
CA PHE A 605 7.16 -5.73 35.77
C PHE A 605 6.00 -6.28 36.59
N PRO A 606 4.91 -5.49 36.70
CA PRO A 606 3.72 -6.03 37.34
C PRO A 606 2.98 -7.03 36.43
N GLU A 607 2.06 -7.79 37.02
CA GLU A 607 1.29 -8.81 36.31
C GLU A 607 0.21 -8.16 35.45
N ARG A 608 0.15 -8.51 34.16
CA ARG A 608 -0.76 -7.86 33.21
C ARG A 608 -1.31 -8.83 32.15
N GLU A 609 -2.33 -8.39 31.40
CA GLU A 609 -2.79 -9.10 30.18
C GLU A 609 -1.68 -9.20 29.18
N SER A 610 -1.86 -10.06 28.20
CA SER A 610 -0.93 -10.11 27.09
C SER A 610 -1.48 -9.21 25.97
N SER A 611 -0.68 -8.20 25.66
CA SER A 611 -0.91 -7.38 24.49
C SER A 611 -0.68 -8.20 23.21
N ILE A 612 0.12 -9.28 23.30
CA ILE A 612 0.23 -10.29 22.24
C ILE A 612 -1.14 -10.92 21.93
N LEU A 613 -1.85 -11.32 22.98
CA LEU A 613 -3.18 -11.88 22.83
C LEU A 613 -4.17 -10.83 22.35
N ALA A 614 -4.19 -9.69 23.02
CA ALA A 614 -5.11 -8.62 22.63
C ALA A 614 -4.89 -8.15 21.17
N LYS A 615 -3.68 -8.33 20.64
CA LYS A 615 -3.35 -8.03 19.24
C LYS A 615 -3.79 -9.14 18.25
N LEU A 616 -3.61 -10.41 18.61
CA LEU A 616 -4.19 -11.50 17.81
C LEU A 616 -5.72 -11.31 17.73
N LYS A 617 -6.34 -11.01 18.88
CA LYS A 617 -7.78 -10.81 19.00
C LYS A 617 -8.24 -9.60 18.19
N LYS A 618 -7.42 -8.55 18.19
CA LYS A 618 -7.62 -7.36 17.32
C LYS A 618 -7.65 -7.74 15.84
N LYS A 619 -6.71 -8.58 15.41
CA LYS A 619 -6.58 -8.92 14.00
C LYS A 619 -7.68 -9.80 13.37
N LYS A 620 -8.74 -10.18 14.10
CA LYS A 620 -10.00 -10.62 13.45
C LYS A 620 -11.07 -9.52 13.56
N GLY A 621 -10.91 -8.46 12.77
CA GLY A 621 -11.89 -7.35 12.75
C GLY A 621 -12.02 -6.76 11.38
N PRO B 81 11.45 -28.76 -14.36
CA PRO B 81 12.04 -29.81 -13.53
C PRO B 81 11.59 -31.26 -13.84
N ASP B 82 10.27 -31.52 -13.74
CA ASP B 82 9.68 -32.88 -13.85
C ASP B 82 9.67 -33.49 -15.29
N MET B 83 9.49 -32.64 -16.29
CA MET B 83 9.39 -33.09 -17.69
C MET B 83 10.72 -33.70 -18.19
N ALA B 84 11.84 -33.05 -17.86
CA ALA B 84 13.12 -33.27 -18.54
C ALA B 84 13.87 -34.59 -18.25
N ILE B 85 13.91 -34.99 -16.97
CA ILE B 85 14.84 -36.05 -16.47
C ILE B 85 14.80 -37.38 -17.27
N MET B 86 13.60 -37.78 -17.70
CA MET B 86 13.40 -39.08 -18.38
C MET B 86 14.19 -39.27 -19.69
N ALA B 87 14.50 -38.17 -20.38
CA ALA B 87 15.41 -38.18 -21.54
C ALA B 87 16.50 -37.11 -21.37
N VAL B 88 17.31 -37.30 -20.33
CA VAL B 88 18.59 -36.57 -20.17
C VAL B 88 19.62 -36.89 -21.26
N ASN B 89 19.49 -38.04 -21.92
CA ASN B 89 20.45 -38.49 -22.95
C ASN B 89 20.44 -37.63 -24.23
N SER B 90 19.31 -36.96 -24.50
CA SER B 90 19.19 -36.02 -25.63
C SER B 90 20.15 -34.83 -25.49
N PHE B 91 20.02 -34.08 -24.40
CA PHE B 91 20.81 -32.85 -24.18
C PHE B 91 22.33 -33.04 -23.96
N VAL B 92 22.79 -34.29 -23.75
CA VAL B 92 24.24 -34.62 -23.75
C VAL B 92 24.76 -34.90 -25.18
N LYS B 93 23.92 -35.55 -26.01
CA LYS B 93 24.24 -35.73 -27.44
C LYS B 93 24.05 -34.45 -28.27
N ASP B 94 23.26 -33.50 -27.77
CA ASP B 94 22.97 -32.25 -28.49
C ASP B 94 24.03 -31.15 -28.35
N CYS B 95 24.80 -31.16 -27.25
CA CYS B 95 25.92 -30.22 -27.07
C CYS B 95 27.21 -30.62 -27.83
N GLU B 96 27.26 -31.84 -28.38
CA GLU B 96 28.45 -32.39 -29.05
C GLU B 96 28.48 -32.23 -30.60
N ASP B 97 27.33 -32.02 -31.23
CA ASP B 97 27.21 -32.09 -32.69
C ASP B 97 27.96 -30.95 -33.42
N PRO B 98 28.11 -31.06 -34.75
CA PRO B 98 28.58 -29.90 -35.51
C PRO B 98 27.63 -28.69 -35.47
N ASN B 99 27.98 -27.63 -36.19
CA ASN B 99 27.27 -26.33 -36.17
C ASN B 99 27.50 -25.60 -34.82
N PRO B 100 28.27 -24.47 -34.83
CA PRO B 100 28.61 -23.78 -33.57
C PRO B 100 27.50 -22.93 -32.91
N LEU B 101 26.57 -22.40 -33.72
CA LEU B 101 25.43 -21.63 -33.21
C LEU B 101 24.48 -22.53 -32.41
N ILE B 102 24.10 -23.68 -32.96
CA ILE B 102 23.17 -24.63 -32.32
C ILE B 102 23.85 -25.69 -31.38
N ARG B 103 24.84 -25.25 -30.61
CA ARG B 103 25.35 -26.04 -29.47
C ARG B 103 25.03 -25.40 -28.12
N ALA B 104 24.57 -24.14 -28.12
CA ALA B 104 24.17 -23.44 -26.90
C ALA B 104 22.74 -23.76 -26.41
N LEU B 105 21.87 -24.26 -27.29
CA LEU B 105 20.47 -24.64 -26.94
C LEU B 105 20.44 -25.72 -25.86
N ALA B 106 21.20 -26.78 -26.12
CA ALA B 106 21.36 -27.89 -25.17
C ALA B 106 22.10 -27.49 -23.90
N VAL B 107 23.11 -26.64 -24.04
CA VAL B 107 23.93 -26.17 -22.92
C VAL B 107 23.13 -25.29 -21.93
N ARG B 108 22.25 -24.41 -22.43
CA ARG B 108 21.45 -23.53 -21.54
C ARG B 108 20.23 -24.21 -20.89
N THR B 109 19.61 -25.16 -21.59
CA THR B 109 18.46 -25.94 -21.06
C THR B 109 18.87 -26.93 -19.96
N MET B 110 20.02 -27.56 -20.15
CA MET B 110 20.65 -28.50 -19.19
C MET B 110 20.84 -27.87 -17.79
N GLY B 111 21.20 -26.59 -17.75
CA GLY B 111 21.37 -25.84 -16.51
C GLY B 111 20.11 -25.23 -15.91
N CYS B 112 19.01 -25.18 -16.66
CA CYS B 112 17.76 -24.54 -16.19
C CYS B 112 16.79 -25.51 -15.50
N ILE B 113 16.78 -26.78 -15.92
CA ILE B 113 16.15 -27.86 -15.13
C ILE B 113 17.08 -28.09 -13.93
N ARG B 114 16.52 -27.96 -12.73
CA ARG B 114 17.29 -27.87 -11.47
C ARG B 114 17.07 -29.11 -10.61
N VAL B 115 18.07 -30.00 -10.58
CA VAL B 115 17.99 -31.29 -9.85
C VAL B 115 19.38 -31.76 -9.38
N ASP B 116 19.41 -32.70 -8.45
CA ASP B 116 20.64 -33.44 -8.12
C ASP B 116 20.98 -34.45 -9.23
N LYS B 117 19.96 -35.18 -9.71
CA LYS B 117 20.11 -36.21 -10.76
C LYS B 117 20.82 -35.73 -12.04
N ILE B 118 20.62 -34.47 -12.40
CA ILE B 118 21.25 -33.87 -13.58
C ILE B 118 22.77 -33.67 -13.42
N THR B 119 23.26 -33.57 -12.17
CA THR B 119 24.70 -33.40 -11.91
C THR B 119 25.53 -34.64 -12.35
N GLU B 120 24.91 -35.82 -12.33
CA GLU B 120 25.48 -37.05 -12.94
C GLU B 120 25.81 -36.89 -14.44
N TYR B 121 24.99 -36.14 -15.18
CA TYR B 121 25.14 -36.00 -16.66
C TYR B 121 25.64 -34.63 -17.18
N LEU B 122 25.83 -33.64 -16.30
CA LEU B 122 26.31 -32.30 -16.73
C LEU B 122 27.82 -32.04 -16.58
N CYS B 123 28.49 -32.81 -15.71
CA CYS B 123 29.90 -32.54 -15.35
C CYS B 123 30.86 -32.46 -16.57
N GLU B 124 30.85 -33.50 -17.39
CA GLU B 124 31.81 -33.65 -18.52
C GLU B 124 31.49 -32.83 -19.80
N PRO B 125 30.18 -32.57 -20.10
CA PRO B 125 29.83 -31.56 -21.11
C PRO B 125 30.26 -30.12 -20.80
N LEU B 126 30.11 -29.70 -19.54
CA LEU B 126 30.53 -28.35 -19.10
C LEU B 126 32.05 -28.13 -19.19
N ARG B 127 32.82 -29.21 -18.98
CA ARG B 127 34.27 -29.20 -19.13
C ARG B 127 34.66 -28.86 -20.57
N LYS B 128 34.11 -29.62 -21.52
CA LYS B 128 34.45 -29.45 -22.95
C LYS B 128 33.88 -28.17 -23.62
N CYS B 129 32.73 -27.68 -23.15
CA CYS B 129 32.16 -26.43 -23.70
C CYS B 129 32.95 -25.15 -23.35
N LEU B 130 33.67 -25.15 -22.21
CA LEU B 130 34.44 -23.95 -21.76
C LEU B 130 35.68 -23.61 -22.63
N LYS B 131 36.15 -24.57 -23.42
CA LYS B 131 37.10 -24.31 -24.51
C LYS B 131 36.50 -24.83 -25.81
N ASP B 132 35.76 -23.93 -26.47
CA ASP B 132 35.09 -24.17 -27.74
C ASP B 132 35.70 -23.20 -28.76
N GLU B 133 35.96 -23.70 -29.97
CA GLU B 133 36.51 -22.89 -31.08
C GLU B 133 35.68 -21.62 -31.36
N ASP B 134 34.37 -21.72 -31.19
CA ASP B 134 33.42 -20.62 -31.33
C ASP B 134 33.18 -19.91 -29.98
N PRO B 135 33.07 -18.56 -29.96
CA PRO B 135 32.73 -17.87 -28.69
C PRO B 135 31.29 -18.09 -28.14
N TYR B 136 30.33 -18.48 -28.99
CA TYR B 136 28.91 -18.65 -28.60
C TYR B 136 28.69 -19.72 -27.53
N VAL B 137 29.39 -20.84 -27.68
CA VAL B 137 29.28 -21.96 -26.74
C VAL B 137 30.02 -21.66 -25.42
N ARG B 138 31.13 -20.92 -25.48
CA ARG B 138 31.85 -20.44 -24.27
C ARG B 138 31.07 -19.37 -23.48
N LYS B 139 30.41 -18.49 -24.21
CA LYS B 139 29.49 -17.49 -23.65
C LYS B 139 28.44 -18.17 -22.77
N THR B 140 27.74 -19.14 -23.34
CA THR B 140 26.65 -19.85 -22.66
C THR B 140 27.16 -20.76 -21.53
N ALA B 141 28.27 -21.46 -21.77
CA ALA B 141 28.87 -22.38 -20.80
C ALA B 141 29.44 -21.65 -19.57
N ALA B 142 30.00 -20.47 -19.77
CA ALA B 142 30.47 -19.62 -18.67
C ALA B 142 29.34 -19.17 -17.72
N VAL B 143 28.12 -19.05 -18.26
CA VAL B 143 26.90 -18.77 -17.46
C VAL B 143 26.44 -20.02 -16.70
N CYS B 144 26.48 -21.17 -17.37
CA CYS B 144 26.08 -22.45 -16.76
C CYS B 144 26.92 -22.86 -15.54
N VAL B 145 28.07 -22.22 -15.36
CA VAL B 145 28.84 -22.29 -14.11
C VAL B 145 27.99 -21.74 -12.94
N ALA B 146 27.59 -20.48 -13.04
CA ALA B 146 26.75 -19.85 -12.01
C ALA B 146 25.33 -20.45 -11.91
N LYS B 147 24.84 -21.09 -12.98
CA LYS B 147 23.61 -21.90 -12.91
C LYS B 147 23.82 -23.09 -11.97
N LEU B 148 24.89 -23.85 -12.22
CA LEU B 148 25.26 -25.00 -11.38
C LEU B 148 25.57 -24.60 -9.94
N HIS B 149 26.07 -23.39 -9.73
CA HIS B 149 26.35 -22.94 -8.35
C HIS B 149 25.10 -22.85 -7.46
N ASP B 150 23.93 -22.71 -8.07
CA ASP B 150 22.66 -22.73 -7.33
C ASP B 150 22.25 -24.14 -6.85
N ILE B 151 22.75 -25.21 -7.50
CA ILE B 151 22.31 -26.60 -7.23
C ILE B 151 23.49 -27.53 -6.85
N ASN B 152 23.50 -28.00 -5.60
CA ASN B 152 24.53 -28.92 -5.07
C ASN B 152 25.97 -28.49 -5.44
N ALA B 153 26.28 -27.25 -5.10
CA ALA B 153 27.53 -26.61 -5.50
C ALA B 153 28.53 -26.59 -4.35
N GLN B 154 29.25 -27.72 -4.23
CA GLN B 154 30.29 -27.91 -3.21
C GLN B 154 31.09 -29.14 -3.68
N MET B 155 31.69 -29.02 -4.88
CA MET B 155 32.32 -30.15 -5.58
C MET B 155 33.78 -29.88 -5.99
N VAL B 156 34.56 -30.96 -6.16
CA VAL B 156 35.92 -30.90 -6.76
C VAL B 156 35.85 -30.48 -8.26
N GLU B 157 34.72 -30.76 -8.91
CA GLU B 157 34.35 -30.16 -10.21
C GLU B 157 34.09 -28.64 -10.15
N ASP B 158 33.45 -28.17 -9.07
CA ASP B 158 33.23 -26.72 -8.83
C ASP B 158 34.57 -26.01 -8.51
N GLN B 159 35.47 -26.70 -7.81
CA GLN B 159 36.88 -26.24 -7.68
C GLN B 159 37.69 -26.31 -9.00
N GLY B 160 37.35 -27.25 -9.89
CA GLY B 160 37.85 -27.24 -11.28
C GLY B 160 37.32 -26.09 -12.14
N PHE B 161 36.02 -25.77 -12.01
CA PHE B 161 35.41 -24.63 -12.74
C PHE B 161 35.72 -23.24 -12.13
N LEU B 162 36.23 -23.19 -10.89
CA LEU B 162 36.86 -21.97 -10.34
C LEU B 162 38.11 -21.56 -11.17
N ASP B 163 38.90 -22.54 -11.58
CA ASP B 163 40.03 -22.32 -12.50
C ASP B 163 39.50 -22.00 -13.91
N SER B 164 38.57 -22.82 -14.39
CA SER B 164 38.06 -22.75 -15.79
C SER B 164 37.41 -21.43 -16.21
N LEU B 165 36.92 -20.66 -15.24
CA LEU B 165 36.29 -19.36 -15.51
C LEU B 165 37.27 -18.18 -15.41
N ARG B 166 38.28 -18.28 -14.53
CA ARG B 166 39.33 -17.23 -14.41
C ARG B 166 40.22 -17.16 -15.65
N ASP B 167 40.66 -18.32 -16.12
CA ASP B 167 41.40 -18.43 -17.38
C ASP B 167 40.62 -17.88 -18.58
N LEU B 168 39.29 -17.97 -18.48
CA LEU B 168 38.37 -17.39 -19.47
C LEU B 168 38.17 -15.85 -19.36
N ILE B 169 38.82 -15.17 -18.41
CA ILE B 169 38.69 -13.69 -18.27
C ILE B 169 39.67 -12.94 -19.19
N ALA B 170 40.83 -13.53 -19.48
CA ALA B 170 41.71 -13.01 -20.55
C ALA B 170 41.41 -13.78 -21.85
N ASP B 171 40.19 -13.57 -22.37
CA ASP B 171 39.65 -14.29 -23.54
C ASP B 171 39.42 -13.31 -24.69
N SER B 172 39.56 -13.81 -25.91
CA SER B 172 39.55 -13.00 -27.13
C SER B 172 38.28 -12.17 -27.35
N ASN B 173 37.11 -12.76 -27.07
CA ASN B 173 35.81 -12.12 -27.36
C ASN B 173 35.29 -11.39 -26.11
N PRO B 174 34.58 -10.23 -26.29
CA PRO B 174 34.01 -9.51 -25.13
C PRO B 174 32.78 -10.18 -24.46
N MET B 175 31.96 -10.88 -25.27
CA MET B 175 30.77 -11.60 -24.78
C MET B 175 31.05 -12.85 -23.93
N VAL B 176 32.31 -13.30 -23.92
CA VAL B 176 32.75 -14.43 -23.08
C VAL B 176 33.25 -13.92 -21.71
N VAL B 177 34.11 -12.91 -21.72
CA VAL B 177 34.71 -12.38 -20.47
C VAL B 177 33.66 -11.67 -19.62
N ALA B 178 32.70 -11.01 -20.28
CA ALA B 178 31.55 -10.39 -19.62
C ALA B 178 30.86 -11.38 -18.69
N ASN B 179 30.46 -12.52 -19.25
CA ASN B 179 29.76 -13.59 -18.51
C ASN B 179 30.62 -14.25 -17.44
N ALA B 180 31.90 -14.46 -17.74
CA ALA B 180 32.87 -15.01 -16.77
C ALA B 180 32.93 -14.17 -15.51
N VAL B 181 33.04 -12.86 -15.71
CA VAL B 181 33.06 -11.88 -14.64
C VAL B 181 31.74 -11.92 -13.82
N ALA B 182 30.60 -11.97 -14.51
CA ALA B 182 29.28 -11.99 -13.84
C ALA B 182 29.10 -13.22 -12.96
N ALA B 183 29.25 -14.39 -13.57
CA ALA B 183 29.17 -15.67 -12.87
C ALA B 183 30.11 -15.70 -11.67
N LEU B 184 31.40 -15.45 -11.90
CA LEU B 184 32.42 -15.48 -10.84
C LEU B 184 32.12 -14.52 -9.68
N SER B 185 31.63 -13.32 -9.99
CA SER B 185 31.29 -12.33 -8.97
C SER B 185 30.08 -12.75 -8.14
N GLU B 186 29.05 -13.27 -8.79
CA GLU B 186 27.88 -13.81 -8.08
C GLU B 186 28.23 -15.04 -7.22
N ILE B 187 29.17 -15.84 -7.70
CA ILE B 187 29.71 -16.98 -6.94
C ILE B 187 30.48 -16.51 -5.71
N SER B 188 31.15 -15.36 -5.79
CA SER B 188 31.83 -14.75 -4.63
C SER B 188 30.90 -14.40 -3.46
N GLU B 189 29.59 -14.37 -3.70
CA GLU B 189 28.60 -14.25 -2.61
C GLU B 189 28.38 -15.57 -1.83
N SER B 190 28.77 -16.72 -2.38
CA SER B 190 28.99 -17.93 -1.57
C SER B 190 30.37 -17.83 -0.92
N HIS B 191 30.45 -16.94 0.06
CA HIS B 191 31.71 -16.37 0.52
C HIS B 191 32.23 -17.08 1.78
N PRO B 192 33.46 -17.63 1.74
CA PRO B 192 34.18 -18.05 2.94
C PRO B 192 35.16 -16.96 3.45
N ASN B 193 34.84 -15.70 3.18
CA ASN B 193 35.75 -14.56 3.39
C ASN B 193 37.11 -14.73 2.69
N SER B 194 37.09 -15.38 1.53
CA SER B 194 38.30 -15.75 0.79
C SER B 194 37.94 -16.33 -0.58
N ASN B 195 37.37 -15.49 -1.44
CA ASN B 195 36.86 -15.93 -2.75
C ASN B 195 37.24 -14.94 -3.85
N LEU B 196 37.62 -15.48 -5.01
CA LEU B 196 38.28 -14.74 -6.09
C LEU B 196 39.13 -13.62 -5.50
N LEU B 197 40.23 -14.02 -4.85
CA LEU B 197 41.07 -13.08 -4.13
C LEU B 197 41.85 -12.25 -5.16
N ASP B 198 41.41 -11.00 -5.33
CA ASP B 198 42.10 -10.03 -6.17
C ASP B 198 43.62 -10.10 -6.01
N LEU B 199 44.28 -10.53 -7.08
CA LEU B 199 45.74 -10.63 -7.15
C LEU B 199 46.39 -9.36 -7.75
N ASN B 200 45.71 -8.21 -7.67
CA ASN B 200 46.34 -6.90 -7.84
C ASN B 200 46.84 -6.77 -9.31
N PRO B 201 48.01 -6.13 -9.62
CA PRO B 201 48.33 -5.97 -11.06
C PRO B 201 48.05 -7.12 -12.06
N GLN B 202 48.44 -8.36 -11.77
CA GLN B 202 48.17 -9.48 -12.72
C GLN B 202 46.66 -9.74 -12.94
N ASN B 203 45.87 -9.63 -11.88
CA ASN B 203 44.39 -9.73 -11.99
C ASN B 203 43.75 -8.45 -12.55
N ILE B 204 44.19 -7.29 -12.06
CA ILE B 204 43.52 -6.01 -12.34
C ILE B 204 43.89 -5.46 -13.72
N ASN B 205 45.17 -5.50 -14.11
CA ASN B 205 45.62 -4.99 -15.42
C ASN B 205 44.94 -5.73 -16.59
N LYS B 206 44.61 -7.00 -16.40
CA LYS B 206 43.79 -7.72 -17.39
C LYS B 206 42.33 -7.24 -17.40
N LEU B 207 41.77 -6.90 -16.24
CA LEU B 207 40.44 -6.26 -16.17
C LEU B 207 40.42 -4.89 -16.84
N LEU B 208 41.40 -4.04 -16.53
CA LEU B 208 41.49 -2.69 -17.10
C LEU B 208 41.92 -2.65 -18.58
N THR B 209 42.44 -3.76 -19.12
CA THR B 209 42.65 -3.91 -20.56
C THR B 209 41.39 -4.49 -21.22
N ALA B 210 40.76 -5.46 -20.56
CA ALA B 210 39.47 -6.05 -21.00
C ALA B 210 38.29 -5.08 -20.88
N LEU B 211 38.38 -4.14 -19.95
CA LEU B 211 37.32 -3.15 -19.70
C LEU B 211 37.16 -2.12 -20.84
N ASN B 212 38.24 -1.89 -21.58
CA ASN B 212 38.21 -1.01 -22.76
C ASN B 212 37.50 -1.70 -23.92
N GLU B 213 37.68 -3.03 -24.00
CA GLU B 213 37.13 -3.85 -25.06
C GLU B 213 35.66 -4.18 -24.79
N CYS B 214 35.36 -4.55 -23.54
CA CYS B 214 34.13 -5.29 -23.18
C CYS B 214 32.81 -4.70 -23.66
N THR B 215 31.84 -5.60 -23.84
CA THR B 215 30.50 -5.24 -24.30
C THR B 215 29.79 -4.31 -23.30
N GLU B 216 28.80 -3.58 -23.80
CA GLU B 216 28.02 -2.61 -23.00
C GLU B 216 27.88 -3.02 -21.52
N TRP B 217 27.39 -4.24 -21.31
CA TRP B 217 27.03 -4.74 -19.99
C TRP B 217 28.25 -5.31 -19.26
N GLY B 218 29.19 -5.87 -20.00
CA GLY B 218 30.47 -6.36 -19.45
C GLY B 218 31.18 -5.34 -18.56
N GLN B 219 31.24 -4.10 -19.07
CA GLN B 219 31.85 -2.97 -18.37
C GLN B 219 31.26 -2.80 -16.97
N ILE B 220 29.94 -2.93 -16.87
CA ILE B 220 29.23 -2.86 -15.58
C ILE B 220 29.85 -3.90 -14.64
N PHE B 221 29.80 -5.17 -15.04
CA PHE B 221 30.21 -6.28 -14.19
C PHE B 221 31.66 -6.12 -13.74
N ILE B 222 32.52 -5.68 -14.67
CA ILE B 222 33.96 -5.48 -14.37
C ILE B 222 34.19 -4.36 -13.34
N LEU B 223 33.47 -3.26 -13.50
CA LEU B 223 33.57 -2.13 -12.56
C LEU B 223 33.04 -2.51 -11.17
N ASP B 224 31.89 -3.19 -11.14
CA ASP B 224 31.29 -3.66 -9.86
C ASP B 224 32.21 -4.63 -9.09
N CYS B 225 33.11 -5.33 -9.79
CA CYS B 225 34.16 -6.13 -9.15
C CYS B 225 35.25 -5.25 -8.57
N LEU B 226 35.79 -4.36 -9.40
CA LEU B 226 36.79 -3.38 -8.96
C LEU B 226 36.44 -2.67 -7.65
N SER B 227 35.15 -2.48 -7.37
CA SER B 227 34.68 -1.83 -6.13
C SER B 227 35.06 -2.56 -4.83
N ASN B 228 35.25 -3.88 -4.93
CA ASN B 228 35.73 -4.71 -3.81
C ASN B 228 37.18 -4.30 -3.49
N TYR B 229 37.99 -4.24 -4.55
CA TYR B 229 39.44 -3.98 -4.47
C TYR B 229 39.80 -2.75 -3.66
N ASN B 230 40.87 -2.86 -2.88
CA ASN B 230 41.43 -1.74 -2.15
C ASN B 230 42.85 -1.53 -2.67
N PRO B 231 43.31 -0.28 -2.75
CA PRO B 231 44.70 0.00 -3.06
C PRO B 231 45.52 0.28 -1.79
N LYS B 232 46.84 0.38 -1.97
CA LYS B 232 47.79 0.51 -0.86
C LYS B 232 48.12 1.98 -0.63
N ASP B 233 48.57 2.63 -1.70
CA ASP B 233 49.04 4.02 -1.66
C ASP B 233 48.66 4.77 -2.95
N ASP B 234 49.21 5.97 -3.13
CA ASP B 234 48.62 7.00 -3.99
C ASP B 234 48.68 6.70 -5.49
N ARG B 235 49.84 6.28 -5.99
CA ARG B 235 49.95 5.91 -7.42
C ARG B 235 49.20 4.62 -7.75
N GLU B 236 49.00 3.75 -6.75
CA GLU B 236 48.14 2.57 -6.90
C GLU B 236 46.72 3.00 -7.21
N ALA B 237 46.20 3.95 -6.43
CA ALA B 237 44.88 4.54 -6.70
C ALA B 237 44.84 5.25 -8.05
N GLN B 238 45.85 6.07 -8.33
CA GLN B 238 45.95 6.84 -9.59
C GLN B 238 45.90 5.98 -10.87
N SER B 239 46.76 4.96 -10.97
CA SER B 239 46.84 4.18 -12.22
C SER B 239 45.61 3.30 -12.51
N ILE B 240 44.68 3.18 -11.55
CA ILE B 240 43.33 2.64 -11.80
C ILE B 240 42.39 3.77 -12.20
N CYS B 241 42.45 4.90 -11.49
CA CYS B 241 41.57 6.05 -11.77
C CYS B 241 41.73 6.67 -13.15
N GLU B 242 42.97 6.71 -13.65
CA GLU B 242 43.28 7.23 -14.98
C GLU B 242 42.75 6.34 -16.08
N ARG B 243 42.68 5.03 -15.80
CA ARG B 243 42.11 4.06 -16.73
C ARG B 243 40.60 4.23 -16.87
N VAL B 244 39.91 4.43 -15.75
CA VAL B 244 38.43 4.54 -15.73
C VAL B 244 37.95 5.96 -16.08
N THR B 245 38.75 6.98 -15.74
CA THR B 245 38.50 8.42 -16.07
C THR B 245 37.82 8.62 -17.42
N PRO B 246 38.28 7.93 -18.48
CA PRO B 246 37.45 7.88 -19.69
C PRO B 246 36.15 7.04 -19.49
N ARG B 247 35.15 7.66 -18.86
CA ARG B 247 33.79 7.11 -18.71
C ARG B 247 32.72 8.24 -18.62
N LEU B 248 32.69 9.02 -19.71
CA LEU B 248 31.56 9.84 -20.10
C LEU B 248 30.86 8.89 -21.09
N SER B 249 30.31 7.82 -20.55
CA SER B 249 30.08 6.60 -21.32
C SER B 249 28.74 6.52 -22.06
N HIS B 250 28.64 5.46 -22.85
CA HIS B 250 27.45 5.14 -23.63
C HIS B 250 26.30 4.63 -22.76
N ALA B 251 26.52 3.54 -22.00
CA ALA B 251 25.44 2.82 -21.29
C ALA B 251 25.02 3.70 -20.12
N ASN B 252 24.27 4.74 -20.52
CA ASN B 252 24.30 6.06 -19.90
C ASN B 252 24.35 6.00 -18.39
N SER B 253 23.48 5.18 -17.82
CA SER B 253 23.38 5.05 -16.39
C SER B 253 24.37 3.98 -15.95
N ALA B 254 24.15 2.76 -16.44
CA ALA B 254 24.70 1.55 -15.85
C ALA B 254 26.21 1.59 -15.74
N VAL B 255 26.86 2.03 -16.81
CA VAL B 255 28.31 2.16 -16.81
C VAL B 255 28.72 3.31 -15.90
N VAL B 256 28.22 4.50 -16.21
CA VAL B 256 28.73 5.74 -15.62
C VAL B 256 28.66 5.68 -14.12
N LEU B 257 27.51 5.27 -13.59
CA LEU B 257 27.33 5.19 -12.13
C LEU B 257 28.30 4.20 -11.48
N SER B 258 28.54 3.06 -12.13
CA SER B 258 29.54 2.13 -11.62
C SER B 258 30.97 2.70 -11.68
N ALA B 259 31.26 3.54 -12.67
CA ALA B 259 32.56 4.24 -12.77
C ALA B 259 32.73 5.28 -11.66
N VAL B 260 31.62 5.97 -11.36
CA VAL B 260 31.55 6.90 -10.23
C VAL B 260 31.88 6.13 -8.93
N LYS B 261 31.28 4.95 -8.76
CA LYS B 261 31.50 4.10 -7.57
C LYS B 261 32.98 3.80 -7.35
N VAL B 262 33.67 3.48 -8.45
CA VAL B 262 35.11 3.23 -8.41
C VAL B 262 35.86 4.52 -8.08
N LEU B 263 35.58 5.58 -8.84
CA LEU B 263 36.31 6.84 -8.69
C LEU B 263 36.09 7.53 -7.34
N MET B 264 34.95 7.24 -6.70
CA MET B 264 34.60 7.80 -5.40
C MET B 264 35.16 7.01 -4.21
N LYS B 265 35.36 5.71 -4.36
CA LYS B 265 36.09 4.93 -3.34
C LYS B 265 37.57 5.33 -3.38
N PHE B 266 38.17 5.33 -4.57
CA PHE B 266 39.59 5.67 -4.71
C PHE B 266 39.74 7.20 -4.64
N LEU B 267 39.45 7.73 -3.47
CA LEU B 267 39.42 9.18 -3.26
C LEU B 267 39.88 9.42 -1.82
N GLU B 268 41.19 9.22 -1.69
CA GLU B 268 41.94 9.42 -0.46
C GLU B 268 43.41 9.83 -0.77
N LEU B 269 43.64 10.36 -1.98
CA LEU B 269 44.97 10.36 -2.63
C LEU B 269 45.65 11.75 -2.52
N LEU B 270 46.29 11.96 -1.37
CA LEU B 270 46.59 13.30 -0.85
C LEU B 270 45.23 14.02 -0.84
N PRO B 271 44.50 14.01 0.31
CA PRO B 271 43.08 14.43 0.42
C PRO B 271 42.68 15.65 -0.44
N LYS B 272 43.62 16.57 -0.65
CA LYS B 272 43.73 17.33 -1.89
C LYS B 272 45.23 17.42 -2.22
N ASP B 273 45.60 17.01 -3.41
CA ASP B 273 46.98 17.11 -3.86
C ASP B 273 47.16 18.47 -4.55
N SER B 274 48.22 18.61 -5.35
CA SER B 274 48.33 19.72 -6.29
C SER B 274 47.22 19.62 -7.36
N ASP B 275 47.29 18.60 -8.22
CA ASP B 275 46.57 18.60 -9.50
C ASP B 275 45.56 17.46 -9.77
N TYR B 276 45.84 16.22 -9.34
CA TYR B 276 44.93 15.09 -9.71
C TYR B 276 43.55 15.07 -9.03
N TYR B 277 43.52 15.27 -7.71
CA TYR B 277 42.26 15.44 -6.98
C TYR B 277 41.51 16.64 -7.60
N ASN B 278 42.14 17.81 -7.60
CA ASN B 278 41.53 19.06 -8.08
C ASN B 278 41.12 19.07 -9.57
N MET B 279 41.50 18.05 -10.34
CA MET B 279 40.94 17.84 -11.69
C MET B 279 39.96 16.64 -11.78
N LEU B 280 40.09 15.65 -10.90
CA LEU B 280 39.15 14.51 -10.86
C LEU B 280 37.73 14.94 -10.47
N LEU B 281 37.62 15.89 -9.55
CA LEU B 281 36.32 16.47 -9.18
C LEU B 281 35.80 17.44 -10.24
N LYS B 282 36.71 18.04 -11.01
CA LYS B 282 36.31 18.75 -12.21
C LYS B 282 35.69 17.81 -13.25
N LYS B 283 36.29 16.63 -13.41
CA LYS B 283 35.77 15.64 -14.37
C LYS B 283 34.60 14.79 -13.84
N LEU B 284 34.37 14.79 -12.53
CA LEU B 284 33.22 14.07 -11.96
C LEU B 284 31.90 14.84 -12.10
N ALA B 285 31.94 16.15 -12.33
CA ALA B 285 30.71 16.96 -12.38
C ALA B 285 29.90 16.76 -13.68
N PRO B 286 30.51 16.95 -14.87
CA PRO B 286 29.77 16.85 -16.13
C PRO B 286 28.96 15.56 -16.36
N PRO B 287 29.54 14.36 -16.13
CA PRO B 287 28.76 13.14 -16.41
C PRO B 287 27.68 12.84 -15.35
N LEU B 288 27.82 13.38 -14.14
CA LEU B 288 26.72 13.35 -13.18
C LEU B 288 25.54 14.19 -13.68
N VAL B 289 25.83 15.44 -14.06
CA VAL B 289 24.79 16.35 -14.58
C VAL B 289 24.06 15.80 -15.79
N THR B 290 24.81 15.27 -16.76
CA THR B 290 24.21 14.80 -18.02
C THR B 290 23.45 13.46 -17.91
N LEU B 291 23.57 12.79 -16.75
CA LEU B 291 22.65 11.69 -16.37
C LEU B 291 21.19 12.12 -16.26
N LEU B 292 20.95 13.40 -15.99
CA LEU B 292 19.59 13.92 -15.81
C LEU B 292 18.82 14.03 -17.13
N SER B 293 19.52 13.91 -18.28
CA SER B 293 18.85 13.93 -19.58
C SER B 293 18.50 12.54 -20.14
N GLY B 294 18.69 11.49 -19.36
CA GLY B 294 18.14 10.16 -19.69
C GLY B 294 16.65 10.07 -19.38
N GLU B 295 16.13 8.85 -19.39
CA GLU B 295 14.73 8.62 -19.04
C GLU B 295 14.41 9.05 -17.61
N PRO B 296 13.11 9.09 -17.23
CA PRO B 296 12.70 9.39 -15.84
C PRO B 296 13.15 8.39 -14.76
N GLU B 297 13.20 7.12 -15.10
CA GLU B 297 13.54 6.12 -14.09
C GLU B 297 15.04 6.16 -13.76
N VAL B 298 15.90 6.43 -14.73
CA VAL B 298 17.32 6.63 -14.43
C VAL B 298 17.65 8.04 -14.00
N GLN B 299 16.77 8.99 -14.29
CA GLN B 299 16.86 10.31 -13.66
C GLN B 299 16.79 10.11 -12.15
N TYR B 300 15.79 9.33 -11.73
CA TYR B 300 15.52 9.00 -10.33
C TYR B 300 16.71 8.29 -9.70
N VAL B 301 17.17 7.22 -10.34
CA VAL B 301 18.33 6.47 -9.86
C VAL B 301 19.56 7.36 -9.71
N ALA B 302 19.82 8.17 -10.73
CA ALA B 302 20.95 9.09 -10.70
C ALA B 302 20.79 10.13 -9.59
N LEU B 303 19.58 10.65 -9.40
CA LEU B 303 19.33 11.63 -8.32
C LEU B 303 19.46 11.06 -6.88
N ARG B 304 19.06 9.80 -6.67
CA ARG B 304 19.28 9.14 -5.38
C ARG B 304 20.77 8.99 -5.11
N ASN B 305 21.53 8.72 -6.16
CA ASN B 305 22.98 8.62 -6.04
C ASN B 305 23.68 9.95 -5.84
N ILE B 306 23.26 10.93 -6.61
CA ILE B 306 23.74 12.29 -6.47
C ILE B 306 23.44 12.81 -5.07
N ASN B 307 22.33 12.41 -4.47
CA ASN B 307 22.02 12.85 -3.09
C ASN B 307 23.13 12.42 -2.11
N LEU B 308 23.65 11.20 -2.29
CA LEU B 308 24.78 10.69 -1.47
C LEU B 308 26.08 11.38 -1.86
N ILE B 309 26.36 11.47 -3.16
CA ILE B 309 27.60 12.06 -3.65
C ILE B 309 27.74 13.50 -3.19
N VAL B 310 26.63 14.23 -3.11
CA VAL B 310 26.61 15.61 -2.63
C VAL B 310 26.87 15.70 -1.11
N GLN B 311 26.44 14.68 -0.36
CA GLN B 311 26.71 14.65 1.09
C GLN B 311 28.19 14.45 1.36
N LYS B 312 28.76 13.42 0.76
CA LYS B 312 30.15 13.01 0.99
C LYS B 312 31.16 14.06 0.48
N ARG B 313 31.13 14.35 -0.83
CA ARG B 313 31.92 15.44 -1.42
C ARG B 313 30.96 16.41 -2.12
N PRO B 314 30.58 17.51 -1.44
CA PRO B 314 29.73 18.56 -2.04
C PRO B 314 30.48 19.51 -2.96
N GLU B 315 31.82 19.48 -2.89
CA GLU B 315 32.72 20.28 -3.71
C GLU B 315 32.58 19.98 -5.21
N ILE B 316 32.17 18.75 -5.53
CA ILE B 316 32.01 18.26 -6.90
C ILE B 316 30.97 19.07 -7.68
N LEU B 317 29.80 19.26 -7.04
CA LEU B 317 28.61 19.86 -7.67
C LEU B 317 28.28 21.22 -7.08
N LYS B 318 29.28 21.95 -6.60
CA LYS B 318 29.08 23.19 -5.80
C LYS B 318 28.16 24.20 -6.52
N GLN B 319 28.52 24.59 -7.75
CA GLN B 319 27.79 25.64 -8.49
C GLN B 319 26.73 25.15 -9.49
N GLU B 320 26.56 23.83 -9.61
CA GLU B 320 25.54 23.27 -10.51
C GLU B 320 24.11 23.29 -9.95
N ILE B 321 23.90 23.85 -8.74
CA ILE B 321 22.56 24.18 -8.18
C ILE B 321 21.47 24.52 -9.23
N LYS B 322 21.85 25.29 -10.24
CA LYS B 322 20.90 25.72 -11.26
C LYS B 322 20.29 24.58 -12.10
N VAL B 323 20.97 23.45 -12.19
CA VAL B 323 20.48 22.26 -12.92
C VAL B 323 19.39 21.53 -12.18
N PHE B 324 19.46 21.52 -10.87
CA PHE B 324 18.51 20.76 -10.04
C PHE B 324 17.25 21.56 -9.65
N PHE B 325 17.12 22.78 -10.17
CA PHE B 325 15.82 23.46 -10.17
C PHE B 325 14.78 22.61 -10.91
N VAL B 326 13.58 22.56 -10.33
CA VAL B 326 12.58 21.57 -10.72
C VAL B 326 11.86 21.96 -11.98
N LYS B 327 12.00 21.13 -13.00
CA LYS B 327 11.38 21.46 -14.29
C LYS B 327 9.91 21.05 -14.25
N TYR B 328 9.08 21.82 -14.98
CA TYR B 328 7.62 21.83 -14.79
C TYR B 328 6.95 20.45 -14.90
N ASN B 329 7.21 19.73 -15.99
CA ASN B 329 6.59 18.40 -16.16
C ASN B 329 7.48 17.22 -15.69
N ASP B 330 8.33 17.45 -14.68
CA ASP B 330 9.08 16.35 -14.08
C ASP B 330 8.12 15.43 -13.33
N PRO B 331 8.36 14.10 -13.41
CA PRO B 331 7.52 13.17 -12.62
C PRO B 331 7.79 13.34 -11.14
N ILE B 332 6.74 13.25 -10.35
CA ILE B 332 6.79 13.58 -8.92
C ILE B 332 8.04 13.07 -8.18
N TYR B 333 8.40 11.82 -8.40
CA TYR B 333 9.55 11.24 -7.71
C TYR B 333 10.86 12.01 -8.02
N VAL B 334 11.01 12.48 -9.27
CA VAL B 334 12.14 13.34 -9.66
C VAL B 334 12.07 14.74 -9.03
N LYS B 335 10.86 15.32 -8.98
CA LYS B 335 10.65 16.61 -8.33
C LYS B 335 11.14 16.57 -6.90
N LEU B 336 10.72 15.53 -6.17
CA LEU B 336 11.01 15.43 -4.75
C LEU B 336 12.51 15.29 -4.48
N GLU B 337 13.19 14.51 -5.32
CA GLU B 337 14.64 14.32 -5.18
C GLU B 337 15.46 15.54 -5.56
N LYS B 338 15.08 16.19 -6.65
CA LYS B 338 15.68 17.46 -7.06
C LYS B 338 15.59 18.52 -5.98
N LEU B 339 14.45 18.58 -5.30
CA LEU B 339 14.22 19.57 -4.27
C LEU B 339 15.18 19.38 -3.11
N ASP B 340 15.46 18.12 -2.76
CA ASP B 340 16.40 17.84 -1.68
C ASP B 340 17.79 18.34 -2.06
N ILE B 341 18.21 17.99 -3.27
CA ILE B 341 19.53 18.36 -3.73
C ILE B 341 19.68 19.90 -3.75
N MET B 342 18.65 20.60 -4.20
CA MET B 342 18.59 22.08 -4.16
C MET B 342 18.94 22.68 -2.82
N ILE B 343 18.37 22.11 -1.77
CA ILE B 343 18.61 22.57 -0.41
C ILE B 343 20.06 22.29 0.01
N ARG B 344 20.59 21.13 -0.36
CA ARG B 344 21.98 20.85 -0.04
C ARG B 344 22.92 21.84 -0.72
N LEU B 345 22.67 22.16 -1.98
CA LEU B 345 23.55 23.08 -2.74
C LEU B 345 23.29 24.58 -2.53
N ALA B 346 22.21 24.91 -1.82
CA ALA B 346 21.96 26.28 -1.38
C ALA B 346 23.07 26.81 -0.47
N SER B 347 23.28 28.12 -0.55
CA SER B 347 24.44 28.81 0.02
C SER B 347 24.07 30.23 0.51
N GLN B 348 25.05 30.95 1.04
CA GLN B 348 24.86 32.36 1.40
C GLN B 348 24.52 33.21 0.18
N ALA B 349 25.05 32.84 -0.99
CA ALA B 349 24.81 33.58 -2.24
C ALA B 349 23.48 33.23 -2.87
N ASN B 350 23.34 32.00 -3.32
CA ASN B 350 22.18 31.62 -4.15
C ASN B 350 20.82 31.55 -3.43
N ILE B 351 20.78 31.72 -2.10
CA ILE B 351 19.54 31.49 -1.31
C ILE B 351 18.35 32.31 -1.81
N ALA B 352 18.63 33.54 -2.22
CA ALA B 352 17.63 34.44 -2.76
C ALA B 352 16.81 33.75 -3.88
N GLN B 353 17.47 33.10 -4.82
CA GLN B 353 16.77 32.45 -5.95
C GLN B 353 16.23 31.05 -5.61
N VAL B 354 16.81 30.41 -4.59
CA VAL B 354 16.33 29.12 -4.09
C VAL B 354 14.98 29.28 -3.37
N LEU B 355 14.87 30.26 -2.49
CA LEU B 355 13.57 30.64 -1.90
C LEU B 355 12.53 30.99 -2.97
N ALA B 356 12.93 31.79 -3.95
CA ALA B 356 12.06 32.20 -5.05
C ALA B 356 11.41 30.99 -5.66
N GLU B 357 12.21 29.93 -5.78
CA GLU B 357 11.71 28.66 -6.25
C GLU B 357 10.80 27.99 -5.23
N LEU B 358 11.23 27.92 -3.97
CA LEU B 358 10.43 27.25 -2.93
C LEU B 358 9.04 27.83 -2.74
N LYS B 359 8.94 29.15 -2.78
CA LYS B 359 7.66 29.81 -2.62
C LYS B 359 6.68 29.30 -3.68
N GLU B 360 7.12 29.18 -4.93
CA GLU B 360 6.24 28.71 -6.01
C GLU B 360 5.96 27.22 -5.85
N TYR B 361 6.96 26.44 -5.40
CA TYR B 361 6.76 24.99 -5.18
C TYR B 361 5.66 24.70 -4.17
N ALA B 362 5.53 25.58 -3.18
CA ALA B 362 4.48 25.45 -2.16
C ALA B 362 3.06 25.69 -2.69
N THR B 363 2.92 26.35 -3.84
CA THR B 363 1.61 26.56 -4.45
C THR B 363 1.16 25.40 -5.31
N GLU B 364 2.02 24.39 -5.51
CA GLU B 364 1.72 23.29 -6.42
C GLU B 364 0.63 22.41 -5.81
N VAL B 365 0.20 21.41 -6.57
CA VAL B 365 -1.00 20.66 -6.21
C VAL B 365 -0.75 19.31 -5.55
N ASP B 366 0.35 18.64 -5.85
CA ASP B 366 0.69 17.40 -5.12
C ASP B 366 1.08 17.71 -3.66
N VAL B 367 0.50 16.96 -2.73
CA VAL B 367 0.66 17.22 -1.30
C VAL B 367 2.08 16.94 -0.84
N ASP B 368 2.56 15.74 -1.12
CA ASP B 368 3.93 15.31 -0.76
C ASP B 368 4.96 16.38 -1.17
N PHE B 369 4.83 16.90 -2.39
CA PHE B 369 5.73 17.94 -2.91
C PHE B 369 5.59 19.23 -2.14
N VAL B 370 4.34 19.67 -1.90
CA VAL B 370 4.10 20.87 -1.11
C VAL B 370 4.77 20.76 0.25
N ARG B 371 4.59 19.63 0.93
CA ARG B 371 5.18 19.44 2.25
C ARG B 371 6.68 19.59 2.22
N LYS B 372 7.34 18.85 1.32
CA LYS B 372 8.79 18.87 1.21
C LYS B 372 9.30 20.28 0.86
N ALA B 373 8.48 21.04 0.14
CA ALA B 373 8.75 22.46 -0.04
C ALA B 373 8.73 23.20 1.29
N VAL B 374 7.61 23.19 2.01
CA VAL B 374 7.49 24.03 3.23
C VAL B 374 8.52 23.61 4.28
N ARG B 375 8.77 22.30 4.38
CA ARG B 375 9.90 21.77 5.16
C ARG B 375 11.22 22.41 4.75
N ALA B 376 11.45 22.43 3.44
CA ALA B 376 12.68 22.96 2.86
C ALA B 376 12.90 24.48 3.08
N ILE B 377 11.81 25.21 3.27
CA ILE B 377 11.88 26.62 3.65
C ILE B 377 12.48 26.75 5.04
N GLY B 378 12.04 25.88 5.95
CA GLY B 378 12.62 25.81 7.28
C GLY B 378 14.06 25.42 7.24
N ARG B 379 14.37 24.40 6.43
CA ARG B 379 15.75 23.95 6.23
C ARG B 379 16.69 25.03 5.71
N CYS B 380 16.16 25.97 4.93
CA CYS B 380 16.93 27.14 4.50
C CYS B 380 17.23 28.05 5.66
N ALA B 381 16.22 28.38 6.46
CA ALA B 381 16.41 29.24 7.64
C ALA B 381 17.54 28.76 8.53
N ILE B 382 17.59 27.46 8.74
CA ILE B 382 18.61 26.82 9.57
C ILE B 382 19.97 26.79 8.88
N LYS B 383 19.99 26.52 7.57
CA LYS B 383 21.24 26.47 6.78
C LYS B 383 21.89 27.84 6.61
N VAL B 384 21.10 28.91 6.54
CA VAL B 384 21.66 30.26 6.32
C VAL B 384 20.90 31.35 7.10
N GLU B 385 21.63 32.18 7.84
CA GLU B 385 21.04 33.30 8.59
C GLU B 385 20.56 34.36 7.63
N GLN B 386 19.92 35.40 8.14
CA GLN B 386 19.40 36.52 7.32
C GLN B 386 18.15 36.09 6.55
N SER B 387 18.28 35.02 5.76
CA SER B 387 17.10 34.28 5.30
C SER B 387 16.23 33.75 6.46
N ALA B 388 16.83 33.62 7.64
CA ALA B 388 16.14 33.41 8.91
C ALA B 388 14.78 34.13 9.05
N GLU B 389 14.81 35.45 9.20
CA GLU B 389 13.57 36.25 9.35
C GLU B 389 12.60 36.01 8.18
N ARG B 390 13.10 36.13 6.96
CA ARG B 390 12.28 35.95 5.74
C ARG B 390 11.56 34.59 5.74
N CYS B 391 12.33 33.52 5.88
CA CYS B 391 11.79 32.18 5.82
C CYS B 391 10.72 31.96 6.88
N VAL B 392 10.98 32.37 8.13
CA VAL B 392 9.98 32.25 9.19
C VAL B 392 8.72 33.05 8.85
N SER B 393 8.90 34.26 8.33
CA SER B 393 7.77 35.08 7.92
C SER B 393 6.88 34.33 6.91
N THR B 394 7.50 33.72 5.90
CA THR B 394 6.75 32.95 4.89
C THR B 394 6.14 31.64 5.47
N LEU B 395 6.78 31.06 6.48
CA LEU B 395 6.21 29.90 7.17
C LEU B 395 4.94 30.23 7.94
N LEU B 396 4.87 31.41 8.53
CA LEU B 396 3.66 31.86 9.22
C LEU B 396 2.59 32.21 8.23
N ASP B 397 2.98 32.85 7.13
CA ASP B 397 2.07 33.10 6.02
C ASP B 397 1.44 31.79 5.55
N LEU B 398 2.23 30.71 5.53
CA LEU B 398 1.72 29.38 5.24
C LEU B 398 0.72 28.85 6.30
N ILE B 399 1.07 28.98 7.58
CA ILE B 399 0.19 28.58 8.72
C ILE B 399 -1.15 29.29 8.67
N GLN B 400 -1.16 30.59 8.33
CA GLN B 400 -2.40 31.36 8.21
C GLN B 400 -3.34 30.85 7.11
N THR B 401 -2.85 30.05 6.15
CA THR B 401 -3.74 29.38 5.18
C THR B 401 -4.76 28.46 5.82
N LYS B 402 -4.42 27.92 7.00
CA LYS B 402 -5.23 26.95 7.73
C LYS B 402 -5.42 25.66 6.94
N VAL B 403 -4.45 25.30 6.09
CA VAL B 403 -4.43 24.00 5.46
C VAL B 403 -3.73 23.10 6.47
N ASN B 404 -4.42 22.06 6.94
CA ASN B 404 -3.91 21.33 8.10
C ASN B 404 -2.49 20.84 7.79
N TYR B 405 -2.27 20.11 6.69
CA TYR B 405 -0.96 19.46 6.51
C TYR B 405 0.16 20.43 6.28
N VAL B 406 -0.16 21.61 5.77
CA VAL B 406 0.81 22.69 5.69
C VAL B 406 1.16 23.17 7.08
N VAL B 407 0.17 23.33 7.94
CA VAL B 407 0.43 23.79 9.30
C VAL B 407 1.24 22.80 10.08
N GLN B 408 0.96 21.51 9.89
CA GLN B 408 1.66 20.45 10.61
C GLN B 408 3.10 20.35 10.13
N GLU B 409 3.32 20.38 8.83
CA GLU B 409 4.68 20.34 8.32
C GLU B 409 5.46 21.59 8.77
N ALA B 410 4.79 22.73 8.86
CA ALA B 410 5.45 23.97 9.22
C ALA B 410 5.83 24.00 10.68
N ILE B 411 4.86 23.69 11.54
CA ILE B 411 5.06 23.70 12.98
C ILE B 411 6.12 22.67 13.44
N VAL B 412 6.33 21.62 12.66
CA VAL B 412 7.47 20.72 12.86
C VAL B 412 8.80 21.37 12.55
N VAL B 413 8.91 21.99 11.40
CA VAL B 413 10.19 22.61 11.01
C VAL B 413 10.55 23.80 11.91
N ILE B 414 9.53 24.50 12.42
CA ILE B 414 9.70 25.62 13.35
C ILE B 414 10.29 25.18 14.70
N ARG B 415 10.03 23.95 15.14
CA ARG B 415 10.75 23.38 16.28
C ARG B 415 12.26 23.56 16.05
N ASP B 416 12.74 22.98 14.96
CA ASP B 416 14.18 22.98 14.66
C ASP B 416 14.73 24.41 14.42
N ILE B 417 13.89 25.37 14.02
CA ILE B 417 14.32 26.78 13.94
C ILE B 417 14.57 27.35 15.34
N PHE B 418 13.66 27.08 16.29
CA PHE B 418 13.87 27.46 17.70
C PHE B 418 15.15 26.87 18.29
N ARG B 419 15.50 25.68 17.82
CA ARG B 419 16.72 24.99 18.25
C ARG B 419 18.01 25.60 17.70
N LYS B 420 17.97 26.14 16.48
CA LYS B 420 19.15 26.79 15.88
C LYS B 420 19.24 28.25 16.32
N TYR B 421 18.10 28.88 16.59
CA TYR B 421 18.00 30.31 16.91
C TYR B 421 17.16 30.49 18.19
N PRO B 422 17.74 30.15 19.35
CA PRO B 422 16.98 30.11 20.59
C PRO B 422 16.68 31.48 21.17
N ASN B 423 15.48 31.62 21.73
CA ASN B 423 15.01 32.84 22.39
C ASN B 423 14.67 33.99 21.44
N LYS B 424 14.90 33.84 20.14
CA LYS B 424 14.61 34.92 19.22
C LYS B 424 13.18 34.82 18.72
N TYR B 425 12.72 33.61 18.43
CA TYR B 425 11.41 33.45 17.78
C TYR B 425 10.28 33.03 18.72
N GLU B 426 10.58 32.97 20.02
CA GLU B 426 9.59 32.84 21.09
C GLU B 426 8.17 33.34 20.76
N SER B 427 8.05 34.60 20.37
CA SER B 427 6.72 35.25 20.27
C SER B 427 5.70 34.53 19.37
N ILE B 428 6.20 33.81 18.37
CA ILE B 428 5.40 32.92 17.51
C ILE B 428 4.53 31.90 18.30
N ILE B 429 5.07 31.39 19.41
CA ILE B 429 4.46 30.30 20.17
C ILE B 429 2.95 30.50 20.29
N ALA B 430 2.55 31.69 20.74
CA ALA B 430 1.17 32.13 20.70
C ALA B 430 0.39 31.57 19.49
N THR B 431 0.80 32.02 18.30
CA THR B 431 0.14 31.67 17.04
C THR B 431 0.11 30.18 16.81
N LEU B 432 1.21 29.50 17.17
CA LEU B 432 1.29 28.06 17.04
C LEU B 432 0.23 27.34 17.87
N CYS B 433 0.20 27.65 19.17
CA CYS B 433 -0.71 27.02 20.16
C CYS B 433 -2.19 27.24 19.90
N GLU B 434 -2.49 28.27 19.11
CA GLU B 434 -3.81 28.42 18.50
C GLU B 434 -4.23 27.12 17.78
N ASN B 435 -3.30 26.58 16.97
CA ASN B 435 -3.60 25.50 16.02
C ASN B 435 -3.59 24.11 16.63
N LEU B 436 -3.07 23.97 17.86
CA LEU B 436 -2.77 22.63 18.41
C LEU B 436 -4.01 21.76 18.59
N ASP B 437 -5.16 22.42 18.68
CA ASP B 437 -6.47 21.79 18.55
C ASP B 437 -6.57 20.75 17.42
N SER B 438 -5.89 20.99 16.28
CA SER B 438 -5.97 20.13 15.09
C SER B 438 -4.64 19.53 14.57
N LEU B 439 -3.78 19.08 15.47
CA LEU B 439 -2.55 18.35 15.09
C LEU B 439 -2.71 16.83 15.20
N ASP B 440 -3.15 16.17 14.15
CA ASP B 440 -3.29 14.71 14.23
C ASP B 440 -1.98 13.93 14.05
N GLU B 441 -1.00 14.49 13.35
CA GLU B 441 0.26 13.75 13.08
C GLU B 441 1.20 13.78 14.29
N PRO B 442 1.75 12.60 14.67
CA PRO B 442 2.67 12.50 15.80
C PRO B 442 3.82 13.47 15.82
N ASP B 443 4.54 13.60 14.71
CA ASP B 443 5.65 14.56 14.63
C ASP B 443 5.23 15.95 15.14
N ALA B 444 4.07 16.41 14.69
CA ALA B 444 3.58 17.74 15.01
C ALA B 444 3.29 17.90 16.49
N ARG B 445 2.70 16.88 17.11
CA ARG B 445 2.29 16.98 18.52
C ARG B 445 3.53 17.00 19.36
N ALA B 446 4.45 16.10 19.05
CA ALA B 446 5.71 16.04 19.76
C ALA B 446 6.50 17.35 19.61
N ALA B 447 6.36 17.98 18.45
CA ALA B 447 6.97 19.28 18.20
C ALA B 447 6.39 20.33 19.15
N MET B 448 5.06 20.44 19.14
CA MET B 448 4.37 21.35 20.05
C MET B 448 4.70 21.11 21.50
N ILE B 449 4.72 19.83 21.89
CA ILE B 449 4.92 19.45 23.28
C ILE B 449 6.32 19.87 23.74
N TRP B 450 7.31 19.55 22.93
CA TRP B 450 8.66 19.98 23.20
C TRP B 450 8.77 21.50 23.32
N ILE B 451 8.07 22.23 22.44
CA ILE B 451 8.03 23.69 22.49
C ILE B 451 7.53 24.20 23.85
N VAL B 452 6.52 23.54 24.44
CA VAL B 452 6.04 23.92 25.76
C VAL B 452 7.01 23.50 26.87
N GLY B 453 7.70 22.38 26.69
CA GLY B 453 8.82 22.00 27.58
C GLY B 453 9.85 23.10 27.70
N GLU B 454 10.57 23.38 26.60
CA GLU B 454 11.65 24.35 26.63
C GLU B 454 11.21 25.75 27.05
N TYR B 455 9.98 26.13 26.71
CA TYR B 455 9.48 27.48 27.00
C TYR B 455 8.32 27.46 28.03
N ALA B 456 8.34 26.50 28.95
CA ALA B 456 7.30 26.39 29.98
C ALA B 456 7.19 27.65 30.85
N GLU B 457 8.34 28.12 31.33
CA GLU B 457 8.44 29.31 32.16
C GLU B 457 7.78 30.55 31.57
N ARG B 458 7.83 30.68 30.25
CA ARG B 458 7.20 31.82 29.57
C ARG B 458 5.70 31.66 29.34
N ILE B 459 5.25 30.43 29.20
CA ILE B 459 3.85 30.13 28.96
C ILE B 459 3.14 29.90 30.29
N ASP B 460 2.38 30.88 30.75
CA ASP B 460 1.65 30.80 32.04
C ASP B 460 0.92 29.46 32.27
N ASN B 461 0.16 29.05 31.27
CA ASN B 461 -0.65 27.84 31.39
C ASN B 461 -0.02 26.59 30.77
N ALA B 462 1.30 26.44 30.86
CA ALA B 462 1.96 25.20 30.45
C ALA B 462 1.36 23.98 31.20
N ASP B 463 1.07 24.24 32.48
CA ASP B 463 0.41 23.31 33.38
C ASP B 463 -0.69 22.58 32.65
N GLU B 464 -1.68 23.35 32.22
CA GLU B 464 -2.93 22.82 31.70
C GLU B 464 -2.70 22.25 30.31
N LEU B 465 -1.77 22.86 29.57
CA LEU B 465 -1.46 22.40 28.23
C LEU B 465 -0.95 20.97 28.21
N LEU B 466 0.14 20.72 28.92
CA LEU B 466 0.73 19.38 28.90
C LEU B 466 -0.26 18.35 29.50
N GLU B 467 -0.96 18.74 30.57
CA GLU B 467 -2.03 17.92 31.20
C GLU B 467 -3.13 17.40 30.23
N SER B 468 -3.34 18.08 29.10
CA SER B 468 -4.37 17.68 28.12
C SER B 468 -4.08 16.35 27.40
N PHE B 469 -2.81 16.07 27.12
CA PHE B 469 -2.41 14.84 26.40
C PHE B 469 -2.50 13.63 27.30
N LEU B 470 -2.07 13.81 28.56
CA LEU B 470 -2.06 12.74 29.55
C LEU B 470 -3.34 11.94 29.55
N GLU B 471 -4.48 12.61 29.41
CA GLU B 471 -5.76 11.91 29.46
C GLU B 471 -5.71 10.63 28.62
N GLY B 472 -5.26 10.77 27.37
CA GLY B 472 -4.92 9.62 26.52
C GLY B 472 -3.43 9.51 26.23
N PHE B 473 -2.67 9.07 27.23
CA PHE B 473 -1.20 8.87 27.11
C PHE B 473 -0.89 7.58 26.36
N HIS B 474 -1.66 6.54 26.67
CA HIS B 474 -1.72 5.35 25.83
C HIS B 474 -2.65 5.83 24.73
N ASP B 475 -2.81 5.05 23.66
CA ASP B 475 -3.46 5.56 22.42
C ASP B 475 -2.70 6.77 21.86
N GLU B 476 -1.37 6.80 22.04
CA GLU B 476 -0.53 7.94 21.64
C GLU B 476 0.86 7.36 21.32
N SER B 477 1.53 7.92 20.32
CA SER B 477 2.75 7.29 19.79
C SER B 477 3.86 7.35 20.80
N THR B 478 4.73 6.34 20.77
CA THR B 478 5.89 6.34 21.68
C THR B 478 6.80 7.56 21.47
N GLN B 479 6.79 8.16 20.26
CA GLN B 479 7.44 9.45 20.05
C GLN B 479 6.85 10.50 20.98
N VAL B 480 5.52 10.59 20.99
CA VAL B 480 4.83 11.58 21.81
C VAL B 480 5.06 11.29 23.30
N GLN B 481 4.88 10.03 23.69
CA GLN B 481 5.00 9.67 25.10
C GLN B 481 6.33 10.08 25.74
N LEU B 482 7.44 9.75 25.07
CA LEU B 482 8.78 10.00 25.64
C LEU B 482 9.06 11.48 25.79
N THR B 483 8.55 12.22 24.82
CA THR B 483 8.67 13.67 24.75
C THR B 483 7.81 14.37 25.79
N LEU B 484 6.62 13.80 26.04
CA LEU B 484 5.70 14.33 27.04
C LEU B 484 6.24 14.13 28.45
N LEU B 485 6.83 12.95 28.67
CA LEU B 485 7.50 12.63 29.94
C LEU B 485 8.61 13.66 30.21
N THR B 486 9.55 13.76 29.27
CA THR B 486 10.67 14.70 29.40
C THR B 486 10.15 16.16 29.54
N ALA B 487 9.15 16.53 28.74
CA ALA B 487 8.64 17.90 28.78
C ALA B 487 8.01 18.24 30.14
N ILE B 488 7.23 17.31 30.69
CA ILE B 488 6.59 17.54 31.97
C ILE B 488 7.63 17.70 33.07
N VAL B 489 8.67 16.89 33.10
CA VAL B 489 9.65 17.06 34.17
C VAL B 489 10.41 18.36 33.94
N LYS B 490 10.66 18.73 32.67
CA LYS B 490 11.21 20.06 32.37
C LYS B 490 10.38 21.14 33.07
N LEU B 491 9.05 21.03 32.94
CA LEU B 491 8.11 21.95 33.60
C LEU B 491 8.24 21.87 35.12
N PHE B 492 8.21 20.66 35.68
CA PHE B 492 8.29 20.46 37.11
C PHE B 492 9.58 21.03 37.74
N LEU B 493 10.72 20.84 37.08
CA LEU B 493 11.97 21.44 37.52
C LEU B 493 11.92 22.97 37.40
N LYS B 494 11.00 23.47 36.58
CA LYS B 494 10.75 24.89 36.44
C LYS B 494 9.65 25.48 37.35
N LYS B 495 8.64 24.70 37.71
CA LYS B 495 7.48 25.21 38.46
C LYS B 495 7.03 24.25 39.59
N PRO B 496 7.98 23.71 40.36
CA PRO B 496 7.77 22.54 41.22
C PRO B 496 6.55 22.57 42.17
N SER B 497 6.22 23.75 42.69
CA SER B 497 5.09 23.94 43.62
C SER B 497 3.75 23.68 42.94
N GLU B 498 3.54 24.36 41.82
CA GLU B 498 2.28 24.23 41.08
C GLU B 498 2.28 23.04 40.09
N THR B 499 3.05 22.00 40.38
CA THR B 499 3.29 20.90 39.42
C THR B 499 3.26 19.47 40.01
N GLN B 500 3.50 19.32 41.32
CA GLN B 500 3.57 18.01 41.98
C GLN B 500 2.68 16.90 41.38
N GLU B 501 1.36 17.12 41.34
CA GLU B 501 0.39 16.08 40.92
C GLU B 501 0.59 15.62 39.49
N LEU B 502 1.05 16.54 38.65
CA LEU B 502 1.27 16.27 37.25
C LEU B 502 2.43 15.30 37.05
N VAL B 503 3.61 15.63 37.57
CA VAL B 503 4.76 14.71 37.46
C VAL B 503 4.45 13.36 38.08
N GLN B 504 3.71 13.34 39.18
CA GLN B 504 3.30 12.05 39.73
C GLN B 504 2.42 11.28 38.76
N GLN B 505 1.40 11.92 38.18
CA GLN B 505 0.56 11.24 37.18
C GLN B 505 1.39 10.69 36.03
N VAL B 506 2.30 11.49 35.48
CA VAL B 506 3.04 11.09 34.26
C VAL B 506 4.08 10.01 34.50
N LEU B 507 4.79 10.13 35.61
CA LEU B 507 5.75 9.12 35.98
C LEU B 507 5.06 7.82 36.45
N SER B 508 3.80 7.90 36.90
CA SER B 508 3.03 6.69 37.17
C SER B 508 2.71 5.98 35.85
N LEU B 509 2.19 6.73 34.89
CA LEU B 509 1.88 6.19 33.57
C LEU B 509 3.10 5.54 32.94
N ALA B 510 4.19 6.29 32.93
CA ALA B 510 5.44 5.85 32.34
C ALA B 510 6.00 4.64 33.03
N THR B 511 5.82 4.56 34.35
CA THR B 511 6.37 3.47 35.16
C THR B 511 5.40 2.26 35.20
N GLN B 512 4.26 2.39 35.87
CA GLN B 512 3.41 1.21 36.18
C GLN B 512 2.66 0.72 34.95
N ASP B 513 1.88 1.62 34.35
CA ASP B 513 1.00 1.27 33.24
C ASP B 513 1.76 0.78 32.03
N SER B 514 2.86 1.46 31.70
CA SER B 514 3.53 1.29 30.42
C SER B 514 4.15 -0.10 30.24
N ASP B 515 4.19 -0.50 28.97
CA ASP B 515 4.60 -1.81 28.48
C ASP B 515 5.95 -1.74 27.76
N ASN B 516 6.30 -0.55 27.22
CA ASN B 516 7.54 -0.29 26.50
C ASN B 516 8.66 -0.27 27.52
N PRO B 517 9.43 -1.37 27.59
CA PRO B 517 10.46 -1.44 28.62
C PRO B 517 11.31 -0.19 28.73
N ASP B 518 11.55 0.45 27.57
CA ASP B 518 12.38 1.63 27.48
C ASP B 518 11.70 2.90 28.00
N LEU B 519 10.39 2.98 27.82
CA LEU B 519 9.62 4.07 28.43
C LEU B 519 9.72 3.95 29.95
N ARG B 520 9.38 2.77 30.45
CA ARG B 520 9.44 2.46 31.88
C ARG B 520 10.78 2.80 32.49
N ASP B 521 11.86 2.31 31.86
CA ASP B 521 13.22 2.77 32.17
C ASP B 521 13.27 4.27 32.44
N ARG B 522 12.91 5.05 31.43
CA ARG B 522 13.14 6.49 31.52
C ARG B 522 12.26 7.13 32.57
N GLY B 523 11.06 6.60 32.73
CA GLY B 523 10.21 6.91 33.89
C GLY B 523 10.97 6.77 35.20
N TYR B 524 11.43 5.56 35.50
CA TYR B 524 12.26 5.36 36.69
C TYR B 524 13.47 6.32 36.74
N ILE B 525 14.19 6.45 35.64
CA ILE B 525 15.36 7.32 35.59
C ILE B 525 15.03 8.73 36.08
N TYR B 526 13.89 9.26 35.67
CA TYR B 526 13.46 10.60 36.08
C TYR B 526 12.95 10.67 37.49
N TRP B 527 12.06 9.75 37.84
CA TRP B 527 11.54 9.64 39.21
C TRP B 527 12.73 9.56 40.16
N ARG B 528 13.65 8.64 39.92
CA ARG B 528 14.86 8.54 40.75
C ARG B 528 15.68 9.80 40.79
N LEU B 529 15.82 10.48 39.66
CA LEU B 529 16.65 11.67 39.59
C LEU B 529 16.04 12.79 40.43
N LEU B 530 14.78 13.12 40.12
CA LEU B 530 14.00 14.15 40.82
C LEU B 530 13.92 13.92 42.33
N SER B 531 13.59 12.70 42.71
CA SER B 531 13.40 12.33 44.11
C SER B 531 14.69 12.21 44.88
N THR B 532 15.82 12.03 44.19
CA THR B 532 17.12 11.98 44.84
C THR B 532 17.62 13.39 45.05
N ASP B 533 17.85 14.16 43.99
CA ASP B 533 18.34 15.53 44.13
C ASP B 533 17.79 16.47 43.06
N PRO B 534 16.80 17.34 43.40
CA PRO B 534 16.35 18.36 42.44
C PRO B 534 17.39 19.42 42.05
N VAL B 535 18.36 19.69 42.91
CA VAL B 535 19.42 20.62 42.54
C VAL B 535 20.23 20.07 41.35
N THR B 536 20.56 18.77 41.40
CA THR B 536 21.26 18.06 40.31
C THR B 536 20.36 17.85 39.07
N ALA B 537 19.15 17.33 39.31
CA ALA B 537 18.17 17.10 38.24
C ALA B 537 18.04 18.29 37.33
N LYS B 538 17.88 19.47 37.93
CA LYS B 538 17.79 20.72 37.17
C LYS B 538 19.04 20.91 36.26
N GLU B 539 20.22 20.65 36.80
CA GLU B 539 21.44 20.82 36.03
C GLU B 539 21.66 19.77 34.92
N VAL B 540 21.13 18.55 35.11
CA VAL B 540 21.26 17.48 34.10
C VAL B 540 20.31 17.72 32.93
N VAL B 541 19.03 17.87 33.27
CA VAL B 541 17.96 17.93 32.28
C VAL B 541 17.92 19.24 31.49
N LEU B 542 18.00 20.35 32.23
CA LEU B 542 17.91 21.70 31.67
C LEU B 542 19.29 22.33 31.43
N SER B 543 20.27 21.49 31.14
CA SER B 543 21.59 21.94 30.72
C SER B 543 21.46 22.74 29.45
N GLU B 544 22.32 23.75 29.27
CA GLU B 544 22.35 24.46 27.98
C GLU B 544 22.78 23.44 26.93
N LYS B 545 21.93 23.20 25.94
CA LYS B 545 22.27 22.26 24.87
C LYS B 545 23.16 22.96 23.84
N PRO B 546 23.89 22.21 23.00
CA PRO B 546 24.45 22.85 21.82
C PRO B 546 23.42 22.91 20.67
N LEU B 547 23.80 23.58 19.59
CA LEU B 547 22.91 23.88 18.48
C LEU B 547 23.03 22.90 17.32
N ILE B 548 22.00 22.80 16.52
CA ILE B 548 21.85 21.68 15.59
C ILE B 548 22.69 21.79 14.29
N SER B 549 22.89 23.01 13.82
CA SER B 549 23.90 23.37 12.80
C SER B 549 23.77 22.78 11.36
N GLU B 550 22.88 23.37 10.55
CA GLU B 550 22.86 23.25 9.08
C GLU B 550 22.85 21.82 8.48
N GLU B 551 22.54 20.85 9.33
CA GLU B 551 22.60 19.44 8.98
C GLU B 551 21.43 19.16 8.04
N THR B 552 20.24 19.55 8.48
CA THR B 552 19.06 19.66 7.62
C THR B 552 18.81 18.36 6.84
N ASP B 553 18.22 17.38 7.53
CA ASP B 553 17.89 16.05 6.94
C ASP B 553 19.15 15.26 6.48
N LEU B 554 20.25 15.40 7.21
CA LEU B 554 21.52 14.75 6.82
C LEU B 554 21.51 13.26 7.20
N ILE B 555 22.27 12.46 6.47
CA ILE B 555 22.37 11.00 6.69
C ILE B 555 23.44 10.65 7.73
N GLU B 556 23.26 9.49 8.39
CA GLU B 556 24.24 9.00 9.41
C GLU B 556 25.66 8.80 8.81
N PRO B 557 26.64 9.65 9.19
CA PRO B 557 27.94 9.71 8.47
C PRO B 557 28.68 8.39 8.18
N THR B 558 28.69 7.45 9.12
CA THR B 558 29.32 6.15 8.88
C THR B 558 28.49 5.29 7.90
N LEU B 559 27.15 5.47 7.95
CA LEU B 559 26.22 4.80 7.01
C LEU B 559 26.39 5.35 5.60
N LEU B 560 26.49 6.68 5.47
CA LEU B 560 26.86 7.33 4.21
C LEU B 560 28.06 6.65 3.56
N ASP B 561 29.15 6.54 4.30
CA ASP B 561 30.37 5.92 3.79
C ASP B 561 30.10 4.53 3.21
N GLU B 562 29.30 3.73 3.92
CA GLU B 562 28.97 2.37 3.46
C GLU B 562 28.19 2.46 2.14
N LEU B 563 27.17 3.31 2.12
CA LEU B 563 26.32 3.50 0.93
C LEU B 563 27.07 3.98 -0.31
N ILE B 564 28.09 4.82 -0.09
CA ILE B 564 28.92 5.29 -1.19
C ILE B 564 29.59 4.09 -1.85
N CYS B 565 30.08 3.15 -1.07
CA CYS B 565 30.71 1.95 -1.63
C CYS B 565 29.74 1.13 -2.52
N HIS B 566 28.42 1.26 -2.27
CA HIS B 566 27.35 0.64 -3.09
C HIS B 566 26.71 1.57 -4.16
N ILE B 567 27.46 2.56 -4.65
CA ILE B 567 26.84 3.67 -5.42
C ILE B 567 25.93 3.22 -6.56
N GLY B 568 26.42 2.50 -7.56
CA GLY B 568 25.55 2.13 -8.69
C GLY B 568 24.27 1.38 -8.31
N SER B 569 24.36 0.67 -7.17
CA SER B 569 23.42 -0.39 -6.81
C SER B 569 22.16 0.07 -6.08
N LEU B 570 21.32 -0.91 -5.77
CA LEU B 570 19.98 -0.70 -5.28
C LEU B 570 19.93 -0.06 -3.88
N ALA B 571 20.90 -0.41 -3.03
CA ALA B 571 21.08 0.23 -1.72
C ALA B 571 21.24 1.74 -1.83
N SER B 572 21.83 2.21 -2.94
CA SER B 572 21.97 3.64 -3.24
C SER B 572 20.66 4.30 -3.68
N VAL B 573 19.77 3.51 -4.28
CA VAL B 573 18.40 3.95 -4.58
C VAL B 573 17.61 4.06 -3.29
N TYR B 574 17.73 3.04 -2.43
CA TYR B 574 16.98 3.00 -1.18
C TYR B 574 17.53 3.82 0.03
N HIS B 575 18.85 4.06 0.08
CA HIS B 575 19.54 4.67 1.24
C HIS B 575 19.36 3.82 2.53
N LYS B 576 19.58 2.53 2.38
CA LYS B 576 19.67 1.57 3.48
C LYS B 576 20.78 0.62 3.11
N PRO B 577 21.41 -0.05 4.09
CA PRO B 577 22.35 -1.09 3.69
C PRO B 577 21.67 -2.24 2.93
N PRO B 578 22.46 -3.04 2.18
CA PRO B 578 21.93 -4.27 1.57
C PRO B 578 21.35 -5.25 2.60
N ASN B 579 21.80 -5.10 3.84
CA ASN B 579 21.46 -5.95 4.97
C ASN B 579 20.02 -5.70 5.46
N ALA B 580 19.37 -4.64 4.97
CA ALA B 580 17.90 -4.48 5.04
C ALA B 580 17.10 -4.98 3.79
N PHE B 581 17.68 -5.91 3.00
CA PHE B 581 16.90 -6.74 2.00
C PHE B 581 17.67 -8.06 1.57
N VAL B 582 17.21 -9.19 2.12
CA VAL B 582 17.79 -10.56 1.91
C VAL B 582 17.10 -11.22 0.70
N TRP C 161 -14.43 13.94 -16.95
CA TRP C 161 -14.16 15.03 -15.96
C TRP C 161 -15.12 16.27 -15.97
N ARG C 162 -16.03 16.35 -16.94
CA ARG C 162 -17.24 17.20 -16.87
C ARG C 162 -18.45 16.26 -17.02
N ARG C 163 -18.56 15.29 -16.09
CA ARG C 163 -19.49 14.15 -16.19
C ARG C 163 -20.97 14.47 -15.88
N GLU C 164 -21.89 13.88 -16.66
CA GLU C 164 -23.33 14.23 -16.66
C GLU C 164 -23.61 15.56 -17.40
N GLY C 165 -24.88 15.94 -17.48
CA GLY C 165 -25.30 17.17 -18.20
C GLY C 165 -25.37 18.37 -17.28
N ILE C 166 -24.56 19.38 -17.58
CA ILE C 166 -24.44 20.58 -16.71
C ILE C 166 -25.66 21.47 -17.02
N LYS C 167 -26.16 22.22 -16.04
CA LYS C 167 -27.36 23.04 -16.22
C LYS C 167 -27.37 24.32 -15.36
N TYR C 168 -27.41 25.49 -16.02
CA TYR C 168 -27.37 26.81 -15.36
C TYR C 168 -28.23 27.89 -16.04
N ARG C 169 -28.75 28.83 -15.24
CA ARG C 169 -29.74 29.85 -15.68
C ARG C 169 -29.19 30.93 -16.61
N ARG C 170 -27.87 31.10 -16.62
CA ARG C 170 -27.18 32.06 -17.49
C ARG C 170 -25.69 31.69 -17.57
N ASN C 171 -25.22 31.38 -18.78
CA ASN C 171 -23.90 30.78 -19.00
C ASN C 171 -22.78 31.84 -19.10
N GLU C 172 -22.08 32.09 -17.98
CA GLU C 172 -20.92 33.00 -17.96
C GLU C 172 -19.63 32.33 -17.45
N LEU C 173 -18.49 33.01 -17.65
CA LEU C 173 -17.19 32.53 -17.19
C LEU C 173 -16.20 33.63 -16.80
N PHE C 174 -15.27 33.22 -15.94
CA PHE C 174 -14.32 34.12 -15.30
C PHE C 174 -12.91 33.53 -15.45
N LEU C 175 -12.00 34.36 -15.96
CA LEU C 175 -10.57 34.05 -16.04
C LEU C 175 -9.77 34.85 -15.03
N ASP C 176 -8.97 34.15 -14.23
CA ASP C 176 -7.96 34.79 -13.37
C ASP C 176 -6.56 34.44 -13.90
N VAL C 177 -5.72 35.46 -14.02
CA VAL C 177 -4.32 35.33 -14.38
C VAL C 177 -3.49 35.85 -13.20
N LEU C 178 -2.61 34.99 -12.72
CA LEU C 178 -1.93 35.17 -11.45
C LEU C 178 -0.43 35.04 -11.68
N GLU C 179 0.32 36.10 -11.34
CA GLU C 179 1.74 36.20 -11.68
C GLU C 179 2.54 36.76 -10.52
N SER C 180 3.62 36.09 -10.16
CA SER C 180 4.53 36.57 -9.13
C SER C 180 5.83 36.99 -9.79
N VAL C 181 6.16 38.27 -9.69
CA VAL C 181 7.35 38.81 -10.36
C VAL C 181 8.52 38.88 -9.37
N ASN C 182 9.42 37.91 -9.50
CA ASN C 182 10.66 37.86 -8.73
C ASN C 182 11.77 38.73 -9.38
N LEU C 183 12.62 39.33 -8.55
CA LEU C 183 13.65 40.30 -8.98
C LEU C 183 14.76 40.55 -7.94
N LEU C 184 16.02 40.39 -8.34
CA LEU C 184 17.19 40.84 -7.55
C LEU C 184 17.81 42.00 -8.35
N MET C 185 18.04 43.14 -7.70
CA MET C 185 18.56 44.35 -8.39
C MET C 185 19.77 44.96 -7.66
N SER C 186 20.74 45.47 -8.43
CA SER C 186 21.99 46.03 -7.90
C SER C 186 21.76 47.45 -7.41
N PRO C 187 22.64 47.99 -6.53
CA PRO C 187 22.34 49.29 -5.90
C PRO C 187 22.32 50.46 -6.90
N GLN C 188 23.14 50.37 -7.93
CA GLN C 188 23.12 51.31 -9.08
C GLN C 188 21.77 51.29 -9.82
N GLY C 189 21.20 50.09 -10.00
CA GLY C 189 19.90 49.91 -10.67
C GLY C 189 19.96 49.03 -11.91
N GLN C 190 20.49 47.81 -11.78
CA GLN C 190 20.67 46.89 -12.91
C GLN C 190 19.83 45.61 -12.75
N VAL C 191 18.94 45.34 -13.71
CA VAL C 191 18.15 44.09 -13.77
C VAL C 191 19.08 42.88 -13.98
N LEU C 192 19.64 42.36 -12.89
CA LEU C 192 20.63 41.27 -12.98
C LEU C 192 20.07 39.85 -12.87
N SER C 193 18.90 39.68 -12.28
CA SER C 193 18.19 38.37 -12.28
C SER C 193 16.73 38.59 -11.91
N ALA C 194 15.84 37.96 -12.67
CA ALA C 194 14.39 38.22 -12.54
C ALA C 194 13.55 37.32 -13.45
N HIS C 195 12.49 36.75 -12.87
CA HIS C 195 11.55 35.92 -13.60
C HIS C 195 10.14 36.10 -13.06
N VAL C 196 9.17 35.66 -13.85
CA VAL C 196 7.78 35.71 -13.47
C VAL C 196 7.22 34.31 -13.54
N SER C 197 6.69 33.84 -12.42
CA SER C 197 5.97 32.59 -12.39
C SER C 197 4.54 32.97 -12.56
N GLY C 198 3.80 32.11 -13.25
CA GLY C 198 2.44 32.41 -13.64
C GLY C 198 1.53 31.22 -13.62
N ARG C 199 0.23 31.51 -13.53
CA ARG C 199 -0.81 30.49 -13.59
C ARG C 199 -2.13 31.10 -13.99
N VAL C 200 -2.94 30.34 -14.74
CA VAL C 200 -4.23 30.77 -15.25
C VAL C 200 -5.29 29.86 -14.64
N VAL C 201 -6.11 30.44 -13.76
CA VAL C 201 -7.24 29.73 -13.14
C VAL C 201 -8.52 30.17 -13.81
N MET C 202 -9.38 29.20 -14.11
CA MET C 202 -10.59 29.42 -14.88
C MET C 202 -11.76 28.97 -14.04
N LYS C 203 -12.71 29.87 -13.78
CA LYS C 203 -13.92 29.51 -13.05
C LYS C 203 -15.13 29.61 -13.98
N SER C 204 -15.29 28.53 -14.77
CA SER C 204 -16.26 28.45 -15.85
C SER C 204 -17.54 27.79 -15.37
N TYR C 205 -18.66 28.51 -15.41
CA TYR C 205 -19.95 27.92 -15.03
C TYR C 205 -20.87 27.95 -16.24
N LEU C 206 -20.86 26.84 -17.00
CA LEU C 206 -21.58 26.75 -18.28
C LEU C 206 -22.27 25.39 -18.49
N SER C 207 -23.36 25.42 -19.26
CA SER C 207 -24.29 24.27 -19.42
C SER C 207 -23.89 23.32 -20.56
N GLY C 208 -23.92 22.01 -20.30
CA GLY C 208 -23.41 20.98 -21.20
C GLY C 208 -21.90 21.01 -21.38
N MET C 209 -21.25 19.84 -21.26
CA MET C 209 -19.80 19.67 -21.52
C MET C 209 -19.38 20.29 -22.87
N PRO C 210 -18.72 21.49 -22.86
CA PRO C 210 -18.39 22.19 -24.09
C PRO C 210 -16.92 22.05 -24.51
N GLU C 211 -16.60 22.58 -25.69
CA GLU C 211 -15.21 22.65 -26.17
C GLU C 211 -14.73 24.10 -26.03
N CYS C 212 -13.44 24.30 -25.76
CA CYS C 212 -12.85 25.64 -25.72
C CYS C 212 -11.48 25.73 -26.43
N LYS C 213 -11.25 26.87 -27.08
CA LYS C 213 -9.96 27.18 -27.70
C LYS C 213 -9.48 28.51 -27.09
N PHE C 214 -8.31 28.46 -26.43
CA PHE C 214 -7.78 29.59 -25.62
C PHE C 214 -6.48 30.15 -26.22
N GLY C 215 -6.33 31.47 -26.20
CA GLY C 215 -5.22 32.14 -26.90
C GLY C 215 -4.69 33.40 -26.24
N MET C 216 -3.46 33.74 -26.60
CA MET C 216 -2.69 34.76 -25.88
C MET C 216 -1.39 35.07 -26.59
N ASN C 217 -0.78 36.21 -26.25
CA ASN C 217 0.37 36.74 -27.00
C ASN C 217 1.74 36.07 -26.67
N ASP C 218 1.99 34.90 -27.26
CA ASP C 218 3.28 34.17 -27.11
C ASP C 218 4.15 34.32 -28.39
N LYS C 219 5.22 33.51 -28.52
CA LYS C 219 6.27 33.64 -29.58
C LYS C 219 7.22 34.78 -29.23
N SER C 251 2.66 39.08 -29.46
CA SER C 251 3.46 40.09 -28.76
C SER C 251 4.54 39.51 -27.83
N ILE C 252 5.24 38.46 -28.29
CA ILE C 252 6.56 37.98 -27.76
C ILE C 252 6.58 37.38 -26.27
N ALA C 253 7.55 36.48 -26.04
CA ALA C 253 7.95 35.89 -24.72
C ALA C 253 7.15 34.64 -24.33
N ILE C 254 7.84 33.71 -23.62
CA ILE C 254 7.30 32.59 -22.76
C ILE C 254 8.24 31.39 -22.62
N ASP C 255 8.88 31.23 -21.46
CA ASP C 255 9.94 30.20 -21.30
C ASP C 255 9.45 28.75 -21.15
N ASP C 256 8.82 28.44 -20.02
CA ASP C 256 8.44 27.07 -19.63
C ASP C 256 6.95 27.03 -19.23
N CYS C 257 6.26 25.91 -19.51
CA CYS C 257 4.83 25.81 -19.17
C CYS C 257 4.27 24.40 -19.15
N THR C 258 3.14 24.24 -18.46
CA THR C 258 2.42 22.95 -18.32
C THR C 258 0.91 23.20 -18.27
N PHE C 259 0.14 22.25 -18.80
CA PHE C 259 -1.32 22.34 -18.89
C PHE C 259 -2.01 21.26 -18.08
N HIS C 260 -3.29 21.52 -17.78
CA HIS C 260 -4.18 20.58 -17.11
C HIS C 260 -4.44 19.39 -18.06
N GLN C 261 -4.68 18.20 -17.50
CA GLN C 261 -4.81 16.97 -18.32
C GLN C 261 -5.90 17.01 -19.39
N CYS C 262 -6.90 17.87 -19.23
CA CYS C 262 -7.96 18.08 -20.23
C CYS C 262 -7.46 18.56 -21.57
N VAL C 263 -6.44 19.42 -21.54
CA VAL C 263 -5.84 19.98 -22.75
C VAL C 263 -5.26 18.84 -23.55
N ARG C 264 -5.45 18.89 -24.87
CA ARG C 264 -4.74 18.02 -25.79
C ARG C 264 -4.28 18.90 -26.93
N LEU C 265 -2.98 19.19 -26.94
CA LEU C 265 -2.38 20.18 -27.83
C LEU C 265 -2.21 19.70 -29.29
N SER C 266 -2.26 18.38 -29.49
CA SER C 266 -1.98 17.75 -30.80
C SER C 266 -3.12 16.85 -31.34
N LYS C 267 -3.52 17.12 -32.60
CA LYS C 267 -4.50 16.35 -33.39
C LYS C 267 -4.01 16.30 -34.87
N PHE C 268 -3.39 15.18 -35.24
CA PHE C 268 -2.56 15.03 -36.47
C PHE C 268 -1.42 16.09 -36.58
N ASP C 269 -0.64 16.23 -35.49
CA ASP C 269 0.56 17.10 -35.38
C ASP C 269 0.31 18.61 -35.12
N SER C 270 1.33 19.31 -34.60
CA SER C 270 1.32 20.77 -34.32
C SER C 270 0.27 21.20 -33.27
N GLU C 271 -0.05 22.50 -33.20
CA GLU C 271 -1.11 23.00 -32.29
C GLU C 271 -2.05 24.05 -32.93
N ARG C 272 -3.36 23.92 -32.66
CA ARG C 272 -4.37 24.94 -33.00
C ARG C 272 -4.68 25.64 -31.66
N SER C 273 -3.65 26.31 -31.15
CA SER C 273 -3.62 26.88 -29.80
C SER C 273 -3.80 25.81 -28.69
N ILE C 274 -4.09 26.30 -27.48
CA ILE C 274 -4.54 25.43 -26.40
C ILE C 274 -5.98 25.06 -26.71
N SER C 275 -6.31 23.78 -26.55
CA SER C 275 -7.56 23.21 -27.03
C SER C 275 -8.02 22.11 -26.07
N PHE C 276 -9.20 22.30 -25.49
CA PHE C 276 -9.60 21.57 -24.27
C PHE C 276 -11.10 21.52 -23.97
N ILE C 277 -11.45 20.62 -23.04
CA ILE C 277 -12.83 20.27 -22.72
C ILE C 277 -13.07 20.55 -21.23
N PRO C 278 -13.20 21.85 -20.85
CA PRO C 278 -13.09 22.28 -19.44
C PRO C 278 -14.03 21.57 -18.46
N PRO C 279 -13.51 21.21 -17.27
CA PRO C 279 -14.38 20.79 -16.17
C PRO C 279 -15.23 21.95 -15.65
N ASP C 280 -16.27 21.59 -14.92
CA ASP C 280 -17.18 22.58 -14.39
C ASP C 280 -16.48 23.26 -13.23
N GLY C 281 -16.69 24.57 -13.12
CA GLY C 281 -16.26 25.38 -11.98
C GLY C 281 -14.82 25.85 -12.09
N GLU C 282 -14.13 25.84 -10.95
CA GLU C 282 -12.77 26.34 -10.81
C GLU C 282 -11.73 25.26 -11.07
N PHE C 283 -10.80 25.53 -11.99
CA PHE C 283 -9.62 24.67 -12.19
C PHE C 283 -8.41 25.45 -12.75
N GLU C 284 -7.23 24.89 -12.49
CA GLU C 284 -5.95 25.49 -12.90
C GLU C 284 -5.66 25.02 -14.32
N LEU C 285 -5.86 25.93 -15.27
CA LEU C 285 -5.73 25.59 -16.68
C LEU C 285 -4.27 25.29 -16.99
N MET C 286 -3.42 26.29 -16.79
CA MET C 286 -2.01 26.17 -17.11
C MET C 286 -1.15 26.92 -16.11
N ARG C 287 0.12 26.53 -16.06
CA ARG C 287 1.11 27.11 -15.16
C ARG C 287 2.36 27.34 -15.99
N TYR C 288 2.93 28.55 -15.91
CA TYR C 288 4.02 28.94 -16.79
C TYR C 288 5.05 29.82 -16.09
N ARG C 289 6.17 29.99 -16.76
CA ARG C 289 7.27 30.83 -16.30
C ARG C 289 7.72 31.66 -17.47
N THR C 290 8.31 32.81 -17.17
CA THR C 290 8.85 33.69 -18.20
C THR C 290 9.91 34.62 -17.62
N THR C 291 10.98 34.81 -18.39
CA THR C 291 12.13 35.58 -17.99
C THR C 291 12.40 36.84 -18.84
N LYS C 292 12.03 36.80 -20.13
CA LYS C 292 12.37 37.87 -21.10
C LYS C 292 11.22 38.87 -21.35
N ASP C 293 11.58 40.16 -21.50
CA ASP C 293 10.64 41.27 -21.74
C ASP C 293 9.77 41.46 -20.50
N ILE C 294 10.44 41.92 -19.44
CA ILE C 294 10.10 41.50 -18.07
C ILE C 294 9.12 42.39 -17.28
N ILE C 295 9.03 43.66 -17.65
CA ILE C 295 8.12 44.68 -17.05
C ILE C 295 8.03 44.73 -15.50
N LEU C 296 9.03 45.36 -14.90
CA LEU C 296 9.13 45.46 -13.45
C LEU C 296 8.25 46.62 -12.97
N PRO C 297 7.25 46.35 -12.10
CA PRO C 297 6.28 47.39 -11.67
C PRO C 297 6.85 48.55 -10.89
N PHE C 298 7.77 48.30 -9.97
CA PHE C 298 8.40 49.38 -9.23
C PHE C 298 9.89 49.33 -9.45
N ARG C 299 10.52 50.51 -9.34
CA ARG C 299 11.96 50.61 -9.26
C ARG C 299 12.26 51.34 -7.97
N VAL C 300 13.23 50.81 -7.23
CA VAL C 300 13.53 51.27 -5.88
C VAL C 300 15.00 51.63 -5.83
N ILE C 301 15.30 52.77 -5.21
CA ILE C 301 16.63 53.40 -5.28
C ILE C 301 17.10 53.85 -3.89
N PRO C 302 18.16 53.19 -3.36
CA PRO C 302 18.66 53.53 -2.04
C PRO C 302 19.66 54.68 -2.07
N LEU C 303 19.84 55.34 -0.93
CA LEU C 303 20.95 56.27 -0.72
C LEU C 303 21.40 56.15 0.73
N VAL C 304 22.51 55.46 0.91
CA VAL C 304 23.11 55.25 2.22
C VAL C 304 24.20 56.31 2.35
N ARG C 305 24.36 56.88 3.55
CA ARG C 305 25.44 57.85 3.79
C ARG C 305 25.78 57.94 5.28
N GLU C 306 26.97 57.45 5.65
CA GLU C 306 27.34 57.35 7.07
C GLU C 306 28.10 58.59 7.57
N VAL C 307 27.80 59.00 8.81
CA VAL C 307 28.52 60.08 9.52
C VAL C 307 29.43 59.44 10.58
N GLY C 308 30.66 59.12 10.18
CA GLY C 308 31.63 58.45 11.06
C GLY C 308 31.26 57.00 11.28
N ARG C 309 31.07 56.62 12.55
CA ARG C 309 30.46 55.35 12.94
C ARG C 309 29.40 55.58 14.03
N THR C 310 28.80 56.78 14.02
CA THR C 310 27.86 57.24 15.06
C THR C 310 26.43 57.39 14.52
N LYS C 311 26.29 58.03 13.36
CA LYS C 311 25.00 58.23 12.70
C LYS C 311 25.02 57.61 11.30
N LEU C 312 23.83 57.56 10.68
CA LEU C 312 23.64 56.86 9.41
C LEU C 312 22.38 57.36 8.65
N GLU C 313 22.60 58.11 7.57
CA GLU C 313 21.51 58.74 6.79
C GLU C 313 21.03 57.84 5.67
N VAL C 314 19.70 57.80 5.51
CA VAL C 314 19.03 56.91 4.60
C VAL C 314 17.99 57.69 3.81
N LYS C 315 17.95 57.44 2.51
CA LYS C 315 16.84 57.91 1.69
C LYS C 315 16.55 56.87 0.61
N VAL C 316 15.36 56.30 0.66
CA VAL C 316 14.90 55.35 -0.36
C VAL C 316 13.76 55.97 -1.13
N VAL C 317 13.82 55.81 -2.45
CA VAL C 317 12.81 56.35 -3.34
C VAL C 317 12.25 55.25 -4.22
N ILE C 318 10.93 55.25 -4.36
CA ILE C 318 10.21 54.25 -5.13
C ILE C 318 9.42 54.94 -6.23
N LYS C 319 9.48 54.34 -7.41
CA LYS C 319 8.80 54.88 -8.59
C LYS C 319 7.97 53.78 -9.17
N SER C 320 6.72 54.07 -9.53
CA SER C 320 5.91 53.13 -10.32
C SER C 320 6.30 53.19 -11.82
N ASN C 321 6.16 52.06 -12.53
CA ASN C 321 6.57 51.93 -13.94
C ASN C 321 5.46 51.25 -14.80
N PHE C 322 4.21 51.57 -14.47
CA PHE C 322 3.06 51.00 -15.16
C PHE C 322 2.10 52.14 -15.53
N LYS C 323 0.96 51.78 -16.14
CA LYS C 323 -0.11 52.72 -16.48
C LYS C 323 -0.48 53.65 -15.30
N PRO C 324 -0.42 54.98 -15.50
CA PRO C 324 -0.95 55.94 -14.49
C PRO C 324 -2.44 55.81 -14.14
N SER C 325 -3.23 55.16 -14.98
CA SER C 325 -4.63 54.89 -14.68
C SER C 325 -4.87 53.74 -13.69
N LEU C 326 -3.81 52.99 -13.34
CA LEU C 326 -3.95 51.72 -12.57
C LEU C 326 -3.50 51.78 -11.09
N LEU C 327 -3.98 50.78 -10.36
CA LEU C 327 -4.21 50.83 -8.93
C LEU C 327 -3.37 49.78 -8.18
N ALA C 328 -2.09 50.05 -7.95
CA ALA C 328 -1.22 49.14 -7.17
C ALA C 328 -1.56 49.24 -5.69
N GLN C 329 -1.85 48.11 -5.04
CA GLN C 329 -2.25 48.07 -3.63
C GLN C 329 -1.25 47.26 -2.82
N LYS C 330 -1.42 47.30 -1.51
CA LYS C 330 -0.64 46.49 -0.56
C LYS C 330 0.86 46.68 -0.75
N ILE C 331 1.28 47.93 -0.92
CA ILE C 331 2.71 48.25 -1.10
C ILE C 331 3.37 48.23 0.28
N GLU C 332 4.48 47.50 0.39
CA GLU C 332 5.30 47.50 1.59
C GLU C 332 6.76 47.51 1.19
N VAL C 333 7.54 48.38 1.83
CA VAL C 333 8.97 48.48 1.60
C VAL C 333 9.66 48.29 2.94
N ARG C 334 10.58 47.31 2.97
CA ARG C 334 11.25 46.91 4.22
C ARG C 334 12.71 47.27 4.12
N ILE C 335 13.12 48.26 4.91
CA ILE C 335 14.48 48.81 4.85
C ILE C 335 15.26 48.26 6.04
N PRO C 336 16.25 47.39 5.79
CA PRO C 336 16.94 46.68 6.89
C PRO C 336 17.95 47.52 7.68
N THR C 337 17.68 47.71 8.98
CA THR C 337 18.58 48.40 9.90
C THR C 337 19.68 47.48 10.44
N PRO C 338 20.81 48.07 10.89
CA PRO C 338 21.84 47.27 11.52
C PRO C 338 21.39 46.66 12.84
N LEU C 339 22.18 45.69 13.31
CA LEU C 339 21.83 44.91 14.48
C LEU C 339 22.17 45.71 15.75
N ASN C 340 23.21 46.56 15.67
CA ASN C 340 23.45 47.61 16.67
C ASN C 340 22.80 48.92 16.17
N THR C 341 21.64 49.23 16.73
CA THR C 341 20.91 50.46 16.42
C THR C 341 20.39 51.09 17.71
N SER C 342 20.98 52.22 18.08
CA SER C 342 20.59 52.98 19.27
C SER C 342 19.14 53.45 19.19
N GLY C 343 18.80 54.09 18.07
CA GLY C 343 17.44 54.58 17.81
C GLY C 343 17.31 55.11 16.40
N VAL C 344 16.10 55.14 15.88
CA VAL C 344 15.85 55.58 14.51
C VAL C 344 14.83 56.70 14.49
N GLN C 345 14.93 57.56 13.47
CA GLN C 345 13.99 58.65 13.22
C GLN C 345 13.50 58.55 11.76
N VAL C 346 12.19 58.60 11.54
CA VAL C 346 11.59 58.36 10.21
C VAL C 346 10.44 59.30 9.89
N ILE C 347 10.42 59.77 8.63
CA ILE C 347 9.28 60.48 8.03
C ILE C 347 9.15 60.11 6.55
N CYS C 348 7.91 59.97 6.10
CA CYS C 348 7.59 59.51 4.74
C CYS C 348 6.50 60.37 4.09
N MET C 349 6.68 60.63 2.80
CA MET C 349 5.81 61.56 2.05
C MET C 349 4.40 61.03 1.81
N LYS C 350 4.29 59.73 1.53
CA LYS C 350 3.01 59.07 1.35
C LYS C 350 3.09 57.72 2.07
N GLY C 351 1.99 57.38 2.76
CA GLY C 351 1.88 56.13 3.49
C GLY C 351 2.16 56.32 4.97
N LYS C 352 2.44 55.20 5.63
CA LYS C 352 2.72 55.18 7.06
C LYS C 352 3.92 54.25 7.25
N ALA C 353 4.87 54.68 8.08
CA ALA C 353 6.13 53.94 8.26
C ALA C 353 6.57 53.91 9.71
N LYS C 354 7.25 52.84 10.12
CA LYS C 354 7.70 52.68 11.50
C LYS C 354 8.83 51.64 11.62
N TYR C 355 9.77 51.91 12.53
CA TYR C 355 10.96 51.06 12.70
C TYR C 355 10.63 50.01 13.72
N LYS C 356 10.77 48.75 13.32
CA LYS C 356 10.58 47.65 14.23
C LYS C 356 11.93 47.20 14.77
N ALA C 357 12.04 47.23 16.10
CA ALA C 357 13.26 46.82 16.79
C ALA C 357 13.51 45.33 16.51
N SER C 358 12.51 44.50 16.82
CA SER C 358 12.60 43.05 16.63
C SER C 358 13.06 42.65 15.23
N GLU C 359 12.33 43.13 14.23
CA GLU C 359 12.55 42.70 12.85
C GLU C 359 13.78 43.33 12.18
N ASN C 360 14.47 44.24 12.90
CA ASN C 360 15.68 44.95 12.43
C ASN C 360 15.43 45.62 11.09
N ALA C 361 14.29 46.31 11.00
CA ALA C 361 13.88 46.96 9.76
C ALA C 361 12.82 48.02 9.96
N ILE C 362 12.84 48.98 9.05
CA ILE C 362 11.81 49.99 8.93
C ILE C 362 10.80 49.42 7.97
N VAL C 363 9.53 49.52 8.35
CA VAL C 363 8.46 48.99 7.54
C VAL C 363 7.63 50.16 7.06
N TRP C 364 7.63 50.36 5.74
CA TRP C 364 6.96 51.49 5.12
C TRP C 364 5.83 50.98 4.24
N LYS C 365 4.60 51.28 4.65
CA LYS C 365 3.41 50.76 4.00
C LYS C 365 2.65 51.86 3.26
N ILE C 366 2.12 51.53 2.08
CA ILE C 366 1.35 52.47 1.25
C ILE C 366 0.10 51.73 0.74
N LYS C 367 -1.09 52.28 1.03
CA LYS C 367 -2.37 51.57 0.77
C LYS C 367 -2.70 51.48 -0.70
N ARG C 368 -2.35 52.55 -1.42
CA ARG C 368 -2.55 52.66 -2.86
C ARG C 368 -1.50 53.57 -3.50
N MET C 369 -1.11 53.21 -4.73
CA MET C 369 -0.23 54.04 -5.55
C MET C 369 -0.47 53.75 -7.03
N ALA C 370 -0.56 54.81 -7.82
CA ALA C 370 -0.79 54.72 -9.25
C ALA C 370 0.50 54.91 -10.03
N GLY C 371 0.39 54.64 -11.33
CA GLY C 371 1.55 54.54 -12.22
C GLY C 371 2.28 55.82 -12.53
N MET C 372 3.56 55.66 -12.84
CA MET C 372 4.51 56.75 -13.11
C MET C 372 4.56 57.84 -12.04
N LYS C 373 4.19 57.49 -10.80
CA LYS C 373 4.27 58.41 -9.68
C LYS C 373 5.44 58.00 -8.80
N GLU C 374 5.83 58.93 -7.93
CA GLU C 374 7.04 58.84 -7.12
C GLU C 374 6.70 59.07 -5.66
N SER C 375 7.35 58.32 -4.77
CA SER C 375 7.32 58.60 -3.34
C SER C 375 8.63 58.19 -2.65
N GLN C 376 8.80 58.72 -1.44
CA GLN C 376 10.10 58.75 -0.77
C GLN C 376 9.97 58.55 0.75
N ILE C 377 10.93 57.83 1.32
CA ILE C 377 11.12 57.80 2.78
C ILE C 377 12.57 58.12 3.11
N SER C 378 12.77 58.89 4.17
CA SER C 378 14.09 59.34 4.56
C SER C 378 14.25 59.15 6.06
N ALA C 379 15.38 58.59 6.49
CA ALA C 379 15.51 58.07 7.84
C ALA C 379 16.90 58.27 8.46
N GLU C 380 16.92 58.59 9.76
CA GLU C 380 18.17 58.80 10.51
C GLU C 380 18.43 57.79 11.65
N ILE C 381 19.43 56.93 11.44
CA ILE C 381 19.68 55.77 12.28
C ILE C 381 20.95 55.98 13.12
N GLU C 382 20.80 55.86 14.45
CA GLU C 382 21.89 56.08 15.41
C GLU C 382 22.51 54.74 15.85
N LEU C 383 23.81 54.74 16.17
CA LEU C 383 24.60 53.50 16.36
C LEU C 383 25.48 53.51 17.61
N LEU C 384 26.20 52.40 17.84
CA LEU C 384 27.30 52.34 18.82
C LEU C 384 28.23 51.13 18.53
N PRO C 385 29.42 51.38 17.93
CA PRO C 385 30.25 50.29 17.34
C PRO C 385 31.04 49.40 18.32
N THR C 386 30.88 48.08 18.20
CA THR C 386 31.49 47.09 19.14
C THR C 386 32.76 46.40 18.59
N ASN C 387 32.59 45.47 17.65
CA ASN C 387 33.67 44.51 17.28
C ASN C 387 34.59 44.92 16.10
N ASP C 388 34.10 45.76 15.18
CA ASP C 388 34.92 46.32 14.08
C ASP C 388 35.64 45.26 13.21
N LYS C 389 34.90 44.26 12.75
CA LYS C 389 35.41 43.22 11.84
C LYS C 389 34.29 42.57 11.03
N LYS C 390 33.30 42.03 11.74
CA LYS C 390 32.01 41.60 11.17
C LYS C 390 31.29 42.85 10.65
N LYS C 391 31.74 43.37 9.50
CA LYS C 391 31.37 44.73 9.01
C LYS C 391 29.95 44.90 8.42
N TRP C 392 29.02 44.01 8.76
CA TRP C 392 27.59 44.10 8.41
C TRP C 392 27.32 43.79 6.92
N ALA C 393 26.98 42.53 6.64
CA ALA C 393 26.50 42.11 5.32
C ALA C 393 25.15 42.79 5.05
N ARG C 394 25.21 43.98 4.43
CA ARG C 394 24.05 44.88 4.22
C ARG C 394 22.91 44.17 3.48
N PRO C 395 21.81 43.83 4.21
CA PRO C 395 20.74 43.11 3.50
C PRO C 395 20.06 44.00 2.46
N PRO C 396 19.39 43.39 1.47
CA PRO C 396 18.73 44.14 0.42
C PRO C 396 17.41 44.73 0.91
N ILE C 397 16.86 45.70 0.19
CA ILE C 397 15.55 46.27 0.53
C ILE C 397 14.48 45.40 -0.15
N SER C 398 13.50 44.92 0.62
CA SER C 398 12.47 44.06 0.06
C SER C 398 11.19 44.86 -0.17
N MET C 399 10.42 44.43 -1.18
CA MET C 399 9.18 45.07 -1.56
C MET C 399 8.04 44.06 -1.74
N ASN C 400 6.83 44.43 -1.31
CA ASN C 400 5.63 43.67 -1.62
C ASN C 400 4.64 44.60 -2.24
N PHE C 401 3.83 44.05 -3.12
CA PHE C 401 2.85 44.81 -3.87
C PHE C 401 1.95 43.87 -4.62
N GLU C 402 0.69 44.27 -4.71
CA GLU C 402 -0.27 43.63 -5.59
C GLU C 402 -0.49 44.66 -6.67
N VAL C 403 -0.49 44.23 -7.94
CA VAL C 403 -0.83 45.12 -9.06
C VAL C 403 -1.91 44.47 -9.90
N PRO C 404 -2.75 45.27 -10.60
CA PRO C 404 -3.78 44.71 -11.46
C PRO C 404 -3.30 44.62 -12.92
N PHE C 405 -2.08 44.16 -13.13
CA PHE C 405 -1.62 43.83 -14.47
C PHE C 405 -0.64 42.68 -14.40
N ALA C 406 -0.48 41.99 -15.52
CA ALA C 406 0.37 40.79 -15.58
C ALA C 406 1.82 41.18 -15.92
N PRO C 407 2.75 41.13 -14.93
CA PRO C 407 4.11 41.62 -15.22
C PRO C 407 5.01 40.69 -16.04
N SER C 408 4.43 39.73 -16.77
CA SER C 408 5.13 39.10 -17.88
C SER C 408 5.01 39.98 -19.13
N GLY C 409 3.84 40.61 -19.29
CA GLY C 409 3.41 41.23 -20.54
C GLY C 409 2.27 40.48 -21.20
N LEU C 410 1.88 39.34 -20.62
CA LEU C 410 0.81 38.51 -21.14
C LEU C 410 -0.52 39.25 -21.08
N LYS C 411 -1.31 39.05 -22.13
CA LYS C 411 -2.73 39.38 -22.12
C LYS C 411 -3.51 38.32 -22.89
N VAL C 412 -4.73 38.05 -22.43
CA VAL C 412 -5.61 37.04 -23.01
C VAL C 412 -6.23 37.61 -24.30
N ARG C 413 -6.00 36.91 -25.41
CA ARG C 413 -6.49 37.35 -26.72
C ARG C 413 -7.94 36.93 -26.93
N TYR C 414 -8.24 35.68 -26.64
CA TYR C 414 -9.58 35.16 -26.79
C TYR C 414 -9.74 33.83 -26.06
N LEU C 415 -10.99 33.41 -25.91
CA LEU C 415 -11.30 32.04 -25.56
C LEU C 415 -12.68 31.68 -26.14
N LYS C 416 -12.67 31.11 -27.34
CA LYS C 416 -13.92 30.73 -28.01
C LYS C 416 -14.48 29.45 -27.35
N VAL C 417 -15.73 29.55 -26.88
CA VAL C 417 -16.50 28.43 -26.33
C VAL C 417 -17.51 27.96 -27.39
N PHE C 418 -17.48 26.65 -27.69
CA PHE C 418 -18.46 26.03 -28.61
C PHE C 418 -19.13 24.84 -27.91
N GLU C 419 -20.40 24.62 -28.24
CA GLU C 419 -21.21 23.57 -27.65
C GLU C 419 -22.09 22.94 -28.73
N PRO C 420 -21.78 21.70 -29.15
CA PRO C 420 -22.55 21.09 -30.27
C PRO C 420 -23.99 20.68 -29.91
N LYS C 421 -24.13 19.86 -28.87
CA LYS C 421 -25.41 19.31 -28.36
C LYS C 421 -26.51 20.39 -28.22
N LEU C 422 -26.20 21.44 -27.47
CA LEU C 422 -27.10 22.59 -27.21
C LEU C 422 -26.86 23.72 -28.21
N ASN C 423 -27.66 24.79 -28.10
CA ASN C 423 -27.68 25.89 -29.10
C ASN C 423 -26.66 27.01 -28.88
N TYR C 424 -26.36 27.33 -27.62
CA TYR C 424 -25.53 28.51 -27.28
C TYR C 424 -24.03 28.32 -27.57
N SER C 425 -23.34 29.44 -27.80
CA SER C 425 -21.88 29.46 -28.00
C SER C 425 -21.29 30.85 -27.62
N ASP C 426 -20.16 31.26 -28.21
CA ASP C 426 -19.23 32.24 -27.59
C ASP C 426 -19.70 33.72 -27.39
N HIS C 427 -20.64 34.19 -28.22
CA HIS C 427 -21.27 35.52 -28.01
C HIS C 427 -22.33 35.49 -26.89
N ASP C 428 -22.88 34.30 -26.62
CA ASP C 428 -23.87 34.14 -25.53
C ASP C 428 -23.24 34.19 -24.13
N VAL C 429 -22.00 33.71 -24.00
CA VAL C 429 -21.31 33.64 -22.71
C VAL C 429 -20.75 35.03 -22.33
N ILE C 430 -20.95 35.44 -21.07
CA ILE C 430 -20.34 36.70 -20.56
C ILE C 430 -18.98 36.36 -19.95
N LYS C 431 -17.93 37.02 -20.43
CA LYS C 431 -16.53 36.67 -20.14
C LYS C 431 -15.80 37.81 -19.46
N TRP C 432 -15.40 37.62 -18.21
CA TRP C 432 -14.58 38.60 -17.51
C TRP C 432 -13.20 38.01 -17.24
N VAL C 433 -12.18 38.86 -17.37
CA VAL C 433 -10.77 38.52 -17.18
C VAL C 433 -10.20 39.42 -16.09
N ARG C 434 -9.23 38.89 -15.35
CA ARG C 434 -8.59 39.61 -14.27
C ARG C 434 -7.11 39.28 -14.25
N TYR C 435 -6.26 40.31 -14.15
CA TYR C 435 -4.81 40.14 -13.95
C TYR C 435 -4.43 40.56 -12.54
N ILE C 436 -3.63 39.72 -11.87
CA ILE C 436 -3.17 40.02 -10.52
C ILE C 436 -1.68 39.74 -10.39
N GLY C 437 -0.93 40.78 -10.03
CA GLY C 437 0.52 40.71 -9.93
C GLY C 437 0.94 40.67 -8.47
N ARG C 438 1.15 39.45 -7.97
CA ARG C 438 1.75 39.24 -6.66
C ARG C 438 3.22 39.68 -6.72
N SER C 439 3.76 39.99 -5.55
CA SER C 439 5.14 40.39 -5.41
C SER C 439 6.04 39.21 -5.73
N GLY C 440 5.99 38.18 -4.89
CA GLY C 440 7.06 37.16 -4.81
C GLY C 440 8.24 37.76 -4.04
N ILE C 441 9.46 37.54 -4.53
CA ILE C 441 10.68 38.12 -3.96
C ILE C 441 11.16 39.31 -4.80
N TYR C 442 11.12 40.52 -4.26
CA TYR C 442 11.41 41.74 -5.02
C TYR C 442 12.43 42.61 -4.27
N GLU C 443 13.68 42.23 -4.44
CA GLU C 443 14.79 42.83 -3.71
C GLU C 443 15.50 43.88 -4.56
N THR C 444 16.40 44.58 -3.90
CA THR C 444 17.11 45.71 -4.49
C THR C 444 18.21 46.12 -3.50
N ARG C 445 19.17 46.93 -3.95
CA ARG C 445 20.32 47.37 -3.13
C ARG C 445 21.27 46.20 -2.75
N CYS C 446 21.50 45.30 -3.72
CA CYS C 446 22.48 44.18 -3.63
C CYS C 446 23.37 44.16 -4.88
N MET D 1 20.87 -12.08 -11.24
CA MET D 1 20.55 -10.64 -11.04
C MET D 1 19.04 -10.42 -11.18
N ILE D 2 18.54 -10.33 -12.40
CA ILE D 2 17.10 -10.21 -12.63
C ILE D 2 16.47 -11.59 -12.51
N GLY D 3 15.67 -11.79 -11.47
CA GLY D 3 15.07 -13.09 -11.16
C GLY D 3 13.59 -13.18 -11.53
N GLY D 4 13.15 -12.40 -12.51
CA GLY D 4 11.75 -12.37 -12.88
C GLY D 4 11.46 -11.19 -13.78
N LEU D 5 10.89 -11.44 -14.95
CA LEU D 5 10.45 -10.38 -15.85
C LEU D 5 8.99 -10.60 -16.17
N PHE D 6 8.13 -9.69 -15.73
CA PHE D 6 6.68 -9.85 -15.88
C PHE D 6 6.12 -8.68 -16.69
N ILE D 7 5.07 -8.94 -17.47
CA ILE D 7 4.46 -7.92 -18.36
C ILE D 7 2.94 -8.01 -18.29
N TYR D 8 2.30 -6.94 -17.81
CA TYR D 8 0.87 -6.95 -17.51
C TYR D 8 0.12 -6.12 -18.54
N ASN D 9 -1.22 -6.13 -18.42
CA ASN D 9 -2.10 -5.16 -19.09
C ASN D 9 -2.58 -4.15 -18.05
N HIS D 10 -3.45 -3.21 -18.44
CA HIS D 10 -3.97 -2.20 -17.51
C HIS D 10 -4.84 -2.80 -16.39
N LYS D 11 -5.60 -3.84 -16.74
CA LYS D 11 -6.49 -4.51 -15.77
C LYS D 11 -5.74 -5.38 -14.75
N GLY D 12 -4.51 -5.78 -15.05
CA GLY D 12 -3.73 -6.64 -14.16
C GLY D 12 -3.90 -8.13 -14.44
N GLU D 13 -4.11 -8.49 -15.69
CA GLU D 13 -3.89 -9.86 -16.13
C GLU D 13 -2.45 -9.91 -16.65
N VAL D 14 -1.85 -11.08 -16.56
CA VAL D 14 -0.43 -11.28 -16.86
C VAL D 14 -0.26 -11.73 -18.31
N LEU D 15 0.25 -10.83 -19.16
CA LEU D 15 0.38 -11.11 -20.60
C LEU D 15 1.53 -12.06 -20.90
N ILE D 16 2.71 -11.79 -20.35
CA ILE D 16 3.82 -12.78 -20.34
C ILE D 16 4.57 -12.75 -19.00
N SER D 17 5.36 -13.79 -18.75
CA SER D 17 6.21 -13.89 -17.54
C SER D 17 7.44 -14.76 -17.80
N ARG D 18 8.46 -14.59 -16.97
CA ARG D 18 9.65 -15.45 -17.02
C ARG D 18 10.46 -15.39 -15.71
N VAL D 19 10.28 -16.39 -14.87
CA VAL D 19 11.06 -16.56 -13.64
C VAL D 19 12.44 -17.14 -13.99
N TYR D 20 13.50 -16.50 -13.53
CA TYR D 20 14.89 -16.92 -13.78
C TYR D 20 15.60 -17.55 -12.59
N ARG D 21 15.03 -17.45 -11.39
CA ARG D 21 15.72 -17.86 -10.15
C ARG D 21 14.77 -18.53 -9.16
N ASP D 22 15.36 -19.31 -8.26
CA ASP D 22 14.62 -19.98 -7.18
C ASP D 22 14.12 -18.97 -6.15
N ASP D 23 14.83 -17.85 -6.03
CA ASP D 23 14.53 -16.79 -5.05
C ASP D 23 13.09 -16.27 -5.09
N ILE D 24 12.48 -16.27 -6.27
CA ILE D 24 11.20 -15.60 -6.49
C ILE D 24 10.11 -16.60 -6.87
N GLY D 25 9.23 -16.91 -5.91
CA GLY D 25 8.04 -17.73 -6.14
C GLY D 25 7.05 -17.00 -7.03
N ARG D 26 6.10 -17.74 -7.63
CA ARG D 26 5.19 -17.17 -8.64
C ARG D 26 4.20 -16.13 -8.06
N ASN D 27 3.86 -16.24 -6.77
CA ASN D 27 3.01 -15.25 -6.07
C ASN D 27 3.57 -13.79 -6.03
N ALA D 28 4.85 -13.61 -6.39
CA ALA D 28 5.42 -12.27 -6.66
C ALA D 28 4.61 -11.48 -7.67
N VAL D 29 4.16 -12.17 -8.71
CA VAL D 29 3.36 -11.55 -9.77
C VAL D 29 2.04 -10.96 -9.21
N ASP D 30 1.48 -11.64 -8.21
CA ASP D 30 0.34 -11.12 -7.43
C ASP D 30 0.76 -9.93 -6.57
N ALA D 31 1.93 -10.03 -5.93
CA ALA D 31 2.46 -8.94 -5.11
C ALA D 31 2.63 -7.61 -5.86
N PHE D 32 3.04 -7.67 -7.13
CA PHE D 32 3.07 -6.48 -7.99
C PHE D 32 1.66 -5.98 -8.31
N ARG D 33 0.79 -6.87 -8.80
CA ARG D 33 -0.60 -6.52 -9.12
C ARG D 33 -1.31 -5.80 -7.96
N VAL D 34 -1.26 -6.44 -6.79
CA VAL D 34 -1.95 -5.98 -5.57
C VAL D 34 -1.42 -4.62 -5.13
N ASN D 35 -0.12 -4.57 -4.90
CA ASN D 35 0.50 -3.47 -4.18
C ASN D 35 0.87 -2.24 -5.02
N VAL D 36 1.12 -2.42 -6.33
CA VAL D 36 1.39 -1.26 -7.24
C VAL D 36 0.31 -1.07 -8.32
N ILE D 37 0.10 -2.06 -9.21
CA ILE D 37 -0.87 -1.88 -10.32
C ILE D 37 -2.18 -1.31 -9.78
N HIS D 38 -2.75 -1.96 -8.76
CA HIS D 38 -4.00 -1.50 -8.13
C HIS D 38 -3.78 -0.88 -6.75
N ALA D 39 -2.72 -0.08 -6.61
CA ALA D 39 -2.53 0.67 -5.37
C ALA D 39 -3.53 1.83 -5.35
N ARG D 40 -3.91 2.26 -4.15
CA ARG D 40 -4.79 3.42 -4.03
C ARG D 40 -4.06 4.76 -4.34
N GLN D 41 -2.72 4.76 -4.19
CA GLN D 41 -1.89 5.94 -4.38
C GLN D 41 -1.10 5.81 -5.69
N GLN D 42 -1.36 6.72 -6.62
CA GLN D 42 -0.77 6.75 -7.97
C GLN D 42 0.41 7.78 -8.10
N VAL D 43 0.93 8.26 -6.95
CA VAL D 43 2.10 9.17 -6.88
C VAL D 43 3.18 8.47 -6.02
N ARG D 44 3.91 7.55 -6.67
CA ARG D 44 4.85 6.66 -5.99
C ARG D 44 6.26 6.89 -6.55
N SER D 45 6.97 5.82 -6.91
CA SER D 45 8.21 5.89 -7.66
C SER D 45 8.39 4.61 -8.49
N PRO D 46 9.47 4.53 -9.29
CA PRO D 46 9.72 3.36 -10.12
C PRO D 46 10.01 2.07 -9.36
N VAL D 47 10.91 2.15 -8.37
CA VAL D 47 11.36 0.96 -7.60
C VAL D 47 10.63 0.85 -6.26
N THR D 48 9.97 -0.27 -6.03
CA THR D 48 9.29 -0.55 -4.76
C THR D 48 9.89 -1.80 -4.14
N ASN D 49 9.84 -1.92 -2.81
CA ASN D 49 10.26 -3.15 -2.13
C ASN D 49 9.11 -3.73 -1.30
N ILE D 50 9.01 -5.06 -1.32
CA ILE D 50 7.93 -5.81 -0.68
C ILE D 50 8.50 -7.16 -0.22
N ALA D 51 8.58 -7.38 1.11
CA ALA D 51 9.11 -8.63 1.68
C ALA D 51 10.50 -8.98 1.14
N ARG D 52 11.39 -7.99 1.17
CA ARG D 52 12.79 -8.11 0.71
C ARG D 52 12.93 -8.45 -0.79
N THR D 53 11.85 -8.21 -1.54
CA THR D 53 11.73 -8.46 -2.97
C THR D 53 11.53 -7.10 -3.63
N SER D 54 12.46 -6.75 -4.52
CA SER D 54 12.54 -5.42 -5.11
C SER D 54 11.89 -5.42 -6.51
N PHE D 55 11.03 -4.43 -6.77
CA PHE D 55 10.15 -4.36 -7.96
C PHE D 55 10.39 -3.10 -8.80
N PHE D 56 11.09 -3.28 -9.91
CA PHE D 56 11.37 -2.23 -10.91
C PHE D 56 10.23 -2.25 -11.90
N HIS D 57 9.78 -1.08 -12.36
CA HIS D 57 8.76 -1.02 -13.41
C HIS D 57 8.81 0.22 -14.33
N VAL D 58 8.32 0.03 -15.56
CA VAL D 58 8.21 1.07 -16.58
C VAL D 58 7.01 0.78 -17.49
N LYS D 59 6.21 1.82 -17.76
CA LYS D 59 5.00 1.70 -18.58
C LYS D 59 5.24 2.08 -20.04
N ARG D 60 4.50 1.41 -20.94
CA ARG D 60 4.45 1.76 -22.37
C ARG D 60 3.00 1.67 -22.85
N SER D 61 2.44 2.83 -23.21
CA SER D 61 0.97 3.04 -23.30
C SER D 61 0.25 2.47 -22.06
N ASN D 62 -0.45 1.33 -22.17
CA ASN D 62 -1.17 0.72 -21.05
C ASN D 62 -0.52 -0.58 -20.56
N ILE D 63 0.66 -0.91 -21.10
CA ILE D 63 1.39 -2.16 -20.77
C ILE D 63 2.46 -1.86 -19.70
N TRP D 64 2.41 -2.55 -18.56
CA TRP D 64 3.46 -2.48 -17.54
C TRP D 64 4.53 -3.52 -17.88
N LEU D 65 5.79 -3.11 -17.98
CA LEU D 65 6.94 -4.03 -17.96
C LEU D 65 7.62 -3.92 -16.60
N ALA D 66 7.82 -5.07 -15.93
CA ALA D 66 8.38 -5.06 -14.58
C ALA D 66 9.51 -6.08 -14.43
N ALA D 67 10.57 -5.66 -13.73
CA ALA D 67 11.69 -6.50 -13.34
C ALA D 67 11.62 -6.76 -11.83
N VAL D 68 12.05 -7.95 -11.43
CA VAL D 68 12.02 -8.38 -10.02
C VAL D 68 13.33 -9.06 -9.66
N THR D 69 13.73 -8.87 -8.41
CA THR D 69 14.94 -9.49 -7.86
C THR D 69 14.92 -9.40 -6.33
N LYS D 70 15.54 -10.38 -5.67
CA LYS D 70 15.82 -10.28 -4.21
C LYS D 70 17.21 -9.72 -3.89
N GLN D 71 18.09 -9.72 -4.90
CA GLN D 71 19.48 -9.26 -4.76
C GLN D 71 19.60 -7.72 -4.76
N ASN D 72 20.82 -7.25 -4.46
CA ASN D 72 21.19 -5.82 -4.51
C ASN D 72 21.82 -5.50 -5.89
N VAL D 73 21.03 -5.61 -6.95
CA VAL D 73 21.55 -5.41 -8.32
C VAL D 73 22.00 -3.98 -8.57
N ASN D 74 22.74 -3.76 -9.65
CA ASN D 74 23.05 -2.41 -10.12
C ASN D 74 21.75 -1.83 -10.66
N ALA D 75 21.21 -0.83 -9.97
CA ALA D 75 19.82 -0.43 -10.18
C ALA D 75 19.62 0.26 -11.50
N ALA D 76 20.57 1.11 -11.86
CA ALA D 76 20.67 1.72 -13.20
C ALA D 76 20.56 0.67 -14.31
N MET D 77 21.33 -0.41 -14.13
CA MET D 77 21.42 -1.50 -15.08
C MET D 77 20.08 -2.16 -15.41
N VAL D 78 19.18 -2.27 -14.44
CA VAL D 78 17.89 -2.93 -14.67
C VAL D 78 16.95 -2.07 -15.54
N PHE D 79 16.87 -0.78 -15.25
CA PHE D 79 16.08 0.13 -16.09
C PHE D 79 16.66 0.23 -17.49
N GLU D 80 17.97 0.47 -17.56
CA GLU D 80 18.71 0.42 -18.83
C GLU D 80 18.34 -0.79 -19.69
N PHE D 81 18.34 -1.97 -19.06
CA PHE D 81 17.94 -3.21 -19.75
C PHE D 81 16.47 -3.22 -20.19
N LEU D 82 15.55 -2.72 -19.35
CA LEU D 82 14.14 -2.63 -19.74
C LEU D 82 13.92 -1.69 -20.95
N TYR D 83 14.74 -0.64 -21.02
CA TYR D 83 14.74 0.28 -22.15
C TYR D 83 15.28 -0.39 -23.42
N LYS D 84 16.44 -1.04 -23.33
CA LYS D 84 16.99 -1.82 -24.47
C LYS D 84 16.06 -2.97 -24.92
N MET D 85 15.23 -3.48 -24.00
CA MET D 85 14.16 -4.42 -24.35
C MET D 85 13.02 -3.74 -25.15
N CYS D 86 12.58 -2.55 -24.71
CA CYS D 86 11.57 -1.79 -25.45
C CYS D 86 12.05 -1.23 -26.80
N ASP D 87 13.36 -1.16 -26.98
CA ASP D 87 13.97 -0.84 -28.28
C ASP D 87 13.88 -2.01 -29.27
N VAL D 88 14.05 -3.23 -28.76
CA VAL D 88 13.99 -4.45 -29.60
C VAL D 88 12.60 -4.79 -30.10
N MET D 89 11.60 -4.68 -29.22
CA MET D 89 10.21 -4.94 -29.61
C MET D 89 9.67 -4.03 -30.75
N ALA D 90 10.18 -2.80 -30.86
CA ALA D 90 9.75 -1.84 -31.89
C ALA D 90 10.18 -2.22 -33.32
N ALA D 91 11.46 -2.55 -33.50
CA ALA D 91 12.00 -3.00 -34.80
C ALA D 91 11.52 -4.40 -35.19
N TYR D 92 11.08 -5.20 -34.21
CA TYR D 92 10.60 -6.57 -34.45
C TYR D 92 9.07 -6.69 -34.63
N PHE D 93 8.27 -5.79 -34.04
CA PHE D 93 6.81 -5.78 -34.32
C PHE D 93 6.11 -4.43 -34.02
N GLY D 94 6.79 -3.31 -34.28
CA GLY D 94 6.17 -1.98 -34.26
C GLY D 94 5.68 -1.46 -32.90
N LYS D 95 4.39 -1.12 -32.83
CA LYS D 95 3.80 -0.40 -31.68
C LYS D 95 3.82 -1.26 -30.40
N ILE D 96 3.80 -0.60 -29.23
CA ILE D 96 3.74 -1.31 -27.92
C ILE D 96 2.28 -1.41 -27.46
N SER D 97 1.69 -2.61 -27.60
CA SER D 97 0.31 -2.87 -27.14
C SER D 97 -0.05 -4.37 -27.01
N GLU D 98 -1.23 -4.64 -26.46
CA GLU D 98 -1.70 -6.01 -26.18
C GLU D 98 -1.77 -6.91 -27.42
N GLU D 99 -2.22 -6.35 -28.55
CA GLU D 99 -2.31 -7.06 -29.83
C GLU D 99 -0.96 -7.60 -30.31
N ASN D 100 0.06 -6.74 -30.27
CA ASN D 100 1.41 -7.09 -30.73
C ASN D 100 2.08 -8.12 -29.78
N ILE D 101 1.69 -8.12 -28.51
CA ILE D 101 2.14 -9.14 -27.53
C ILE D 101 1.48 -10.51 -27.81
N LYS D 102 0.17 -10.50 -28.09
CA LYS D 102 -0.56 -11.73 -28.41
C LYS D 102 -0.06 -12.42 -29.67
N ASN D 103 0.32 -11.63 -30.68
CA ASN D 103 0.98 -12.17 -31.88
C ASN D 103 2.29 -12.89 -31.55
N ASN D 104 3.11 -12.27 -30.72
CA ASN D 104 4.50 -12.67 -30.53
C ASN D 104 4.77 -13.45 -29.22
N PHE D 105 3.88 -14.36 -28.84
CA PHE D 105 4.19 -15.32 -27.76
C PHE D 105 5.48 -16.08 -28.08
N VAL D 106 5.56 -16.54 -29.33
CA VAL D 106 6.74 -17.21 -29.91
C VAL D 106 8.02 -16.35 -29.84
N LEU D 107 7.95 -15.11 -30.32
CA LEU D 107 9.12 -14.22 -30.45
C LEU D 107 9.62 -13.77 -29.09
N ILE D 108 8.68 -13.32 -28.24
CA ILE D 108 8.98 -12.78 -26.90
C ILE D 108 9.92 -13.69 -26.12
N TYR D 109 9.58 -14.98 -26.00
CA TYR D 109 10.32 -15.90 -25.14
C TYR D 109 11.72 -16.20 -25.72
N GLU D 110 11.80 -16.29 -27.06
CA GLU D 110 13.07 -16.48 -27.79
C GLU D 110 14.02 -15.28 -27.65
N LEU D 111 13.47 -14.07 -27.60
CA LEU D 111 14.26 -12.84 -27.28
C LEU D 111 14.69 -12.83 -25.82
N LEU D 112 13.78 -13.23 -24.93
CA LEU D 112 14.09 -13.45 -23.50
C LEU D 112 15.28 -14.39 -23.29
N ASP D 113 15.43 -15.42 -24.12
CA ASP D 113 16.61 -16.32 -24.03
C ASP D 113 17.92 -15.73 -24.58
N GLU D 114 17.83 -14.95 -25.65
CA GLU D 114 19.01 -14.39 -26.33
C GLU D 114 19.57 -13.18 -25.60
N ILE D 115 18.69 -12.30 -25.09
CA ILE D 115 19.11 -11.12 -24.32
C ILE D 115 19.43 -11.39 -22.84
N LEU D 116 18.88 -12.47 -22.25
CA LEU D 116 18.91 -12.67 -20.79
C LEU D 116 18.98 -14.15 -20.34
N ASP D 117 20.16 -14.57 -19.86
CA ASP D 117 20.34 -15.89 -19.25
C ASP D 117 20.62 -15.68 -17.75
N PHE D 118 19.88 -16.41 -16.90
CA PHE D 118 20.11 -16.44 -15.45
C PHE D 118 20.23 -15.06 -14.78
N GLY D 119 19.47 -14.09 -15.31
CA GLY D 119 19.48 -12.72 -14.81
C GLY D 119 20.51 -11.75 -15.37
N TYR D 120 21.46 -12.23 -16.18
CA TYR D 120 22.50 -11.36 -16.75
C TYR D 120 22.09 -10.83 -18.15
N PRO D 121 22.02 -9.48 -18.35
CA PRO D 121 21.81 -8.97 -19.72
C PRO D 121 23.01 -9.27 -20.62
N GLN D 122 22.74 -10.00 -21.70
CA GLN D 122 23.79 -10.52 -22.58
C GLN D 122 24.23 -9.48 -23.61
N ASN D 123 23.41 -9.28 -24.65
CA ASN D 123 23.76 -8.40 -25.78
C ASN D 123 22.57 -8.31 -26.73
N SER D 124 22.41 -7.16 -27.39
CA SER D 124 21.15 -6.85 -28.08
C SER D 124 21.22 -5.79 -29.21
N GLU D 125 21.09 -6.23 -30.47
CA GLU D 125 20.80 -5.32 -31.60
C GLU D 125 20.21 -6.04 -32.83
N THR D 126 19.37 -5.31 -33.58
CA THR D 126 18.56 -5.85 -34.71
C THR D 126 19.39 -6.63 -35.74
N GLY D 127 20.63 -6.18 -35.97
CA GLY D 127 21.54 -6.81 -36.94
C GLY D 127 22.22 -8.06 -36.41
N ALA D 128 23.05 -7.89 -35.37
CA ALA D 128 23.86 -8.98 -34.78
C ALA D 128 23.08 -10.22 -34.33
N LEU D 129 21.77 -10.06 -34.11
CA LEU D 129 20.89 -11.18 -33.78
C LEU D 129 19.65 -11.28 -34.72
N LYS D 130 19.83 -11.00 -36.01
CA LYS D 130 18.72 -11.05 -37.00
C LYS D 130 18.34 -12.49 -37.39
N THR D 131 19.31 -13.24 -37.94
CA THR D 131 19.13 -14.68 -38.23
C THR D 131 19.40 -15.57 -37.00
N PHE D 132 19.72 -14.95 -35.84
CA PHE D 132 19.76 -15.65 -34.55
C PHE D 132 18.39 -15.55 -33.78
N ILE D 133 17.33 -15.07 -34.45
CA ILE D 133 15.93 -15.07 -33.95
C ILE D 133 14.92 -15.28 -35.13
N THR D 134 13.99 -16.25 -35.03
CA THR D 134 12.94 -16.48 -36.05
C THR D 134 11.55 -15.85 -35.70
N GLN D 135 11.09 -14.92 -36.55
CA GLN D 135 9.82 -14.16 -36.33
C GLN D 135 8.56 -14.82 -36.97
N GLN D 136 7.95 -14.23 -38.02
CA GLN D 136 6.70 -14.77 -38.64
C GLN D 136 6.62 -14.65 -40.19
N GLY D 137 6.12 -13.51 -40.72
CA GLY D 137 5.76 -13.41 -42.15
C GLY D 137 5.04 -12.13 -42.60
N ILE D 138 3.89 -11.85 -41.98
CA ILE D 138 3.13 -10.58 -42.15
C ILE D 138 2.91 -9.98 -40.73
N LYS D 139 3.13 -8.66 -40.58
CA LYS D 139 3.21 -7.99 -39.24
C LYS D 139 1.84 -7.44 -38.72
N SER D 140 1.84 -6.40 -37.85
CA SER D 140 0.61 -5.64 -37.51
C SER D 140 0.76 -4.14 -37.87
N GLN D 141 0.27 -3.76 -39.05
CA GLN D 141 0.30 -2.36 -39.54
C GLN D 141 -0.99 -1.59 -39.20
N HIS D 142 -2.11 -2.29 -38.96
CA HIS D 142 -3.35 -1.65 -38.46
C HIS D 142 -3.05 -1.11 -37.05
N GLN D 143 -3.17 0.21 -36.86
CA GLN D 143 -2.70 0.96 -35.69
C GLN D 143 -1.18 0.94 -35.57
N ASP E 1 -8.81 44.84 -11.54
CA ASP E 1 -10.22 44.35 -11.31
C ASP E 1 -10.74 43.54 -12.50
N TYR E 2 -11.94 42.98 -12.37
CA TYR E 2 -12.66 42.40 -13.50
C TYR E 2 -13.11 43.43 -14.55
N GLN E 3 -12.46 43.40 -15.71
CA GLN E 3 -12.93 44.09 -16.92
C GLN E 3 -13.33 42.99 -17.92
N ARG E 4 -14.14 43.34 -18.94
CA ARG E 4 -14.72 42.35 -19.88
C ARG E 4 -13.81 42.01 -21.08
N LEU E 5 -13.86 40.74 -21.50
CA LEU E 5 -13.11 40.23 -22.67
C LEU E 5 -14.11 39.80 -23.74
N ASN E 6 -14.07 40.47 -24.89
CA ASN E 6 -14.89 40.12 -26.06
C ASN E 6 -14.81 38.61 -26.32
N MET F 2 -15.52 -20.10 -24.72
CA MET F 2 -15.68 -20.91 -25.97
C MET F 2 -16.82 -21.95 -25.84
N SEP F 3 -17.81 -21.83 -26.73
CA SEP F 3 -18.91 -22.81 -26.91
CB SEP F 3 -18.37 -24.21 -27.22
OG SEP F 3 -17.34 -24.11 -28.22
C SEP F 3 -19.96 -22.78 -25.83
O SEP F 3 -20.25 -23.78 -25.15
P SEP F 3 -17.54 -23.38 -29.65
O1P SEP F 3 -16.52 -24.05 -30.54
O2P SEP F 3 -17.22 -21.93 -29.39
O3P SEP F 3 -18.98 -23.64 -30.04
N GLN F 4 -20.56 -21.58 -25.71
CA GLN F 4 -21.78 -21.31 -24.92
C GLN F 4 -22.90 -22.35 -25.01
N ILE F 5 -23.02 -23.01 -26.17
CA ILE F 5 -24.00 -24.11 -26.38
C ILE F 5 -23.70 -25.47 -25.69
N LYS F 6 -22.49 -25.68 -25.19
CA LYS F 6 -22.13 -26.98 -24.58
C LYS F 6 -22.90 -27.24 -23.29
N ARG F 7 -23.43 -28.44 -23.11
CA ARG F 7 -24.40 -28.70 -22.01
C ARG F 7 -23.67 -28.65 -20.68
N LEU F 8 -24.36 -28.15 -19.65
CA LEU F 8 -23.76 -28.01 -18.32
C LEU F 8 -23.49 -29.36 -17.65
N LEU F 9 -24.35 -30.33 -17.91
CA LEU F 9 -24.24 -31.65 -17.34
C LEU F 9 -23.64 -32.62 -18.40
N SER F 10 -24.37 -33.69 -18.77
CA SER F 10 -23.88 -34.71 -19.69
C SER F 10 -24.94 -35.02 -20.78
N MET G 1 -26.14 -17.00 6.60
CA MET G 1 -26.97 -16.73 5.38
C MET G 1 -26.14 -16.64 4.11
N ILE G 2 -26.84 -16.67 2.98
CA ILE G 2 -26.25 -16.38 1.70
C ILE G 2 -26.16 -14.86 1.61
N ARG G 3 -25.02 -14.43 1.09
CA ARG G 3 -24.69 -13.03 0.89
C ARG G 3 -25.05 -12.64 -0.53
N PHE G 4 -24.60 -13.47 -1.48
CA PHE G 4 -25.02 -13.35 -2.86
C PHE G 4 -24.80 -14.65 -3.61
N ILE G 5 -25.39 -14.71 -4.80
CA ILE G 5 -25.25 -15.84 -5.71
C ILE G 5 -24.87 -15.32 -7.08
N LEU G 6 -23.75 -15.79 -7.59
CA LEU G 6 -23.29 -15.46 -8.93
C LEU G 6 -23.32 -16.66 -9.85
N ILE G 7 -23.63 -16.40 -11.11
CA ILE G 7 -23.33 -17.30 -12.22
C ILE G 7 -22.46 -16.53 -13.22
N GLN G 8 -21.19 -16.86 -13.30
CA GLN G 8 -20.29 -16.22 -14.24
C GLN G 8 -19.82 -17.20 -15.28
N ASN G 9 -19.48 -16.70 -16.47
CA ASN G 9 -18.84 -17.54 -17.50
C ASN G 9 -17.32 -17.38 -17.38
N ARG G 10 -16.58 -18.27 -18.05
CA ARG G 10 -15.10 -18.19 -18.03
C ARG G 10 -14.63 -16.74 -18.19
N ALA G 11 -15.14 -16.06 -19.22
CA ALA G 11 -14.69 -14.71 -19.60
C ALA G 11 -14.85 -13.66 -18.52
N GLY G 12 -15.93 -13.74 -17.75
CA GLY G 12 -16.26 -12.71 -16.76
C GLY G 12 -17.62 -12.04 -16.93
N LYS G 13 -18.30 -12.32 -18.03
CA LYS G 13 -19.71 -11.95 -18.17
C LYS G 13 -20.47 -12.60 -17.01
N THR G 14 -21.31 -11.81 -16.35
CA THR G 14 -21.96 -12.24 -15.12
C THR G 14 -23.44 -12.54 -15.41
N ARG G 15 -23.70 -13.78 -15.79
CA ARG G 15 -24.99 -14.20 -16.37
C ARG G 15 -26.15 -14.30 -15.36
N LEU G 16 -25.86 -14.12 -14.07
CA LEU G 16 -26.88 -13.92 -13.04
C LEU G 16 -26.21 -13.45 -11.75
N ALA G 17 -26.84 -12.50 -11.08
CA ALA G 17 -26.46 -12.12 -9.74
C ALA G 17 -27.70 -11.86 -8.93
N LYS G 18 -27.81 -12.61 -7.85
CA LYS G 18 -28.80 -12.40 -6.84
C LYS G 18 -28.04 -11.81 -5.63
N TRP G 19 -28.41 -10.62 -5.17
CA TRP G 19 -27.78 -10.00 -3.98
C TRP G 19 -28.73 -10.06 -2.79
N TYR G 20 -28.29 -10.72 -1.72
CA TYR G 20 -29.12 -10.88 -0.52
C TYR G 20 -28.82 -9.89 0.60
N MET G 21 -28.02 -8.85 0.34
CA MET G 21 -27.82 -7.75 1.30
C MET G 21 -27.22 -6.54 0.60
N GLN G 22 -27.77 -5.35 0.88
CA GLN G 22 -27.68 -4.22 -0.08
C GLN G 22 -26.31 -3.56 -0.14
N PHE G 23 -25.47 -4.03 -1.07
CA PHE G 23 -24.19 -3.42 -1.41
C PHE G 23 -24.36 -2.22 -2.36
N ASP G 24 -23.35 -1.34 -2.42
CA ASP G 24 -23.25 -0.28 -3.46
C ASP G 24 -23.07 -0.90 -4.84
N ASP G 25 -23.31 -0.10 -5.88
CA ASP G 25 -23.07 -0.57 -7.26
C ASP G 25 -21.56 -0.79 -7.50
N ASP G 26 -20.75 0.15 -7.05
CA ASP G 26 -19.29 -0.02 -7.11
C ASP G 26 -18.84 -1.21 -6.31
N GLU G 27 -19.39 -1.37 -5.10
CA GLU G 27 -19.10 -2.55 -4.28
C GLU G 27 -19.38 -3.80 -5.09
N LYS G 28 -20.58 -3.89 -5.66
CA LYS G 28 -20.96 -5.10 -6.42
C LYS G 28 -19.96 -5.36 -7.51
N GLN G 29 -19.73 -4.37 -8.37
CA GLN G 29 -18.79 -4.55 -9.48
C GLN G 29 -17.47 -5.16 -8.97
N LYS G 30 -16.97 -4.67 -7.84
CA LYS G 30 -15.71 -5.19 -7.30
C LYS G 30 -15.84 -6.62 -6.80
N LEU G 31 -16.93 -6.95 -6.09
CA LEU G 31 -17.19 -8.35 -5.66
C LEU G 31 -17.17 -9.31 -6.84
N ILE G 32 -17.78 -8.86 -7.93
CA ILE G 32 -17.91 -9.66 -9.14
C ILE G 32 -16.55 -9.87 -9.76
N GLU G 33 -15.72 -8.82 -9.78
CA GLU G 33 -14.36 -8.93 -10.26
C GLU G 33 -13.54 -9.90 -9.41
N GLU G 34 -13.71 -9.78 -8.09
CA GLU G 34 -12.92 -10.58 -7.16
C GLU G 34 -13.32 -12.03 -7.27
N VAL G 35 -14.62 -12.31 -7.20
CA VAL G 35 -15.13 -13.69 -7.31
C VAL G 35 -14.55 -14.36 -8.54
N HIS G 36 -14.57 -13.63 -9.66
CA HIS G 36 -13.98 -14.12 -10.89
C HIS G 36 -12.50 -14.46 -10.73
N ALA G 37 -11.71 -13.50 -10.29
CA ALA G 37 -10.26 -13.70 -10.24
C ALA G 37 -9.84 -14.87 -9.34
N VAL G 38 -10.58 -15.09 -8.26
CA VAL G 38 -10.31 -16.21 -7.37
C VAL G 38 -10.59 -17.52 -8.07
N VAL G 39 -11.83 -17.67 -8.51
CA VAL G 39 -12.43 -18.97 -8.86
C VAL G 39 -11.88 -19.59 -10.13
N THR G 40 -11.76 -18.75 -11.16
CA THR G 40 -11.35 -19.18 -12.49
C THR G 40 -9.99 -19.89 -12.55
N VAL G 41 -9.04 -19.46 -11.72
CA VAL G 41 -7.69 -20.06 -11.72
C VAL G 41 -7.56 -21.41 -10.98
N ARG G 42 -8.54 -21.78 -10.17
CA ARG G 42 -8.44 -22.92 -9.26
C ARG G 42 -8.86 -24.26 -9.88
N ASP G 43 -7.90 -25.18 -9.95
CA ASP G 43 -8.10 -26.50 -10.60
C ASP G 43 -8.90 -27.52 -9.76
N ALA G 44 -9.21 -28.66 -10.36
CA ALA G 44 -9.98 -29.74 -9.70
C ALA G 44 -9.26 -30.33 -8.48
N LYS G 45 -7.94 -30.24 -8.46
CA LYS G 45 -7.17 -30.50 -7.23
C LYS G 45 -7.67 -29.60 -6.08
N HIS G 46 -7.74 -28.29 -6.31
CA HIS G 46 -8.14 -27.35 -5.25
C HIS G 46 -9.56 -27.66 -4.76
N THR G 47 -9.81 -27.42 -3.48
CA THR G 47 -11.16 -27.51 -2.92
C THR G 47 -12.19 -26.55 -3.55
N ASN G 48 -13.48 -26.80 -3.32
CA ASN G 48 -14.56 -25.89 -3.75
C ASN G 48 -14.90 -24.76 -2.78
N PHE G 49 -14.19 -24.70 -1.65
CA PHE G 49 -14.42 -23.72 -0.63
C PHE G 49 -13.24 -22.77 -0.65
N VAL G 50 -13.52 -21.47 -0.63
CA VAL G 50 -12.48 -20.46 -0.54
C VAL G 50 -12.94 -19.31 0.37
N GLU G 51 -12.16 -19.02 1.42
CA GLU G 51 -12.46 -17.93 2.36
C GLU G 51 -12.05 -16.64 1.67
N PHE G 52 -12.71 -15.55 2.04
CA PHE G 52 -12.80 -14.40 1.16
C PHE G 52 -13.45 -13.30 1.98
N ARG G 53 -12.65 -12.31 2.36
CA ARG G 53 -13.03 -11.32 3.39
C ARG G 53 -13.32 -12.09 4.70
N ASN G 54 -14.39 -11.73 5.41
CA ASN G 54 -15.01 -12.65 6.36
C ASN G 54 -16.42 -13.00 5.86
N PHE G 55 -16.50 -13.25 4.56
CA PHE G 55 -17.49 -14.13 3.99
C PHE G 55 -16.68 -15.39 3.67
N LYS G 56 -17.27 -16.32 2.93
CA LYS G 56 -16.53 -17.41 2.26
C LYS G 56 -17.37 -17.88 1.08
N ILE G 57 -16.76 -18.16 -0.08
CA ILE G 57 -17.55 -18.62 -1.22
C ILE G 57 -17.36 -20.08 -1.51
N ILE G 58 -18.51 -20.73 -1.70
CA ILE G 58 -18.60 -22.06 -2.25
C ILE G 58 -18.82 -21.84 -3.74
N TYR G 59 -18.11 -22.62 -4.55
CA TYR G 59 -18.26 -22.55 -5.99
C TYR G 59 -18.16 -23.93 -6.61
N ARG G 60 -18.71 -24.05 -7.80
CA ARG G 60 -18.74 -25.30 -8.55
C ARG G 60 -18.78 -24.97 -10.03
N ARG G 61 -17.97 -25.67 -10.81
CA ARG G 61 -17.97 -25.46 -12.26
C ARG G 61 -19.02 -26.36 -12.93
N TYR G 62 -19.63 -25.84 -13.99
CA TYR G 62 -20.38 -26.65 -14.96
C TYR G 62 -20.16 -26.05 -16.34
N ALA G 63 -19.51 -26.79 -17.24
CA ALA G 63 -19.14 -26.28 -18.57
C ALA G 63 -18.27 -25.02 -18.42
N GLY G 64 -18.53 -23.98 -19.19
CA GLY G 64 -17.87 -22.67 -19.00
C GLY G 64 -18.46 -21.81 -17.89
N LEU G 65 -19.53 -22.29 -17.23
CA LEU G 65 -20.15 -21.54 -16.13
C LEU G 65 -19.58 -21.85 -14.74
N TYR G 66 -19.64 -20.83 -13.88
CA TYR G 66 -19.24 -20.89 -12.47
C TYR G 66 -20.43 -20.55 -11.59
N PHE G 67 -20.84 -21.51 -10.77
CA PHE G 67 -21.96 -21.31 -9.85
C PHE G 67 -21.44 -21.06 -8.44
N CYS G 68 -21.51 -19.80 -8.00
CA CYS G 68 -20.93 -19.37 -6.73
C CYS G 68 -22.00 -18.89 -5.77
N ILE G 69 -21.93 -19.39 -4.55
CA ILE G 69 -22.70 -18.86 -3.44
C ILE G 69 -21.68 -18.29 -2.48
N CYS G 70 -22.02 -17.17 -1.89
CA CYS G 70 -21.19 -16.53 -0.88
C CYS G 70 -21.96 -16.59 0.43
N VAL G 71 -21.33 -17.18 1.46
CA VAL G 71 -22.02 -17.46 2.72
C VAL G 71 -21.24 -16.98 3.93
N ASP G 72 -21.91 -16.96 5.08
CA ASP G 72 -21.26 -16.60 6.31
C ASP G 72 -20.29 -17.69 6.63
N VAL G 73 -19.30 -17.35 7.46
CA VAL G 73 -18.17 -18.25 7.69
C VAL G 73 -18.60 -19.49 8.50
N ASN G 74 -19.57 -19.32 9.37
CA ASN G 74 -20.19 -20.43 10.08
C ASN G 74 -21.14 -21.35 9.25
N ASP G 75 -21.61 -20.95 8.05
CA ASP G 75 -22.53 -21.79 7.23
C ASP G 75 -21.90 -23.09 6.65
N ASN G 76 -22.72 -24.15 6.54
CA ASN G 76 -22.29 -25.52 6.15
C ASN G 76 -21.82 -25.58 4.69
N ASN G 77 -20.53 -25.79 4.50
CA ASN G 77 -19.91 -25.77 3.18
C ASN G 77 -20.55 -26.77 2.20
N LEU G 78 -20.62 -28.04 2.64
CA LEU G 78 -21.13 -29.11 1.78
C LEU G 78 -22.63 -29.01 1.47
N ALA G 79 -23.42 -28.60 2.46
CA ALA G 79 -24.87 -28.38 2.28
C ALA G 79 -25.09 -27.45 1.09
N TYR G 80 -24.38 -26.31 1.10
CA TYR G 80 -24.44 -25.34 -0.01
C TYR G 80 -23.82 -25.87 -1.31
N LEU G 81 -22.76 -26.66 -1.21
CA LEU G 81 -22.15 -27.22 -2.41
C LEU G 81 -23.15 -28.01 -3.23
N GLU G 82 -23.98 -28.78 -2.53
CA GLU G 82 -25.05 -29.62 -3.13
C GLU G 82 -26.37 -28.90 -3.39
N ALA G 83 -26.63 -27.84 -2.64
CA ALA G 83 -27.71 -26.93 -3.03
C ALA G 83 -27.46 -26.39 -4.45
N ILE G 84 -26.21 -26.07 -4.77
CA ILE G 84 -25.86 -25.62 -6.11
C ILE G 84 -26.25 -26.66 -7.15
N HIS G 85 -25.92 -27.92 -6.91
CA HIS G 85 -26.26 -29.00 -7.85
C HIS G 85 -27.77 -29.26 -7.92
N ASN G 86 -28.44 -29.25 -6.77
CA ASN G 86 -29.91 -29.37 -6.71
C ASN G 86 -30.53 -28.36 -7.67
N PHE G 87 -30.08 -27.12 -7.58
CA PHE G 87 -30.54 -26.01 -8.44
C PHE G 87 -30.23 -26.23 -9.91
N VAL G 88 -29.00 -26.63 -10.22
CA VAL G 88 -28.57 -26.84 -11.63
C VAL G 88 -29.33 -28.00 -12.26
N GLU G 89 -29.59 -29.03 -11.48
CA GLU G 89 -30.46 -30.13 -11.92
C GLU G 89 -31.89 -29.68 -12.24
N VAL G 90 -32.49 -28.79 -11.43
CA VAL G 90 -33.79 -28.22 -11.78
C VAL G 90 -33.66 -27.52 -13.12
N LEU G 91 -32.68 -26.63 -13.23
CA LEU G 91 -32.45 -25.90 -14.48
C LEU G 91 -32.36 -26.84 -15.67
N ASN G 92 -31.63 -27.95 -15.52
CA ASN G 92 -31.51 -28.92 -16.61
C ASN G 92 -32.83 -29.63 -16.97
N GLU G 93 -33.68 -29.88 -15.98
CA GLU G 93 -34.98 -30.52 -16.20
C GLU G 93 -36.02 -29.56 -16.77
N TYR G 94 -35.93 -28.30 -16.40
CA TYR G 94 -36.82 -27.26 -16.93
C TYR G 94 -36.42 -26.75 -18.33
N PHE G 95 -35.14 -26.84 -18.69
CA PHE G 95 -34.66 -26.43 -20.02
C PHE G 95 -34.25 -27.60 -20.94
N HIS G 96 -34.24 -28.84 -20.42
CA HIS G 96 -33.80 -30.04 -21.18
C HIS G 96 -32.46 -29.87 -21.90
N ASN G 97 -31.41 -30.52 -21.40
CA ASN G 97 -30.03 -30.26 -21.84
C ASN G 97 -29.79 -28.75 -21.82
N VAL G 98 -29.70 -28.23 -20.60
CA VAL G 98 -29.47 -26.79 -20.40
C VAL G 98 -28.04 -26.41 -20.76
N CYS G 99 -27.88 -25.22 -21.34
CA CYS G 99 -26.58 -24.65 -21.72
C CYS G 99 -26.50 -23.19 -21.31
N GLU G 100 -25.36 -22.54 -21.54
CA GLU G 100 -25.16 -21.14 -21.13
C GLU G 100 -26.19 -20.22 -21.77
N LEU G 101 -26.37 -20.35 -23.08
CA LEU G 101 -27.35 -19.55 -23.84
C LEU G 101 -28.79 -19.66 -23.36
N ASP G 102 -29.20 -20.85 -22.93
CA ASP G 102 -30.56 -21.04 -22.39
C ASP G 102 -30.85 -20.01 -21.29
N LEU G 103 -29.84 -19.69 -20.50
CA LEU G 103 -29.94 -18.72 -19.41
C LEU G 103 -29.90 -17.26 -19.89
N VAL G 104 -29.18 -17.01 -21.00
CA VAL G 104 -29.18 -15.69 -21.65
C VAL G 104 -30.56 -15.34 -22.21
N PHE G 105 -31.10 -16.25 -22.99
CA PHE G 105 -32.34 -15.99 -23.71
C PHE G 105 -33.57 -16.17 -22.85
N ASN G 106 -33.47 -16.97 -21.81
CA ASN G 106 -34.50 -17.04 -20.77
C ASN G 106 -34.00 -16.48 -19.45
N PHE G 107 -33.37 -15.30 -19.45
CA PHE G 107 -32.84 -14.78 -18.20
C PHE G 107 -33.99 -14.55 -17.20
N TYR G 108 -35.00 -13.82 -17.64
CA TYR G 108 -36.17 -13.49 -16.81
C TYR G 108 -36.88 -14.72 -16.21
N LYS G 109 -36.71 -15.87 -16.85
CA LYS G 109 -37.16 -17.14 -16.31
C LYS G 109 -36.21 -17.67 -15.22
N VAL G 110 -34.89 -17.58 -15.44
CA VAL G 110 -33.89 -18.12 -14.49
C VAL G 110 -34.05 -17.50 -13.11
N TYR G 111 -34.24 -16.18 -13.09
CA TYR G 111 -34.55 -15.49 -11.83
C TYR G 111 -35.71 -16.15 -11.12
N THR G 112 -36.78 -16.52 -11.83
CA THR G 112 -37.95 -17.11 -11.14
C THR G 112 -37.71 -18.52 -10.59
N VAL G 113 -36.74 -19.23 -11.18
CA VAL G 113 -36.30 -20.57 -10.72
C VAL G 113 -35.54 -20.40 -9.42
N VAL G 114 -34.59 -19.46 -9.46
CA VAL G 114 -33.75 -19.12 -8.30
C VAL G 114 -34.60 -18.74 -7.10
N ASP G 115 -35.61 -17.91 -7.31
CA ASP G 115 -36.46 -17.42 -6.22
C ASP G 115 -37.42 -18.44 -5.64
N GLU G 116 -37.68 -19.53 -6.35
CA GLU G 116 -38.44 -20.64 -5.77
C GLU G 116 -37.53 -21.39 -4.76
N MET G 117 -36.27 -21.57 -5.12
CA MET G 117 -35.30 -22.38 -4.36
C MET G 117 -34.48 -21.66 -3.26
N PHE G 118 -34.26 -20.35 -3.43
CA PHE G 118 -33.63 -19.50 -2.39
C PHE G 118 -34.37 -18.16 -2.16
N LEU G 119 -34.45 -17.74 -0.91
CA LEU G 119 -35.10 -16.50 -0.59
C LEU G 119 -34.58 -15.93 0.72
N ALA G 120 -34.42 -14.59 0.76
CA ALA G 120 -33.94 -13.86 1.95
C ALA G 120 -32.63 -14.40 2.51
N GLY G 121 -31.79 -14.92 1.63
CA GLY G 121 -30.48 -15.45 1.99
C GLY G 121 -30.46 -16.92 2.36
N GLU G 122 -31.61 -17.50 2.69
CA GLU G 122 -31.66 -18.88 3.13
C GLU G 122 -32.25 -19.79 2.02
N ILE G 123 -32.06 -21.09 2.18
CA ILE G 123 -32.70 -22.08 1.32
C ILE G 123 -34.23 -22.11 1.55
N ARG G 124 -34.98 -22.24 0.46
CA ARG G 124 -36.44 -22.28 0.51
C ARG G 124 -37.01 -23.67 0.18
N GLU G 125 -36.65 -24.18 -0.99
CA GLU G 125 -37.18 -25.45 -1.48
C GLU G 125 -36.06 -26.34 -2.01
N THR G 126 -36.02 -27.55 -1.47
CA THR G 126 -35.01 -28.53 -1.83
C THR G 126 -35.59 -29.53 -2.84
N SER G 127 -36.93 -29.62 -2.90
CA SER G 127 -37.63 -30.69 -3.63
C SER G 127 -37.77 -30.43 -5.12
N GLN G 128 -37.00 -31.19 -5.91
CA GLN G 128 -36.84 -30.92 -7.33
C GLN G 128 -38.18 -31.02 -8.08
N THR G 129 -38.89 -32.11 -7.82
CA THR G 129 -40.18 -32.33 -8.44
C THR G 129 -41.15 -31.19 -8.07
N LYS G 130 -41.24 -30.83 -6.79
CA LYS G 130 -42.15 -29.75 -6.39
C LYS G 130 -41.87 -28.40 -7.06
N VAL G 131 -40.59 -28.07 -7.22
CA VAL G 131 -40.20 -26.86 -7.93
C VAL G 131 -40.71 -26.94 -9.35
N LEU G 132 -40.42 -28.02 -10.07
CA LEU G 132 -40.91 -28.19 -11.46
C LEU G 132 -42.44 -28.19 -11.59
N LYS G 133 -43.12 -28.63 -10.53
CA LYS G 133 -44.59 -28.59 -10.46
C LYS G 133 -45.05 -27.15 -10.47
N GLN G 134 -44.38 -26.28 -9.72
CA GLN G 134 -44.73 -24.85 -9.69
C GLN G 134 -44.22 -24.09 -10.90
N LEU G 135 -43.19 -24.61 -11.58
CA LEU G 135 -42.67 -23.96 -12.78
C LEU G 135 -43.61 -24.21 -13.95
N LEU G 136 -43.80 -25.47 -14.31
CA LEU G 136 -44.58 -25.84 -15.51
C LEU G 136 -46.05 -25.47 -15.35
N MET G 137 -46.70 -26.10 -14.38
CA MET G 137 -48.01 -25.64 -13.95
C MET G 137 -47.72 -24.24 -13.41
N LEU G 138 -48.41 -23.24 -13.91
CA LEU G 138 -48.17 -21.85 -13.49
C LEU G 138 -46.80 -21.28 -14.02
N GLN G 139 -46.42 -21.84 -15.17
CA GLN G 139 -45.87 -21.07 -16.26
C GLN G 139 -47.03 -20.73 -17.16
N SER G 140 -47.98 -21.66 -17.26
CA SER G 140 -48.96 -21.67 -18.35
C SER G 140 -49.66 -20.32 -18.50
N LEU G 141 -50.47 -19.97 -17.50
CA LEU G 141 -51.12 -18.65 -17.37
C LEU G 141 -50.34 -17.48 -17.99
N GLU G 142 -50.98 -16.74 -18.89
CA GLU G 142 -50.46 -15.45 -19.37
C GLU G 142 -50.94 -14.48 -18.29
#